data_9NNX
# 
_entry.id   9NNX 
# 
_audit_conform.dict_name       mmcif_pdbx.dic 
_audit_conform.dict_version    5.406 
_audit_conform.dict_location   http://mmcif.pdb.org/dictionaries/ascii/mmcif_pdbx.dic 
# 
loop_
_database_2.database_id 
_database_2.database_code 
_database_2.pdbx_database_accession 
_database_2.pdbx_DOI 
PDB   9NNX         pdb_00009nnx 10.2210/pdb9nnx/pdb 
WWPDB D_1000293797 ?            ?                   
# 
_pdbx_audit_revision_history.ordinal             1 
_pdbx_audit_revision_history.data_content_type   'Structure model' 
_pdbx_audit_revision_history.major_revision      1 
_pdbx_audit_revision_history.minor_revision      0 
_pdbx_audit_revision_history.revision_date       2025-09-10 
_pdbx_audit_revision_history.part_number         ? 
# 
_pdbx_audit_revision_details.ordinal             1 
_pdbx_audit_revision_details.revision_ordinal    1 
_pdbx_audit_revision_details.data_content_type   'Structure model' 
_pdbx_audit_revision_details.provider            repository 
_pdbx_audit_revision_details.type                'Initial release' 
_pdbx_audit_revision_details.description         ? 
_pdbx_audit_revision_details.details             ? 
# 
_pdbx_database_status.status_code                     REL 
_pdbx_database_status.status_code_sf                  REL 
_pdbx_database_status.status_code_mr                  ? 
_pdbx_database_status.entry_id                        9NNX 
_pdbx_database_status.recvd_initial_deposition_date   2025-03-06 
_pdbx_database_status.SG_entry                        N 
_pdbx_database_status.deposit_site                    RCSB 
_pdbx_database_status.process_site                    RCSB 
_pdbx_database_status.status_code_cs                  ? 
_pdbx_database_status.status_code_nmr_data            ? 
_pdbx_database_status.methods_development_category    ? 
_pdbx_database_status.pdb_format_compatible           Y 
# 
_pdbx_contact_author.id                 2 
_pdbx_contact_author.email              rs17@nyu.edu 
_pdbx_contact_author.name_first         Ruojie 
_pdbx_contact_author.name_last          Sha 
_pdbx_contact_author.name_mi            ? 
_pdbx_contact_author.role               'principal investigator/group leader' 
_pdbx_contact_author.identifier_ORCID   0000-0002-0807-734X 
# 
loop_
_audit_author.name 
_audit_author.pdbx_ordinal 
_audit_author.identifier_ORCID 
'Abi Rizk, J.'  1 0009-0000-0766-7631 
'Horvath, A.'   2 0009-0008-5770-8014 
'Vecchioni, S.' 3 0000-0001-8243-650X 
'Woloszyn, K.'  4 0000-0003-1200-583X 
'Ohayon, Y.P.'  5 0000-0001-7500-4282 
'Sha, R.'       6 0000-0002-0807-734X 
# 
_citation.abstract                  ? 
_citation.abstract_id_CAS           ? 
_citation.book_id_ISBN              ? 
_citation.book_publisher            ? 
_citation.book_publisher_city       ? 
_citation.book_title                ? 
_citation.coordinate_linkage        ? 
_citation.country                   ? 
_citation.database_id_Medline       ? 
_citation.details                   ? 
_citation.id                        primary 
_citation.journal_abbrev            'To Be Published' 
_citation.journal_id_ASTM           ? 
_citation.journal_id_CSD            0353 
_citation.journal_id_ISSN           ? 
_citation.journal_full              ? 
_citation.journal_issue             ? 
_citation.journal_volume            ? 
_citation.language                  ? 
_citation.page_first                ? 
_citation.page_last                 ? 
_citation.title                     'Shifted tensegrity triangles' 
_citation.year                      ? 
_citation.database_id_CSD           ? 
_citation.pdbx_database_id_DOI      ? 
_citation.pdbx_database_id_PubMed   ? 
_citation.pdbx_database_id_patent   ? 
_citation.unpublished_flag          ? 
# 
loop_
_citation_author.citation_id 
_citation_author.name 
_citation_author.ordinal 
_citation_author.identifier_ORCID 
primary 'Abi Rizk, J.'  1 0009-0000-0766-7631 
primary 'Horvath, A.'   2 0009-0008-5770-8014 
primary 'Vecchioni, S.' 3 0000-0001-8243-650X 
primary 'Woloszyn, K.'  4 0000-0003-1200-583X 
primary 'Ohayon, Y.P.'  5 0000-0001-7500-4282 
primary 'Sha, R.'       6 0000-0002-0807-734X 
# 
loop_
_entity.id 
_entity.type 
_entity.src_method 
_entity.pdbx_description 
_entity.formula_weight 
_entity.pdbx_number_of_molecules 
_entity.pdbx_ec 
_entity.pdbx_mutation 
_entity.pdbx_fragment 
_entity.details 
1 polymer syn 
;DNA (5'-D(P*AP*CP*GP*GP*AP*CP*AP*T)-3')
;
2435.631 1 ? ? ? ? 
2 polymer syn 
;DNA (5'-D(P*CP*AP*CP*AP*CP*CP*GP*T)-3')
;
2371.582 1 ? ? ? ? 
3 polymer syn 
;DNA (5'-D(*TP*CP*AP*TP*GP*TP*CP*GP*TP*GP*CP*TP*G)-3')
;
3973.582 1 ? ? ? ? 
4 polymer syn 
;DNA (5'-D(*GP*AP*CP*AP*GP*CP*AP*GP*CP*TP*GP*TP*G)-3')
;
4016.623 1 ? ? ? ? 
# 
loop_
_entity_poly.entity_id 
_entity_poly.type 
_entity_poly.nstd_linkage 
_entity_poly.nstd_monomer 
_entity_poly.pdbx_seq_one_letter_code 
_entity_poly.pdbx_seq_one_letter_code_can 
_entity_poly.pdbx_strand_id 
_entity_poly.pdbx_target_identifier 
1 polydeoxyribonucleotide no no '(DA)(DC)(DG)(DG)(DA)(DC)(DA)(DT)'                     ACGGACAT      A ? 
2 polydeoxyribonucleotide no no '(DC)(DA)(DC)(DA)(DC)(DC)(DG)(DT)'                     CACACCGT      B ? 
3 polydeoxyribonucleotide no no '(DT)(DC)(DA)(DT)(DG)(DT)(DG)(DC)(DT)(DG)(DC)(DT)(DG)' TCATGTGCTGCTG D ? 
4 polydeoxyribonucleotide no no '(DG)(DA)(DC)(DA)(DG)(DC)(DA)(DG)(DC)(DT)(DG)(DT)(DG)' GACAGCAGCTGTG X ? 
# 
loop_
_entity_poly_seq.entity_id 
_entity_poly_seq.num 
_entity_poly_seq.mon_id 
_entity_poly_seq.hetero 
1 1  DA n 
1 2  DC n 
1 3  DG n 
1 4  DG n 
1 5  DA n 
1 6  DC n 
1 7  DA n 
1 8  DT n 
2 1  DC n 
2 2  DA n 
2 3  DC n 
2 4  DA n 
2 5  DC n 
2 6  DC n 
2 7  DG n 
2 8  DT n 
3 1  DT n 
3 2  DC n 
3 3  DA n 
3 4  DT n 
3 5  DG n 
3 6  DT n 
3 7  DG n 
3 8  DC n 
3 9  DT n 
3 10 DG n 
3 11 DC n 
3 12 DT n 
3 13 DG n 
4 1  DG n 
4 2  DA n 
4 3  DC n 
4 4  DA n 
4 5  DG n 
4 6  DC n 
4 7  DA n 
4 8  DG n 
4 9  DC n 
4 10 DT n 
4 11 DG n 
4 12 DT n 
4 13 DG n 
# 
loop_
_pdbx_entity_src_syn.entity_id 
_pdbx_entity_src_syn.pdbx_src_id 
_pdbx_entity_src_syn.pdbx_alt_source_flag 
_pdbx_entity_src_syn.pdbx_beg_seq_num 
_pdbx_entity_src_syn.pdbx_end_seq_num 
_pdbx_entity_src_syn.organism_scientific 
_pdbx_entity_src_syn.organism_common_name 
_pdbx_entity_src_syn.ncbi_taxonomy_id 
_pdbx_entity_src_syn.details 
1 1 sample 1 8  'synthetic construct' ? 32630 ? 
2 1 sample 1 8  'synthetic construct' ? 32630 ? 
3 1 sample 1 13 'synthetic construct' ? 32630 ? 
4 1 sample 1 13 'synthetic construct' ? 32630 ? 
# 
loop_
_chem_comp.id 
_chem_comp.type 
_chem_comp.mon_nstd_flag 
_chem_comp.name 
_chem_comp.pdbx_synonyms 
_chem_comp.formula 
_chem_comp.formula_weight 
DA 'DNA linking' y "2'-DEOXYADENOSINE-5'-MONOPHOSPHATE" ? 'C10 H14 N5 O6 P' 331.222 
DC 'DNA linking' y "2'-DEOXYCYTIDINE-5'-MONOPHOSPHATE"  ? 'C9 H14 N3 O7 P'  307.197 
DG 'DNA linking' y "2'-DEOXYGUANOSINE-5'-MONOPHOSPHATE" ? 'C10 H14 N5 O7 P' 347.221 
DT 'DNA linking' y "THYMIDINE-5'-MONOPHOSPHATE"         ? 'C10 H15 N2 O8 P' 322.208 
# 
loop_
_pdbx_poly_seq_scheme.asym_id 
_pdbx_poly_seq_scheme.entity_id 
_pdbx_poly_seq_scheme.seq_id 
_pdbx_poly_seq_scheme.mon_id 
_pdbx_poly_seq_scheme.ndb_seq_num 
_pdbx_poly_seq_scheme.pdb_seq_num 
_pdbx_poly_seq_scheme.auth_seq_num 
_pdbx_poly_seq_scheme.pdb_mon_id 
_pdbx_poly_seq_scheme.auth_mon_id 
_pdbx_poly_seq_scheme.pdb_strand_id 
_pdbx_poly_seq_scheme.pdb_ins_code 
_pdbx_poly_seq_scheme.hetero 
A 1 1  DA 1  112 112 DA DA A . n 
A 1 2  DC 2  113 113 DC DC A . n 
A 1 3  DG 3  114 114 DG DG A . n 
A 1 4  DG 4  115 115 DG DG A . n 
A 1 5  DA 5  116 116 DA DA A . n 
A 1 6  DC 6  117 117 DC DC A . n 
A 1 7  DA 7  118 118 DA DA A . n 
A 1 8  DT 8  119 119 DT DT A . n 
B 2 1  DC 1  131 131 DC DC B . n 
B 2 2  DA 2  132 132 DA DA B . n 
B 2 3  DC 3  133 133 DC DC B . n 
B 2 4  DA 4  134 134 DA DA B . n 
B 2 5  DC 5  135 135 DC DC B . n 
B 2 6  DC 6  136 136 DC DC B . n 
B 2 7  DG 7  137 137 DG DG B . n 
B 2 8  DT 8  138 138 DT DT B . n 
C 3 1  DT 1  203 203 DT DT D . n 
C 3 2  DC 2  204 204 DC DC D . n 
C 3 3  DA 3  205 205 DA DA D . n 
C 3 4  DT 4  206 206 DT DT D . n 
C 3 5  DG 5  207 207 DG DG D . n 
C 3 6  DT 6  208 208 DT DT D . n 
C 3 7  DG 7  209 209 DG DG D . n 
C 3 8  DC 8  210 210 DC DC D . n 
C 3 9  DT 9  211 211 DT DT D . n 
C 3 10 DG 10 212 212 DG DG D . n 
C 3 11 DC 11 213 213 DC DC D . n 
C 3 12 DT 12 214 214 DT DT D . n 
C 3 13 DG 13 215 215 DG DG D . n 
D 4 1  DG 1  99  99  DG DG X . n 
D 4 2  DA 2  100 100 DA DA X . n 
D 4 3  DC 3  101 101 DC DC X . n 
D 4 4  DA 4  102 102 DA DA X . n 
D 4 5  DG 5  103 103 DG DG X . n 
D 4 6  DC 6  104 104 DC DC X . n 
D 4 7  DA 7  105 105 DA DA X . n 
D 4 8  DG 8  106 106 DG DG X . n 
D 4 9  DC 9  107 107 DC DC X . n 
D 4 10 DT 10 108 108 DT DT X . n 
D 4 11 DG 11 109 109 DG DG X . n 
D 4 12 DT 12 110 110 DT DT X . n 
D 4 13 DG 13 111 111 DG DG X . n 
# 
loop_
_software.citation_id 
_software.classification 
_software.compiler_name 
_software.compiler_version 
_software.contact_author 
_software.contact_author_email 
_software.date 
_software.description 
_software.dependencies 
_software.hardware 
_software.language 
_software.location 
_software.mods 
_software.name 
_software.os 
_software.os_version 
_software.type 
_software.version 
_software.pdbx_ordinal 
? refinement       ? ? ? ? ? ? ? ? ? ? ? PHENIX    ? ? ? 1.21.2_5419 1 
? 'data reduction' ? ? ? ? ? ? ? ? ? ? ? autoPROC  ? ? ? .           2 
? 'data scaling'   ? ? ? ? ? ? ? ? ? ? ? STARANISO ? ? ? .           3 
? phasing          ? ? ? ? ? ? ? ? ? ? ? PHASER    ? ? ? .           4 
# 
_cell.angle_alpha                  90.000 
_cell.angle_alpha_esd              ? 
_cell.angle_beta                   90.000 
_cell.angle_beta_esd               ? 
_cell.angle_gamma                  120.000 
_cell.angle_gamma_esd              ? 
_cell.entry_id                     9NNX 
_cell.details                      ? 
_cell.formula_units_Z              ? 
_cell.length_a                     131.388 
_cell.length_a_esd                 ? 
_cell.length_b                     131.388 
_cell.length_b_esd                 ? 
_cell.length_c                     50.850 
_cell.length_c_esd                 ? 
_cell.volume                       760208.975 
_cell.volume_esd                   ? 
_cell.Z_PDB                        6 
_cell.reciprocal_angle_alpha       ? 
_cell.reciprocal_angle_beta        ? 
_cell.reciprocal_angle_gamma       ? 
_cell.reciprocal_angle_alpha_esd   ? 
_cell.reciprocal_angle_beta_esd    ? 
_cell.reciprocal_angle_gamma_esd   ? 
_cell.reciprocal_length_a          ? 
_cell.reciprocal_length_b          ? 
_cell.reciprocal_length_c          ? 
_cell.reciprocal_length_a_esd      ? 
_cell.reciprocal_length_b_esd      ? 
_cell.reciprocal_length_c_esd      ? 
_cell.pdbx_unique_axis             ? 
_cell.pdbx_esd_method              ? 
# 
_symmetry.entry_id                         9NNX 
_symmetry.cell_setting                     ? 
_symmetry.Int_Tables_number                173 
_symmetry.space_group_name_Hall            'P 6c' 
_symmetry.space_group_name_H-M             'P 63' 
_symmetry.pdbx_full_space_group_name_H-M   ? 
# 
_exptl.absorpt_coefficient_mu     ? 
_exptl.absorpt_correction_T_max   ? 
_exptl.absorpt_correction_T_min   ? 
_exptl.absorpt_correction_type    ? 
_exptl.absorpt_process_details    ? 
_exptl.entry_id                   9NNX 
_exptl.crystals_number            1 
_exptl.details                    ? 
_exptl.method                     'X-RAY DIFFRACTION' 
_exptl.method_details             ? 
# 
_exptl_crystal.colour                       ? 
_exptl_crystal.density_diffrn               ? 
_exptl_crystal.density_Matthews             8.41 
_exptl_crystal.density_method               ? 
_exptl_crystal.density_percent_sol          ? 
_exptl_crystal.description                  ? 
_exptl_crystal.F_000                        ? 
_exptl_crystal.id                           1 
_exptl_crystal.preparation                  ? 
_exptl_crystal.size_max                     ? 
_exptl_crystal.size_mid                     ? 
_exptl_crystal.size_min                     ? 
_exptl_crystal.size_rad                     ? 
_exptl_crystal.colour_lustre                ? 
_exptl_crystal.colour_modifier              ? 
_exptl_crystal.colour_primary               ? 
_exptl_crystal.density_meas                 ? 
_exptl_crystal.density_meas_esd             ? 
_exptl_crystal.density_meas_gt              ? 
_exptl_crystal.density_meas_lt              ? 
_exptl_crystal.density_meas_temp            ? 
_exptl_crystal.density_meas_temp_esd        ? 
_exptl_crystal.density_meas_temp_gt         ? 
_exptl_crystal.density_meas_temp_lt         ? 
_exptl_crystal.pdbx_crystal_image_url       ? 
_exptl_crystal.pdbx_crystal_image_format    ? 
_exptl_crystal.pdbx_mosaicity               ? 
_exptl_crystal.pdbx_mosaicity_esd           ? 
_exptl_crystal.pdbx_mosaic_method           ? 
_exptl_crystal.pdbx_mosaic_block_size       ? 
_exptl_crystal.pdbx_mosaic_block_size_esd   ? 
# 
_exptl_crystal_grow.apparatus       ? 
_exptl_crystal_grow.atmosphere      ? 
_exptl_crystal_grow.crystal_id      1 
_exptl_crystal_grow.details         ? 
_exptl_crystal_grow.method          'VAPOR DIFFUSION, HANGING DROP' 
_exptl_crystal_grow.method_ref      ? 
_exptl_crystal_grow.pH              ? 
_exptl_crystal_grow.pressure        ? 
_exptl_crystal_grow.pressure_esd    ? 
_exptl_crystal_grow.seeding         ? 
_exptl_crystal_grow.seeding_ref     ? 
_exptl_crystal_grow.temp_details    '338-293 at 0.4/hr' 
_exptl_crystal_grow.temp_esd        ? 
_exptl_crystal_grow.time            ? 
_exptl_crystal_grow.pdbx_details    '100 mM MOPS, 1.25 M magnesium sulfate' 
_exptl_crystal_grow.pdbx_pH_range   ? 
_exptl_crystal_grow.temp            293 
# 
_diffrn.ambient_environment              ? 
_diffrn.ambient_temp                     100 
_diffrn.ambient_temp_details             ? 
_diffrn.ambient_temp_esd                 ? 
_diffrn.crystal_id                       1 
_diffrn.crystal_support                  ? 
_diffrn.crystal_treatment                ? 
_diffrn.details                          ? 
_diffrn.id                               1 
_diffrn.ambient_pressure                 ? 
_diffrn.ambient_pressure_esd             ? 
_diffrn.ambient_pressure_gt              ? 
_diffrn.ambient_pressure_lt              ? 
_diffrn.ambient_temp_gt                  ? 
_diffrn.ambient_temp_lt                  ? 
_diffrn.pdbx_serial_crystal_experiment   N 
# 
_diffrn_detector.details                      ? 
_diffrn_detector.detector                     PIXEL 
_diffrn_detector.diffrn_id                    1 
_diffrn_detector.type                         'DECTRIS EIGER2 X 9M' 
_diffrn_detector.area_resol_mean              ? 
_diffrn_detector.dtime                        ? 
_diffrn_detector.pdbx_frames_total            ? 
_diffrn_detector.pdbx_collection_time_total   ? 
_diffrn_detector.pdbx_collection_date         2022-11-13 
_diffrn_detector.pdbx_frequency               ? 
_diffrn_detector.id                           ? 
_diffrn_detector.number_of_axes               ? 
# 
_diffrn_radiation.collimation                      ? 
_diffrn_radiation.diffrn_id                        1 
_diffrn_radiation.filter_edge                      ? 
_diffrn_radiation.inhomogeneity                    ? 
_diffrn_radiation.monochromator                    ? 
_diffrn_radiation.polarisn_norm                    ? 
_diffrn_radiation.polarisn_ratio                   ? 
_diffrn_radiation.probe                            ? 
_diffrn_radiation.type                             ? 
_diffrn_radiation.xray_symbol                      ? 
_diffrn_radiation.wavelength_id                    1 
_diffrn_radiation.pdbx_monochromatic_or_laue_m_l   M 
_diffrn_radiation.pdbx_wavelength_list             ? 
_diffrn_radiation.pdbx_wavelength                  ? 
_diffrn_radiation.pdbx_diffrn_protocol             'SINGLE WAVELENGTH' 
_diffrn_radiation.pdbx_analyzer                    ? 
_diffrn_radiation.pdbx_scattering_type             x-ray 
# 
_diffrn_radiation_wavelength.id           1 
_diffrn_radiation_wavelength.wavelength   1.000000 
_diffrn_radiation_wavelength.wt           1.0 
# 
_diffrn_source.current                     ? 
_diffrn_source.details                     ? 
_diffrn_source.diffrn_id                   1 
_diffrn_source.power                       ? 
_diffrn_source.size                        ? 
_diffrn_source.source                      SYNCHROTRON 
_diffrn_source.target                      ? 
_diffrn_source.type                        'APS BEAMLINE 17-ID' 
_diffrn_source.voltage                     ? 
_diffrn_source.take-off_angle              ? 
_diffrn_source.pdbx_wavelength_list        1.000000 
_diffrn_source.pdbx_wavelength             ? 
_diffrn_source.pdbx_synchrotron_beamline   17-ID 
_diffrn_source.pdbx_synchrotron_site       APS 
# 
_reflns.B_iso_Wilson_estimate                          ? 
_reflns.entry_id                                       9NNX 
_reflns.data_reduction_details                         ? 
_reflns.data_reduction_method                          ? 
_reflns.d_resolution_high                              5.43 
_reflns.d_resolution_low                               65.694 
_reflns.details                                        ? 
_reflns.limit_h_max                                    ? 
_reflns.limit_h_min                                    ? 
_reflns.limit_k_max                                    ? 
_reflns.limit_k_min                                    ? 
_reflns.limit_l_max                                    ? 
_reflns.limit_l_min                                    ? 
_reflns.number_all                                     ? 
_reflns.number_obs                                     1275 
_reflns.observed_criterion                             ? 
_reflns.observed_criterion_F_max                       ? 
_reflns.observed_criterion_F_min                       ? 
_reflns.observed_criterion_I_max                       ? 
_reflns.observed_criterion_I_min                       ? 
_reflns.observed_criterion_sigma_F                     ? 
_reflns.observed_criterion_sigma_I                     ? 
_reflns.percent_possible_obs                           86.3 
_reflns.R_free_details                                 ? 
_reflns.Rmerge_F_all                                   ? 
_reflns.Rmerge_F_obs                                   ? 
_reflns.Friedel_coverage                               ? 
_reflns.number_gt                                      ? 
_reflns.threshold_expression                           ? 
_reflns.pdbx_redundancy                                18.9 
_reflns.pdbx_netI_over_av_sigmaI                       ? 
_reflns.pdbx_netI_over_sigmaI                          16.3 
_reflns.pdbx_res_netI_over_av_sigmaI_2                 ? 
_reflns.pdbx_res_netI_over_sigmaI_2                    ? 
_reflns.pdbx_chi_squared                               ? 
_reflns.pdbx_scaling_rejects                           ? 
_reflns.pdbx_d_res_high_opt                            ? 
_reflns.pdbx_d_res_low_opt                             ? 
_reflns.pdbx_d_res_opt_method                          ? 
_reflns.phase_calculation_details                      ? 
_reflns.pdbx_Rrim_I_all                                ? 
_reflns.pdbx_Rpim_I_all                                ? 
_reflns.pdbx_d_opt                                     ? 
_reflns.pdbx_number_measured_all                       ? 
_reflns.pdbx_diffrn_id                                 1 
_reflns.pdbx_ordinal                                   1 
_reflns.pdbx_CC_half                                   .999 
_reflns.pdbx_CC_star                                   ? 
_reflns.pdbx_R_split                                   ? 
_reflns.pdbx_Rmerge_I_obs                              ? 
_reflns.pdbx_Rmerge_I_all                              ? 
_reflns.pdbx_Rsym_value                                ? 
_reflns.pdbx_CC_split_method                           ? 
_reflns.pdbx_aniso_diffraction_limit_axis_1_ortho[1]   ? 
_reflns.pdbx_aniso_diffraction_limit_axis_1_ortho[2]   ? 
_reflns.pdbx_aniso_diffraction_limit_axis_1_ortho[3]   ? 
_reflns.pdbx_aniso_diffraction_limit_axis_2_ortho[1]   ? 
_reflns.pdbx_aniso_diffraction_limit_axis_2_ortho[2]   ? 
_reflns.pdbx_aniso_diffraction_limit_axis_2_ortho[3]   ? 
_reflns.pdbx_aniso_diffraction_limit_axis_3_ortho[1]   ? 
_reflns.pdbx_aniso_diffraction_limit_axis_3_ortho[2]   ? 
_reflns.pdbx_aniso_diffraction_limit_axis_3_ortho[3]   ? 
_reflns.pdbx_aniso_diffraction_limit_1                 ? 
_reflns.pdbx_aniso_diffraction_limit_2                 ? 
_reflns.pdbx_aniso_diffraction_limit_3                 ? 
_reflns.pdbx_aniso_B_tensor_eigenvector_1_ortho[1]     ? 
_reflns.pdbx_aniso_B_tensor_eigenvector_1_ortho[2]     ? 
_reflns.pdbx_aniso_B_tensor_eigenvector_1_ortho[3]     ? 
_reflns.pdbx_aniso_B_tensor_eigenvector_2_ortho[1]     ? 
_reflns.pdbx_aniso_B_tensor_eigenvector_2_ortho[2]     ? 
_reflns.pdbx_aniso_B_tensor_eigenvector_2_ortho[3]     ? 
_reflns.pdbx_aniso_B_tensor_eigenvector_3_ortho[1]     ? 
_reflns.pdbx_aniso_B_tensor_eigenvector_3_ortho[2]     ? 
_reflns.pdbx_aniso_B_tensor_eigenvector_3_ortho[3]     ? 
_reflns.pdbx_aniso_B_tensor_eigenvalue_1               ? 
_reflns.pdbx_aniso_B_tensor_eigenvalue_2               ? 
_reflns.pdbx_aniso_B_tensor_eigenvalue_3               ? 
_reflns.pdbx_orthogonalization_convention              ? 
_reflns.pdbx_percent_possible_ellipsoidal              ? 
_reflns.pdbx_percent_possible_spherical                ? 
_reflns.pdbx_percent_possible_ellipsoidal_anomalous    ? 
_reflns.pdbx_percent_possible_spherical_anomalous      ? 
_reflns.pdbx_redundancy_anomalous                      ? 
_reflns.pdbx_CC_half_anomalous                         ? 
_reflns.pdbx_absDiff_over_sigma_anomalous              ? 
_reflns.pdbx_percent_possible_anomalous                ? 
_reflns.pdbx_observed_signal_threshold                 ? 
_reflns.pdbx_signal_type                               ? 
_reflns.pdbx_signal_details                            ? 
_reflns.pdbx_signal_software_id                        ? 
# 
loop_
_reflns_shell.d_res_high 
_reflns_shell.d_res_low 
_reflns_shell.meanI_over_sigI_all 
_reflns_shell.meanI_over_sigI_obs 
_reflns_shell.number_measured_all 
_reflns_shell.number_measured_obs 
_reflns_shell.number_possible 
_reflns_shell.number_unique_all 
_reflns_shell.number_unique_obs 
_reflns_shell.percent_possible_obs 
_reflns_shell.Rmerge_F_all 
_reflns_shell.Rmerge_F_obs 
_reflns_shell.meanI_over_sigI_gt 
_reflns_shell.meanI_over_uI_all 
_reflns_shell.meanI_over_uI_gt 
_reflns_shell.number_measured_gt 
_reflns_shell.number_unique_gt 
_reflns_shell.percent_possible_gt 
_reflns_shell.Rmerge_F_gt 
_reflns_shell.Rmerge_I_gt 
_reflns_shell.pdbx_redundancy 
_reflns_shell.pdbx_chi_squared 
_reflns_shell.pdbx_netI_over_sigmaI_all 
_reflns_shell.pdbx_netI_over_sigmaI_obs 
_reflns_shell.pdbx_Rrim_I_all 
_reflns_shell.pdbx_Rpim_I_all 
_reflns_shell.pdbx_rejects 
_reflns_shell.pdbx_ordinal 
_reflns_shell.pdbx_diffrn_id 
_reflns_shell.pdbx_CC_half 
_reflns_shell.pdbx_CC_star 
_reflns_shell.pdbx_R_split 
_reflns_shell.percent_possible_all 
_reflns_shell.Rmerge_I_all 
_reflns_shell.Rmerge_I_obs 
_reflns_shell.pdbx_Rsym_value 
_reflns_shell.pdbx_percent_possible_ellipsoidal 
_reflns_shell.pdbx_percent_possible_spherical 
_reflns_shell.pdbx_percent_possible_ellipsoidal_anomalous 
_reflns_shell.pdbx_percent_possible_spherical_anomalous 
_reflns_shell.pdbx_redundancy_anomalous 
_reflns_shell.pdbx_CC_half_anomalous 
_reflns_shell.pdbx_absDiff_over_sigma_anomalous 
_reflns_shell.pdbx_percent_possible_anomalous 
5.43   6.291  ? ? ? ? ? ? 210 ? ? ? ? ? ? ? ? ? ? ? ? ? ? ? ? ? ? 1 1 .677 ? ? ? ? ? ? ? ? ? ? ? ? ? ? 
11.316 65.694 ? ? ? ? ? ? 212 ? ? ? ? ? ? ? ? ? ? ? ? ? ? ? ? ? ? 2 1 .999 ? ? ? ? ? ? ? ? ? ? ? ? ? ? 
# 
_refine.aniso_B[1][1]                            ? 
_refine.aniso_B[1][2]                            ? 
_refine.aniso_B[1][3]                            ? 
_refine.aniso_B[2][2]                            ? 
_refine.aniso_B[2][3]                            ? 
_refine.aniso_B[3][3]                            ? 
_refine.B_iso_max                                ? 
_refine.B_iso_mean                               383.63 
_refine.B_iso_min                                ? 
_refine.correlation_coeff_Fo_to_Fc               ? 
_refine.correlation_coeff_Fo_to_Fc_free          ? 
_refine.details                                  ? 
_refine.diff_density_max                         ? 
_refine.diff_density_max_esd                     ? 
_refine.diff_density_min                         ? 
_refine.diff_density_min_esd                     ? 
_refine.diff_density_rms                         ? 
_refine.diff_density_rms_esd                     ? 
_refine.entry_id                                 9NNX 
_refine.pdbx_refine_id                           'X-RAY DIFFRACTION' 
_refine.ls_abs_structure_details                 ? 
_refine.ls_abs_structure_Flack                   ? 
_refine.ls_abs_structure_Flack_esd               ? 
_refine.ls_abs_structure_Rogers                  ? 
_refine.ls_abs_structure_Rogers_esd              ? 
_refine.ls_d_res_high                            5.43 
_refine.ls_d_res_low                             40.21 
_refine.ls_extinction_coef                       ? 
_refine.ls_extinction_coef_esd                   ? 
_refine.ls_extinction_expression                 ? 
_refine.ls_extinction_method                     ? 
_refine.ls_goodness_of_fit_all                   ? 
_refine.ls_goodness_of_fit_all_esd               ? 
_refine.ls_goodness_of_fit_obs                   ? 
_refine.ls_goodness_of_fit_obs_esd               ? 
_refine.ls_hydrogen_treatment                    ? 
_refine.ls_matrix_type                           ? 
_refine.ls_number_constraints                    ? 
_refine.ls_number_parameters                     ? 
_refine.ls_number_reflns_all                     ? 
_refine.ls_number_reflns_obs                     1253 
_refine.ls_number_reflns_R_free                  123 
_refine.ls_number_reflns_R_work                  1130 
_refine.ls_number_restraints                     ? 
_refine.ls_percent_reflns_obs                    70.24 
_refine.ls_percent_reflns_R_free                 9.82 
_refine.ls_R_factor_all                          ? 
_refine.ls_R_factor_obs                          0.1264 
_refine.ls_R_factor_R_free                       0.1442 
_refine.ls_R_factor_R_free_error                 ? 
_refine.ls_R_factor_R_free_error_details         ? 
_refine.ls_R_factor_R_work                       0.1243 
_refine.ls_R_Fsqd_factor_obs                     ? 
_refine.ls_R_I_factor_obs                        ? 
_refine.ls_redundancy_reflns_all                 ? 
_refine.ls_redundancy_reflns_obs                 ? 
_refine.ls_restrained_S_all                      ? 
_refine.ls_restrained_S_obs                      ? 
_refine.ls_shift_over_esd_max                    ? 
_refine.ls_shift_over_esd_mean                   ? 
_refine.ls_structure_factor_coef                 ? 
_refine.ls_weighting_details                     ? 
_refine.ls_weighting_scheme                      ? 
_refine.ls_wR_factor_all                         ? 
_refine.ls_wR_factor_obs                         ? 
_refine.ls_wR_factor_R_free                      ? 
_refine.ls_wR_factor_R_work                      ? 
_refine.occupancy_max                            ? 
_refine.occupancy_min                            ? 
_refine.solvent_model_details                    'FLAT BULK SOLVENT MODEL' 
_refine.solvent_model_param_bsol                 ? 
_refine.solvent_model_param_ksol                 ? 
_refine.correlation_coeff_I_to_Fcsqd_work        ? 
_refine.correlation_coeff_I_to_Fcsqd_free        ? 
_refine.pdbx_R_complete                          ? 
_refine.ls_R_factor_gt                           ? 
_refine.ls_goodness_of_fit_gt                    ? 
_refine.ls_goodness_of_fit_ref                   ? 
_refine.ls_shift_over_su_max                     ? 
_refine.ls_shift_over_su_max_lt                  ? 
_refine.ls_shift_over_su_mean                    ? 
_refine.ls_shift_over_su_mean_lt                 ? 
_refine.pdbx_ls_sigma_I                          ? 
_refine.pdbx_ls_sigma_F                          1.37 
_refine.pdbx_ls_sigma_Fsqd                       ? 
_refine.pdbx_data_cutoff_high_absF               ? 
_refine.pdbx_data_cutoff_high_rms_absF           ? 
_refine.pdbx_data_cutoff_low_absF                ? 
_refine.pdbx_isotropic_thermal_model             ? 
_refine.pdbx_ls_cross_valid_method               'FREE R-VALUE' 
_refine.pdbx_method_to_determine_struct          'MOLECULAR REPLACEMENT' 
_refine.pdbx_starting_model                      ? 
_refine.pdbx_stereochemistry_target_values       'GeoStd + Monomer Library + CDL v1.2' 
_refine.pdbx_R_Free_selection_details            ? 
_refine.pdbx_stereochem_target_val_spec_case     ? 
_refine.pdbx_overall_ESU_R                       ? 
_refine.pdbx_overall_ESU_R_Free                  ? 
_refine.pdbx_solvent_vdw_probe_radii             1.1000 
_refine.pdbx_solvent_ion_probe_radii             ? 
_refine.pdbx_solvent_shrinkage_radii             0.9000 
_refine.pdbx_real_space_R                        ? 
_refine.pdbx_density_correlation                 ? 
_refine.pdbx_pd_number_of_powder_patterns        ? 
_refine.pdbx_pd_number_of_points                 ? 
_refine.pdbx_pd_meas_number_of_points            ? 
_refine.pdbx_pd_proc_ls_prof_R_factor            ? 
_refine.pdbx_pd_proc_ls_prof_wR_factor           ? 
_refine.pdbx_pd_Marquardt_correlation_coeff      ? 
_refine.pdbx_pd_Fsqrd_R_factor                   ? 
_refine.pdbx_pd_ls_matrix_band_width             ? 
_refine.pdbx_overall_phase_error                 28.2419 
_refine.pdbx_overall_SU_R_free_Cruickshank_DPI   ? 
_refine.pdbx_overall_SU_R_free_Blow_DPI          ? 
_refine.pdbx_overall_SU_R_Blow_DPI               ? 
_refine.pdbx_TLS_residual_ADP_flag               ? 
_refine.pdbx_diffrn_id                           1 
_refine.overall_SU_B                             ? 
_refine.overall_SU_ML                            0.3048 
_refine.overall_SU_R_Cruickshank_DPI             ? 
_refine.overall_SU_R_free                        ? 
_refine.overall_FOM_free_R_set                   ? 
_refine.overall_FOM_work_R_set                   ? 
_refine.pdbx_average_fsc_overall                 ? 
_refine.pdbx_average_fsc_work                    ? 
_refine.pdbx_average_fsc_free                    ? 
# 
_refine_hist.pdbx_refine_id                   'X-RAY DIFFRACTION' 
_refine_hist.cycle_id                         LAST 
_refine_hist.details                          ? 
_refine_hist.d_res_high                       5.43 
_refine_hist.d_res_low                        40.21 
_refine_hist.number_atoms_solvent             0 
_refine_hist.number_atoms_total               855 
_refine_hist.number_reflns_all                ? 
_refine_hist.number_reflns_obs                ? 
_refine_hist.number_reflns_R_free             ? 
_refine_hist.number_reflns_R_work             ? 
_refine_hist.R_factor_all                     ? 
_refine_hist.R_factor_obs                     ? 
_refine_hist.R_factor_R_free                  ? 
_refine_hist.R_factor_R_work                  ? 
_refine_hist.pdbx_number_residues_total       ? 
_refine_hist.pdbx_B_iso_mean_ligand           ? 
_refine_hist.pdbx_B_iso_mean_solvent          ? 
_refine_hist.pdbx_number_atoms_protein        0 
_refine_hist.pdbx_number_atoms_nucleic_acid   855 
_refine_hist.pdbx_number_atoms_ligand         0 
_refine_hist.pdbx_number_atoms_lipid          ? 
_refine_hist.pdbx_number_atoms_carb           ? 
_refine_hist.pdbx_pseudo_atom_details         ? 
# 
loop_
_refine_ls_restr.pdbx_refine_id 
_refine_ls_restr.criterion 
_refine_ls_restr.dev_ideal 
_refine_ls_restr.dev_ideal_target 
_refine_ls_restr.number 
_refine_ls_restr.rejects 
_refine_ls_restr.type 
_refine_ls_restr.weight 
_refine_ls_restr.pdbx_restraint_function 
'X-RAY DIFFRACTION' ? 0.0062  ? 956  ? f_bond_d           ? ? 
'X-RAY DIFFRACTION' ? 0.8945  ? 1467 ? f_angle_d          ? ? 
'X-RAY DIFFRACTION' ? 0.0476  ? 166  ? f_chiral_restr     ? ? 
'X-RAY DIFFRACTION' ? 0.0048  ? 42   ? f_plane_restr      ? ? 
'X-RAY DIFFRACTION' ? 38.3729 ? 442  ? f_dihedral_angle_d ? ? 
# 
_refine_ls_shell.pdbx_refine_id                      'X-RAY DIFFRACTION' 
_refine_ls_shell.d_res_high                          5.43 
_refine_ls_shell.d_res_low                           40.21 
_refine_ls_shell.number_reflns_all                   ? 
_refine_ls_shell.number_reflns_obs                   ? 
_refine_ls_shell.number_reflns_R_free                123 
_refine_ls_shell.number_reflns_R_work                1130 
_refine_ls_shell.percent_reflns_obs                  70.24 
_refine_ls_shell.percent_reflns_R_free               ? 
_refine_ls_shell.R_factor_all                        ? 
_refine_ls_shell.R_factor_obs                        ? 
_refine_ls_shell.R_factor_R_free_error               ? 
_refine_ls_shell.R_factor_R_work                     0.1243 
_refine_ls_shell.redundancy_reflns_all               ? 
_refine_ls_shell.redundancy_reflns_obs               ? 
_refine_ls_shell.wR_factor_all                       ? 
_refine_ls_shell.wR_factor_obs                       ? 
_refine_ls_shell.wR_factor_R_free                    ? 
_refine_ls_shell.wR_factor_R_work                    ? 
_refine_ls_shell.pdbx_R_complete                     ? 
_refine_ls_shell.correlation_coeff_Fo_to_Fc          ? 
_refine_ls_shell.correlation_coeff_Fo_to_Fc_free     ? 
_refine_ls_shell.correlation_coeff_I_to_Fcsqd_work   ? 
_refine_ls_shell.correlation_coeff_I_to_Fcsqd_free   ? 
_refine_ls_shell.pdbx_total_number_of_bins_used      ? 
_refine_ls_shell.pdbx_phase_error                    ? 
_refine_ls_shell.pdbx_fsc_work                       ? 
_refine_ls_shell.pdbx_fsc_free                       ? 
_refine_ls_shell.R_factor_R_free                     0.1442 
# 
_struct.entry_id                     9NNX 
_struct.title                        
'[7,8,4-2] Shifted tensegrity triangle with an (arm,center,arm) distribution of (7,8,4) base pairs and 2 nt sticky ends' 
_struct.pdbx_model_details           ? 
_struct.pdbx_formula_weight          ? 
_struct.pdbx_formula_weight_method   ? 
_struct.pdbx_model_type_details      ? 
_struct.pdbx_CASP_flag               N 
# 
_struct_keywords.entry_id        9NNX 
_struct_keywords.text            'Tensegrity Triangle, DNA' 
_struct_keywords.pdbx_keywords   DNA 
# 
loop_
_struct_asym.id 
_struct_asym.pdbx_blank_PDB_chainid_flag 
_struct_asym.pdbx_modified 
_struct_asym.entity_id 
_struct_asym.details 
A N N 1 ? 
B N N 2 ? 
C N N 3 ? 
D N N 4 ? 
# 
loop_
_struct_ref.id 
_struct_ref.db_name 
_struct_ref.db_code 
_struct_ref.pdbx_db_accession 
_struct_ref.pdbx_db_isoform 
_struct_ref.entity_id 
_struct_ref.pdbx_seq_one_letter_code 
_struct_ref.pdbx_align_begin 
1 PDB 9NNX 9NNX ? 1 ? 1 
2 PDB 9NNX 9NNX ? 2 ? 1 
3 PDB 9NNX 9NNX ? 3 ? 1 
4 PDB 9NNX 9NNX ? 4 ? 1 
# 
loop_
_struct_ref_seq.align_id 
_struct_ref_seq.ref_id 
_struct_ref_seq.pdbx_PDB_id_code 
_struct_ref_seq.pdbx_strand_id 
_struct_ref_seq.seq_align_beg 
_struct_ref_seq.pdbx_seq_align_beg_ins_code 
_struct_ref_seq.seq_align_end 
_struct_ref_seq.pdbx_seq_align_end_ins_code 
_struct_ref_seq.pdbx_db_accession 
_struct_ref_seq.db_align_beg 
_struct_ref_seq.pdbx_db_align_beg_ins_code 
_struct_ref_seq.db_align_end 
_struct_ref_seq.pdbx_db_align_end_ins_code 
_struct_ref_seq.pdbx_auth_seq_align_beg 
_struct_ref_seq.pdbx_auth_seq_align_end 
1 1 9NNX A 1 ? 8  ? 9NNX 112 ? 119 ? 112 119 
2 2 9NNX B 1 ? 8  ? 9NNX 131 ? 138 ? 131 138 
3 3 9NNX D 1 ? 13 ? 9NNX 203 ? 215 ? 203 215 
4 4 9NNX X 1 ? 13 ? 9NNX 99  ? 111 ? 99  111 
# 
_pdbx_struct_assembly.id                   1 
_pdbx_struct_assembly.details              author_defined_assembly 
_pdbx_struct_assembly.method_details       ? 
_pdbx_struct_assembly.oligomeric_details   dodecameric 
_pdbx_struct_assembly.oligomeric_count     12 
# 
loop_
_pdbx_struct_assembly_gen.assembly_id 
_pdbx_struct_assembly_gen.oper_expression 
_pdbx_struct_assembly_gen.asym_id_list 
1 1 A,B,C,D 
1 2 A,B,C,D 
1 3 A,B,C,D 
# 
_pdbx_struct_assembly_auth_evidence.id                     1 
_pdbx_struct_assembly_auth_evidence.assembly_id            1 
_pdbx_struct_assembly_auth_evidence.experimental_support   'native gel electrophoresis' 
_pdbx_struct_assembly_auth_evidence.details                ? 
# 
loop_
_pdbx_struct_oper_list.id 
_pdbx_struct_oper_list.type 
_pdbx_struct_oper_list.name 
_pdbx_struct_oper_list.symmetry_operation 
_pdbx_struct_oper_list.matrix[1][1] 
_pdbx_struct_oper_list.matrix[1][2] 
_pdbx_struct_oper_list.matrix[1][3] 
_pdbx_struct_oper_list.vector[1] 
_pdbx_struct_oper_list.matrix[2][1] 
_pdbx_struct_oper_list.matrix[2][2] 
_pdbx_struct_oper_list.matrix[2][3] 
_pdbx_struct_oper_list.vector[2] 
_pdbx_struct_oper_list.matrix[3][1] 
_pdbx_struct_oper_list.matrix[3][2] 
_pdbx_struct_oper_list.matrix[3][3] 
_pdbx_struct_oper_list.vector[3] 
1 'identity operation'         1_555 x,y,z       1.0000000000  0.0000000000  0.0000000000  0.0000000000   0.0000000000  1.0000000000  0.0000000000  0.0000000000  0.0000000000  0.0000000000  1.0000000000 0.0000000000   
2 'crystal symmetry operation' 2_545 -y,x-y-1,z  -0.0949442609 -0.2787875410 -0.9556479971 -29.7243735236 0.9796210549  -0.1968518361 -0.0398991656 24.6414717197 -0.1769976726 -0.9399610958 0.2917960971 -6.0129015984  
3 'crystal symmetry operation' 3_655 -x+y+1,-x,z -0.0949442609 0.9796210549  -0.1769976726 -28.0257327867 -0.2787875410 -0.1968518361 -0.9399610958 -9.0879596240 -0.9556479971 -0.0398991656 0.2917960971 -25.6683226427 
# 
loop_
_struct_conn.id 
_struct_conn.conn_type_id 
_struct_conn.pdbx_leaving_atom_flag 
_struct_conn.pdbx_PDB_id 
_struct_conn.ptnr1_label_asym_id 
_struct_conn.ptnr1_label_comp_id 
_struct_conn.ptnr1_label_seq_id 
_struct_conn.ptnr1_label_atom_id 
_struct_conn.pdbx_ptnr1_label_alt_id 
_struct_conn.pdbx_ptnr1_PDB_ins_code 
_struct_conn.pdbx_ptnr1_standard_comp_id 
_struct_conn.ptnr1_symmetry 
_struct_conn.ptnr2_label_asym_id 
_struct_conn.ptnr2_label_comp_id 
_struct_conn.ptnr2_label_seq_id 
_struct_conn.ptnr2_label_atom_id 
_struct_conn.pdbx_ptnr2_label_alt_id 
_struct_conn.pdbx_ptnr2_PDB_ins_code 
_struct_conn.ptnr1_auth_asym_id 
_struct_conn.ptnr1_auth_comp_id 
_struct_conn.ptnr1_auth_seq_id 
_struct_conn.ptnr2_auth_asym_id 
_struct_conn.ptnr2_auth_comp_id 
_struct_conn.ptnr2_auth_seq_id 
_struct_conn.ptnr2_symmetry 
_struct_conn.pdbx_ptnr3_label_atom_id 
_struct_conn.pdbx_ptnr3_label_seq_id 
_struct_conn.pdbx_ptnr3_label_comp_id 
_struct_conn.pdbx_ptnr3_label_asym_id 
_struct_conn.pdbx_ptnr3_label_alt_id 
_struct_conn.pdbx_ptnr3_PDB_ins_code 
_struct_conn.details 
_struct_conn.pdbx_dist_value 
_struct_conn.pdbx_value_order 
_struct_conn.pdbx_role 
hydrog1  hydrog ? ? A DA 1  N1 ? ? ? 1_555 B DT 8  N3 ? ? A DA 112 B DT 138 1_555 ? ? ? ? ? ? WATSON-CRICK ? ? ? 
hydrog2  hydrog ? ? A DA 1  N6 ? ? ? 1_555 B DT 8  O4 ? ? A DA 112 B DT 138 1_555 ? ? ? ? ? ? WATSON-CRICK ? ? ? 
hydrog3  hydrog ? ? A DC 2  N3 ? ? ? 1_555 B DG 7  N1 ? ? A DC 113 B DG 137 1_555 ? ? ? ? ? ? WATSON-CRICK ? ? ? 
hydrog4  hydrog ? ? A DC 2  N4 ? ? ? 1_555 B DG 7  O6 ? ? A DC 113 B DG 137 1_555 ? ? ? ? ? ? WATSON-CRICK ? ? ? 
hydrog5  hydrog ? ? A DC 2  O2 ? ? ? 1_555 B DG 7  N2 ? ? A DC 113 B DG 137 1_555 ? ? ? ? ? ? WATSON-CRICK ? ? ? 
hydrog6  hydrog ? ? A DG 3  N1 ? ? ? 1_555 B DC 6  N3 ? ? A DG 114 B DC 136 1_555 ? ? ? ? ? ? WATSON-CRICK ? ? ? 
hydrog7  hydrog ? ? A DG 3  N2 ? ? ? 1_555 B DC 6  O2 ? ? A DG 114 B DC 136 1_555 ? ? ? ? ? ? WATSON-CRICK ? ? ? 
hydrog8  hydrog ? ? A DG 3  O6 ? ? ? 1_555 B DC 6  N4 ? ? A DG 114 B DC 136 1_555 ? ? ? ? ? ? WATSON-CRICK ? ? ? 
hydrog9  hydrog ? ? A DG 4  N1 ? ? ? 1_555 B DC 5  N3 ? ? A DG 115 B DC 135 1_555 ? ? ? ? ? ? WATSON-CRICK ? ? ? 
hydrog10 hydrog ? ? A DG 4  N2 ? ? ? 1_555 B DC 5  O2 ? ? A DG 115 B DC 135 1_555 ? ? ? ? ? ? WATSON-CRICK ? ? ? 
hydrog11 hydrog ? ? A DG 4  O6 ? ? ? 1_555 B DC 5  N4 ? ? A DG 115 B DC 135 1_555 ? ? ? ? ? ? WATSON-CRICK ? ? ? 
hydrog12 hydrog ? ? A DA 5  N6 ? ? ? 1_555 C DT 6  O4 ? ? A DA 116 D DT 208 1_555 ? ? ? ? ? ? 'DA-DT PAIR' ? ? ? 
hydrog13 hydrog ? ? A DC 6  N3 ? ? ? 1_555 C DG 5  N1 ? ? A DC 117 D DG 207 1_555 ? ? ? ? ? ? WATSON-CRICK ? ? ? 
hydrog14 hydrog ? ? A DC 6  N4 ? ? ? 1_555 C DG 5  O6 ? ? A DC 117 D DG 207 1_555 ? ? ? ? ? ? WATSON-CRICK ? ? ? 
hydrog15 hydrog ? ? A DC 6  O2 ? ? ? 1_555 C DG 5  N2 ? ? A DC 117 D DG 207 1_555 ? ? ? ? ? ? WATSON-CRICK ? ? ? 
hydrog16 hydrog ? ? A DA 7  N1 ? ? ? 1_555 C DT 4  N3 ? ? A DA 118 D DT 206 1_555 ? ? ? ? ? ? WATSON-CRICK ? ? ? 
hydrog17 hydrog ? ? A DA 7  N6 ? ? ? 1_555 C DT 4  O4 ? ? A DA 118 D DT 206 1_555 ? ? ? ? ? ? WATSON-CRICK ? ? ? 
hydrog18 hydrog ? ? A DT 8  N3 ? ? ? 1_555 C DA 3  N1 ? ? A DT 119 D DA 205 1_555 ? ? ? ? ? ? WATSON-CRICK ? ? ? 
hydrog19 hydrog ? ? A DT 8  O4 ? ? ? 1_555 C DA 3  N6 ? ? A DT 119 D DA 205 1_555 ? ? ? ? ? ? WATSON-CRICK ? ? ? 
hydrog20 hydrog ? ? B DC 1  N3 ? ? ? 1_555 D DG 13 N1 ? ? B DC 131 X DG 111 1_555 ? ? ? ? ? ? WATSON-CRICK ? ? ? 
hydrog21 hydrog ? ? B DC 1  N4 ? ? ? 1_555 D DG 13 O6 ? ? B DC 131 X DG 111 1_555 ? ? ? ? ? ? WATSON-CRICK ? ? ? 
hydrog22 hydrog ? ? B DC 1  O2 ? ? ? 1_555 D DG 13 N2 ? ? B DC 131 X DG 111 1_555 ? ? ? ? ? ? WATSON-CRICK ? ? ? 
hydrog23 hydrog ? ? B DA 2  N1 ? ? ? 1_555 D DT 12 N3 ? ? B DA 132 X DT 110 1_555 ? ? ? ? ? ? WATSON-CRICK ? ? ? 
hydrog24 hydrog ? ? B DA 2  N6 ? ? ? 1_555 D DT 12 O4 ? ? B DA 132 X DT 110 1_555 ? ? ? ? ? ? WATSON-CRICK ? ? ? 
hydrog25 hydrog ? ? B DC 3  N3 ? ? ? 1_555 D DG 11 N1 ? ? B DC 133 X DG 109 1_555 ? ? ? ? ? ? WATSON-CRICK ? ? ? 
hydrog26 hydrog ? ? B DC 3  N4 ? ? ? 1_555 D DG 11 O6 ? ? B DC 133 X DG 109 1_555 ? ? ? ? ? ? WATSON-CRICK ? ? ? 
hydrog27 hydrog ? ? B DC 3  O2 ? ? ? 1_555 D DG 11 N2 ? ? B DC 133 X DG 109 1_555 ? ? ? ? ? ? WATSON-CRICK ? ? ? 
hydrog28 hydrog ? ? B DA 4  N1 ? ? ? 1_555 D DT 10 N3 ? ? B DA 134 X DT 108 1_555 ? ? ? ? ? ? WATSON-CRICK ? ? ? 
hydrog29 hydrog ? ? B DA 4  N6 ? ? ? 1_555 D DT 10 O4 ? ? B DA 134 X DT 108 1_555 ? ? ? ? ? ? WATSON-CRICK ? ? ? 
hydrog30 hydrog ? ? C DG 7  N1 ? ? ? 1_555 D DC 9  N3 ? ? D DG 209 X DC 107 1_555 ? ? ? ? ? ? WATSON-CRICK ? ? ? 
hydrog31 hydrog ? ? C DG 7  N2 ? ? ? 1_555 D DC 9  O2 ? ? D DG 209 X DC 107 1_555 ? ? ? ? ? ? WATSON-CRICK ? ? ? 
hydrog32 hydrog ? ? C DG 7  O6 ? ? ? 1_555 D DC 9  N4 ? ? D DG 209 X DC 107 1_555 ? ? ? ? ? ? WATSON-CRICK ? ? ? 
hydrog33 hydrog ? ? C DC 8  N3 ? ? ? 1_555 D DG 8  N2 ? ? D DC 210 X DG 106 1_555 ? ? ? ? ? ? 'DC-DG PAIR' ? ? ? 
hydrog34 hydrog ? ? C DT 9  N3 ? ? ? 1_555 D DA 7  N1 ? ? D DT 211 X DA 105 1_555 ? ? ? ? ? ? WATSON-CRICK ? ? ? 
hydrog35 hydrog ? ? C DT 9  O4 ? ? ? 1_555 D DA 7  N6 ? ? D DT 211 X DA 105 1_555 ? ? ? ? ? ? WATSON-CRICK ? ? ? 
hydrog36 hydrog ? ? C DG 10 N1 ? ? ? 1_555 D DC 6  N3 ? ? D DG 212 X DC 104 1_555 ? ? ? ? ? ? WATSON-CRICK ? ? ? 
hydrog37 hydrog ? ? C DG 10 N2 ? ? ? 1_555 D DC 6  O2 ? ? D DG 212 X DC 104 1_555 ? ? ? ? ? ? WATSON-CRICK ? ? ? 
hydrog38 hydrog ? ? C DG 10 O6 ? ? ? 1_555 D DC 6  N4 ? ? D DG 212 X DC 104 1_555 ? ? ? ? ? ? WATSON-CRICK ? ? ? 
hydrog39 hydrog ? ? C DT 12 N3 ? ? ? 1_555 D DA 4  N1 ? ? D DT 214 X DA 102 1_555 ? ? ? ? ? ? WATSON-CRICK ? ? ? 
hydrog40 hydrog ? ? C DT 12 O4 ? ? ? 1_555 D DA 4  N6 ? ? D DT 214 X DA 102 1_555 ? ? ? ? ? ? WATSON-CRICK ? ? ? 
hydrog41 hydrog ? ? C DG 13 N1 ? ? ? 1_555 D DC 3  N3 ? ? D DG 215 X DC 101 1_555 ? ? ? ? ? ? WATSON-CRICK ? ? ? 
hydrog42 hydrog ? ? C DG 13 N2 ? ? ? 1_555 D DC 3  O2 ? ? D DG 215 X DC 101 1_555 ? ? ? ? ? ? WATSON-CRICK ? ? ? 
hydrog43 hydrog ? ? C DG 13 O6 ? ? ? 1_555 D DC 3  N4 ? ? D DG 215 X DC 101 1_555 ? ? ? ? ? ? WATSON-CRICK ? ? ? 
# 
_struct_conn_type.id          hydrog 
_struct_conn_type.criteria    ? 
_struct_conn_type.reference   ? 
# 
_pdbx_entry_details.entry_id                   9NNX 
_pdbx_entry_details.compound_details           ? 
_pdbx_entry_details.source_details             ? 
_pdbx_entry_details.nonpolymer_details         ? 
_pdbx_entry_details.sequence_details           ? 
_pdbx_entry_details.has_ligand_of_interest     ? 
_pdbx_entry_details.has_protein_modification   N 
# 
loop_
_pdbx_validate_rmsd_angle.id 
_pdbx_validate_rmsd_angle.PDB_model_num 
_pdbx_validate_rmsd_angle.auth_atom_id_1 
_pdbx_validate_rmsd_angle.auth_asym_id_1 
_pdbx_validate_rmsd_angle.auth_comp_id_1 
_pdbx_validate_rmsd_angle.auth_seq_id_1 
_pdbx_validate_rmsd_angle.PDB_ins_code_1 
_pdbx_validate_rmsd_angle.label_alt_id_1 
_pdbx_validate_rmsd_angle.auth_atom_id_2 
_pdbx_validate_rmsd_angle.auth_asym_id_2 
_pdbx_validate_rmsd_angle.auth_comp_id_2 
_pdbx_validate_rmsd_angle.auth_seq_id_2 
_pdbx_validate_rmsd_angle.PDB_ins_code_2 
_pdbx_validate_rmsd_angle.label_alt_id_2 
_pdbx_validate_rmsd_angle.auth_atom_id_3 
_pdbx_validate_rmsd_angle.auth_asym_id_3 
_pdbx_validate_rmsd_angle.auth_comp_id_3 
_pdbx_validate_rmsd_angle.auth_seq_id_3 
_pdbx_validate_rmsd_angle.PDB_ins_code_3 
_pdbx_validate_rmsd_angle.label_alt_id_3 
_pdbx_validate_rmsd_angle.angle_value 
_pdbx_validate_rmsd_angle.angle_target_value 
_pdbx_validate_rmsd_angle.angle_deviation 
_pdbx_validate_rmsd_angle.angle_standard_deviation 
_pdbx_validate_rmsd_angle.linker_flag 
1 1 "O4'" A DG 115 ? ? "C1'" A DG 115 ? ? N9 A DG 115 ? ? 111.35 108.30 3.05 0.30 N 
2 1 "O4'" A DC 117 ? ? "C1'" A DC 117 ? ? N1 A DC 117 ? ? 110.62 108.30 2.32 0.30 N 
3 1 "O4'" B DC 133 ? ? "C1'" B DC 133 ? ? N1 B DC 133 ? ? 111.04 108.30 2.74 0.30 N 
4 1 "O4'" X DC 101 ? ? "C1'" X DC 101 ? ? N1 X DC 101 ? ? 110.82 108.30 2.52 0.30 N 
5 1 "O4'" X DC 107 ? ? "C1'" X DC 107 ? ? N1 X DC 107 ? ? 110.73 108.30 2.43 0.30 N 
# 
loop_
_space_group_symop.id 
_space_group_symop.operation_xyz 
1 x,y,z        
2 x-y,x,z+1/2  
3 y,-x+y,z+1/2 
4 -y,x-y,z     
5 -x+y,-x,z    
6 -x,-y,z+1/2  
# 
loop_
_pdbx_refine_tls.id 
_pdbx_refine_tls.pdbx_refine_id 
_pdbx_refine_tls.details 
_pdbx_refine_tls.method 
_pdbx_refine_tls.origin_x 
_pdbx_refine_tls.origin_y 
_pdbx_refine_tls.origin_z 
_pdbx_refine_tls.T[1][1] 
_pdbx_refine_tls.T[1][1]_esd 
_pdbx_refine_tls.T[1][2] 
_pdbx_refine_tls.T[1][2]_esd 
_pdbx_refine_tls.T[1][3] 
_pdbx_refine_tls.T[1][3]_esd 
_pdbx_refine_tls.T[2][2] 
_pdbx_refine_tls.T[2][2]_esd 
_pdbx_refine_tls.T[2][3] 
_pdbx_refine_tls.T[2][3]_esd 
_pdbx_refine_tls.T[3][3] 
_pdbx_refine_tls.T[3][3]_esd 
_pdbx_refine_tls.L[1][1] 
_pdbx_refine_tls.L[1][1]_esd 
_pdbx_refine_tls.L[1][2] 
_pdbx_refine_tls.L[1][2]_esd 
_pdbx_refine_tls.L[1][3] 
_pdbx_refine_tls.L[1][3]_esd 
_pdbx_refine_tls.L[2][2] 
_pdbx_refine_tls.L[2][2]_esd 
_pdbx_refine_tls.L[2][3] 
_pdbx_refine_tls.L[2][3]_esd 
_pdbx_refine_tls.L[3][3] 
_pdbx_refine_tls.L[3][3]_esd 
_pdbx_refine_tls.S[1][1] 
_pdbx_refine_tls.S[1][1]_esd 
_pdbx_refine_tls.S[1][2] 
_pdbx_refine_tls.S[1][2]_esd 
_pdbx_refine_tls.S[1][3] 
_pdbx_refine_tls.S[1][3]_esd 
_pdbx_refine_tls.S[2][1] 
_pdbx_refine_tls.S[2][1]_esd 
_pdbx_refine_tls.S[2][2] 
_pdbx_refine_tls.S[2][2]_esd 
_pdbx_refine_tls.S[2][3] 
_pdbx_refine_tls.S[2][3]_esd 
_pdbx_refine_tls.S[3][1] 
_pdbx_refine_tls.S[3][1]_esd 
_pdbx_refine_tls.S[3][2] 
_pdbx_refine_tls.S[3][2]_esd 
_pdbx_refine_tls.S[3][3] 
_pdbx_refine_tls.S[3][3]_esd 
1 'X-RAY DIFFRACTION' ? refined -7.998416588  -10.1445849500 -2.19627989369  2.85825479939 ? 0.123338923789 ? -1.277175697781 ? 4.25270288617 ? -0.516202549330 ? 5.4018622392  ? 1.84217358268  ? 0.833626806887 ? 0.48248200669  ? 4.99123798917 ? -1.32016514185 ? 5.05255323055 ? -0.734985309569 ? -3.188546919578 ? -2.54210579441 ? 2.86234105768  ? 4.924135591573 ? -3.671494539545 ? 0.618377082748 ? -0.523105917787 ? -3.11051523676 ? 
2 'X-RAY DIFFRACTION' ? refined -8.3883497188 -1.2443087343  -3.758831014705 3.86000071044 ? 2.68591932081  ? -0.93215228012  ? 3.95817172900 ? -1.311949848536 ? 3.96850645921 ? 3.02623127252  ? 2.16900613300  ? 0.56771287874  ? 3.84149741000 ? 5.67628993507  ? 7.03745634589 ? 3.49494192585   ? -4.00707025983  ? -3.72249672454 ? 4.5566676480   ? 1.906203535525 ? 4.91233870751   ? 3.09028455691  ? 5.55057416186   ? -1.9532405480  ? 
3 'X-RAY DIFFRACTION' ? refined 3.720655684   0.4689480206   3.736918141615  2.055589878   ? 1.876747477908 ? 0.39151231540   ? 8.06024093760 ? -0.312565795780 ? 2.28913132724 ? 11.91965494308 ? -7.00798422239 ? -4.94187188959 ? 5.6664699566  ? 3.39081916199  ? 4.90030791480 ? 0.96584152963   ? -1.23345407851  ? 4.41787882168  ? 2.786816516998 ? 0.53457969494  ? -0.24451630176  ? -0.68813243460 ? -1.52428868428  ? 0.027532075542 ? 
4 'X-RAY DIFFRACTION' ? refined 6.1645664358  6.6265753550   -0.06388506042  4.6287377225  ? 0.005224006467 ? -0.153702425688 ? 2.54092320349 ? 0.416953298939  ? 4.61619353391 ? 6.76564897905  ? -4.55727953718 ? -3.32949323348 ? 5.23544607542 ? 4.62589364056  ? 4.03746350248 ? 5.798381472813  ? 2.29870034973   ? 2.60445401933  ? -4.74674079492 ? -2.48037737461 ? 1.34765319586   ? 2.374295676861 ? 2.56496614540   ? -3.35144135660 ? 
# 
loop_
_pdbx_refine_tls_group.id 
_pdbx_refine_tls_group.pdbx_refine_id 
_pdbx_refine_tls_group.refine_tls_id 
_pdbx_refine_tls_group.beg_label_asym_id 
_pdbx_refine_tls_group.beg_label_seq_id 
_pdbx_refine_tls_group.beg_auth_asym_id 
_pdbx_refine_tls_group.beg_auth_seq_id 
_pdbx_refine_tls_group.beg_PDB_ins_code 
_pdbx_refine_tls_group.end_label_asym_id 
_pdbx_refine_tls_group.end_label_seq_id 
_pdbx_refine_tls_group.end_auth_asym_id 
_pdbx_refine_tls_group.end_auth_seq_id 
_pdbx_refine_tls_group.end_PDB_ins_code 
_pdbx_refine_tls_group.selection 
_pdbx_refine_tls_group.selection_details 
1 'X-RAY DIFFRACTION' 1 A ? A 112 ? A ? A 119 ? ? 
;chain 'A' and (resid 112 through 119 )
;
2 'X-RAY DIFFRACTION' 2 B ? B 131 ? B ? B 138 ? ? 
;chain 'B' and (resid 131 through 138 )
;
3 'X-RAY DIFFRACTION' 3 C ? D 203 ? C ? D 215 ? ? 
;chain 'D' and (resid 203 through 215 )
;
4 'X-RAY DIFFRACTION' 4 D ? X 99  ? D ? X 111 ? ? 
;chain 'X' and (resid 99 through 111 )
;
# 
loop_
_chem_comp_atom.comp_id 
_chem_comp_atom.atom_id 
_chem_comp_atom.type_symbol 
_chem_comp_atom.pdbx_aromatic_flag 
_chem_comp_atom.pdbx_stereo_config 
_chem_comp_atom.pdbx_ordinal 
DA OP3    O N N 1   
DA P      P N N 2   
DA OP1    O N N 3   
DA OP2    O N N 4   
DA "O5'"  O N N 5   
DA "C5'"  C N N 6   
DA "C4'"  C N R 7   
DA "O4'"  O N N 8   
DA "C3'"  C N S 9   
DA "O3'"  O N N 10  
DA "C2'"  C N N 11  
DA "C1'"  C N R 12  
DA N9     N Y N 13  
DA C8     C Y N 14  
DA N7     N Y N 15  
DA C5     C Y N 16  
DA C6     C Y N 17  
DA N6     N N N 18  
DA N1     N Y N 19  
DA C2     C Y N 20  
DA N3     N Y N 21  
DA C4     C Y N 22  
DA HOP3   H N N 23  
DA HOP2   H N N 24  
DA "H5'"  H N N 25  
DA "H5''" H N N 26  
DA "H4'"  H N N 27  
DA "H3'"  H N N 28  
DA "HO3'" H N N 29  
DA "H2'"  H N N 30  
DA "H2''" H N N 31  
DA "H1'"  H N N 32  
DA H8     H N N 33  
DA H61    H N N 34  
DA H62    H N N 35  
DA H2     H N N 36  
DC OP3    O N N 37  
DC P      P N N 38  
DC OP1    O N N 39  
DC OP2    O N N 40  
DC "O5'"  O N N 41  
DC "C5'"  C N N 42  
DC "C4'"  C N R 43  
DC "O4'"  O N N 44  
DC "C3'"  C N S 45  
DC "O3'"  O N N 46  
DC "C2'"  C N N 47  
DC "C1'"  C N R 48  
DC N1     N N N 49  
DC C2     C N N 50  
DC O2     O N N 51  
DC N3     N N N 52  
DC C4     C N N 53  
DC N4     N N N 54  
DC C5     C N N 55  
DC C6     C N N 56  
DC HOP3   H N N 57  
DC HOP2   H N N 58  
DC "H5'"  H N N 59  
DC "H5''" H N N 60  
DC "H4'"  H N N 61  
DC "H3'"  H N N 62  
DC "HO3'" H N N 63  
DC "H2'"  H N N 64  
DC "H2''" H N N 65  
DC "H1'"  H N N 66  
DC H41    H N N 67  
DC H42    H N N 68  
DC H5     H N N 69  
DC H6     H N N 70  
DG OP3    O N N 71  
DG P      P N N 72  
DG OP1    O N N 73  
DG OP2    O N N 74  
DG "O5'"  O N N 75  
DG "C5'"  C N N 76  
DG "C4'"  C N R 77  
DG "O4'"  O N N 78  
DG "C3'"  C N S 79  
DG "O3'"  O N N 80  
DG "C2'"  C N N 81  
DG "C1'"  C N R 82  
DG N9     N Y N 83  
DG C8     C Y N 84  
DG N7     N Y N 85  
DG C5     C Y N 86  
DG C6     C N N 87  
DG O6     O N N 88  
DG N1     N N N 89  
DG C2     C N N 90  
DG N2     N N N 91  
DG N3     N N N 92  
DG C4     C Y N 93  
DG HOP3   H N N 94  
DG HOP2   H N N 95  
DG "H5'"  H N N 96  
DG "H5''" H N N 97  
DG "H4'"  H N N 98  
DG "H3'"  H N N 99  
DG "HO3'" H N N 100 
DG "H2'"  H N N 101 
DG "H2''" H N N 102 
DG "H1'"  H N N 103 
DG H8     H N N 104 
DG H1     H N N 105 
DG H21    H N N 106 
DG H22    H N N 107 
DT OP3    O N N 108 
DT P      P N N 109 
DT OP1    O N N 110 
DT OP2    O N N 111 
DT "O5'"  O N N 112 
DT "C5'"  C N N 113 
DT "C4'"  C N R 114 
DT "O4'"  O N N 115 
DT "C3'"  C N S 116 
DT "O3'"  O N N 117 
DT "C2'"  C N N 118 
DT "C1'"  C N R 119 
DT N1     N N N 120 
DT C2     C N N 121 
DT O2     O N N 122 
DT N3     N N N 123 
DT C4     C N N 124 
DT O4     O N N 125 
DT C5     C N N 126 
DT C7     C N N 127 
DT C6     C N N 128 
DT HOP3   H N N 129 
DT HOP2   H N N 130 
DT "H5'"  H N N 131 
DT "H5''" H N N 132 
DT "H4'"  H N N 133 
DT "H3'"  H N N 134 
DT "HO3'" H N N 135 
DT "H2'"  H N N 136 
DT "H2''" H N N 137 
DT "H1'"  H N N 138 
DT H3     H N N 139 
DT H71    H N N 140 
DT H72    H N N 141 
DT H73    H N N 142 
DT H6     H N N 143 
# 
loop_
_chem_comp_bond.comp_id 
_chem_comp_bond.atom_id_1 
_chem_comp_bond.atom_id_2 
_chem_comp_bond.value_order 
_chem_comp_bond.pdbx_aromatic_flag 
_chem_comp_bond.pdbx_stereo_config 
_chem_comp_bond.pdbx_ordinal 
DA OP3   P      sing N N 1   
DA OP3   HOP3   sing N N 2   
DA P     OP1    doub N N 3   
DA P     OP2    sing N N 4   
DA P     "O5'"  sing N N 5   
DA OP2   HOP2   sing N N 6   
DA "O5'" "C5'"  sing N N 7   
DA "C5'" "C4'"  sing N N 8   
DA "C5'" "H5'"  sing N N 9   
DA "C5'" "H5''" sing N N 10  
DA "C4'" "O4'"  sing N N 11  
DA "C4'" "C3'"  sing N N 12  
DA "C4'" "H4'"  sing N N 13  
DA "O4'" "C1'"  sing N N 14  
DA "C3'" "O3'"  sing N N 15  
DA "C3'" "C2'"  sing N N 16  
DA "C3'" "H3'"  sing N N 17  
DA "O3'" "HO3'" sing N N 18  
DA "C2'" "C1'"  sing N N 19  
DA "C2'" "H2'"  sing N N 20  
DA "C2'" "H2''" sing N N 21  
DA "C1'" N9     sing N N 22  
DA "C1'" "H1'"  sing N N 23  
DA N9    C8     sing Y N 24  
DA N9    C4     sing Y N 25  
DA C8    N7     doub Y N 26  
DA C8    H8     sing N N 27  
DA N7    C5     sing Y N 28  
DA C5    C6     sing Y N 29  
DA C5    C4     doub Y N 30  
DA C6    N6     sing N N 31  
DA C6    N1     doub Y N 32  
DA N6    H61    sing N N 33  
DA N6    H62    sing N N 34  
DA N1    C2     sing Y N 35  
DA C2    N3     doub Y N 36  
DA C2    H2     sing N N 37  
DA N3    C4     sing Y N 38  
DC OP3   P      sing N N 39  
DC OP3   HOP3   sing N N 40  
DC P     OP1    doub N N 41  
DC P     OP2    sing N N 42  
DC P     "O5'"  sing N N 43  
DC OP2   HOP2   sing N N 44  
DC "O5'" "C5'"  sing N N 45  
DC "C5'" "C4'"  sing N N 46  
DC "C5'" "H5'"  sing N N 47  
DC "C5'" "H5''" sing N N 48  
DC "C4'" "O4'"  sing N N 49  
DC "C4'" "C3'"  sing N N 50  
DC "C4'" "H4'"  sing N N 51  
DC "O4'" "C1'"  sing N N 52  
DC "C3'" "O3'"  sing N N 53  
DC "C3'" "C2'"  sing N N 54  
DC "C3'" "H3'"  sing N N 55  
DC "O3'" "HO3'" sing N N 56  
DC "C2'" "C1'"  sing N N 57  
DC "C2'" "H2'"  sing N N 58  
DC "C2'" "H2''" sing N N 59  
DC "C1'" N1     sing N N 60  
DC "C1'" "H1'"  sing N N 61  
DC N1    C2     sing N N 62  
DC N1    C6     sing N N 63  
DC C2    O2     doub N N 64  
DC C2    N3     sing N N 65  
DC N3    C4     doub N N 66  
DC C4    N4     sing N N 67  
DC C4    C5     sing N N 68  
DC N4    H41    sing N N 69  
DC N4    H42    sing N N 70  
DC C5    C6     doub N N 71  
DC C5    H5     sing N N 72  
DC C6    H6     sing N N 73  
DG OP3   P      sing N N 74  
DG OP3   HOP3   sing N N 75  
DG P     OP1    doub N N 76  
DG P     OP2    sing N N 77  
DG P     "O5'"  sing N N 78  
DG OP2   HOP2   sing N N 79  
DG "O5'" "C5'"  sing N N 80  
DG "C5'" "C4'"  sing N N 81  
DG "C5'" "H5'"  sing N N 82  
DG "C5'" "H5''" sing N N 83  
DG "C4'" "O4'"  sing N N 84  
DG "C4'" "C3'"  sing N N 85  
DG "C4'" "H4'"  sing N N 86  
DG "O4'" "C1'"  sing N N 87  
DG "C3'" "O3'"  sing N N 88  
DG "C3'" "C2'"  sing N N 89  
DG "C3'" "H3'"  sing N N 90  
DG "O3'" "HO3'" sing N N 91  
DG "C2'" "C1'"  sing N N 92  
DG "C2'" "H2'"  sing N N 93  
DG "C2'" "H2''" sing N N 94  
DG "C1'" N9     sing N N 95  
DG "C1'" "H1'"  sing N N 96  
DG N9    C8     sing Y N 97  
DG N9    C4     sing Y N 98  
DG C8    N7     doub Y N 99  
DG C8    H8     sing N N 100 
DG N7    C5     sing Y N 101 
DG C5    C6     sing N N 102 
DG C5    C4     doub Y N 103 
DG C6    O6     doub N N 104 
DG C6    N1     sing N N 105 
DG N1    C2     sing N N 106 
DG N1    H1     sing N N 107 
DG C2    N2     sing N N 108 
DG C2    N3     doub N N 109 
DG N2    H21    sing N N 110 
DG N2    H22    sing N N 111 
DG N3    C4     sing N N 112 
DT OP3   P      sing N N 113 
DT OP3   HOP3   sing N N 114 
DT P     OP1    doub N N 115 
DT P     OP2    sing N N 116 
DT P     "O5'"  sing N N 117 
DT OP2   HOP2   sing N N 118 
DT "O5'" "C5'"  sing N N 119 
DT "C5'" "C4'"  sing N N 120 
DT "C5'" "H5'"  sing N N 121 
DT "C5'" "H5''" sing N N 122 
DT "C4'" "O4'"  sing N N 123 
DT "C4'" "C3'"  sing N N 124 
DT "C4'" "H4'"  sing N N 125 
DT "O4'" "C1'"  sing N N 126 
DT "C3'" "O3'"  sing N N 127 
DT "C3'" "C2'"  sing N N 128 
DT "C3'" "H3'"  sing N N 129 
DT "O3'" "HO3'" sing N N 130 
DT "C2'" "C1'"  sing N N 131 
DT "C2'" "H2'"  sing N N 132 
DT "C2'" "H2''" sing N N 133 
DT "C1'" N1     sing N N 134 
DT "C1'" "H1'"  sing N N 135 
DT N1    C2     sing N N 136 
DT N1    C6     sing N N 137 
DT C2    O2     doub N N 138 
DT C2    N3     sing N N 139 
DT N3    C4     sing N N 140 
DT N3    H3     sing N N 141 
DT C4    O4     doub N N 142 
DT C4    C5     sing N N 143 
DT C5    C7     sing N N 144 
DT C5    C6     doub N N 145 
DT C7    H71    sing N N 146 
DT C7    H72    sing N N 147 
DT C7    H73    sing N N 148 
DT C6    H6     sing N N 149 
# 
loop_
_ndb_struct_conf_na.entry_id 
_ndb_struct_conf_na.feature 
9NNX 'double helix'        
9NNX 'b-form double helix' 
# 
loop_
_ndb_struct_na_base_pair.model_number 
_ndb_struct_na_base_pair.i_label_asym_id 
_ndb_struct_na_base_pair.i_label_comp_id 
_ndb_struct_na_base_pair.i_label_seq_id 
_ndb_struct_na_base_pair.i_symmetry 
_ndb_struct_na_base_pair.j_label_asym_id 
_ndb_struct_na_base_pair.j_label_comp_id 
_ndb_struct_na_base_pair.j_label_seq_id 
_ndb_struct_na_base_pair.j_symmetry 
_ndb_struct_na_base_pair.shear 
_ndb_struct_na_base_pair.stretch 
_ndb_struct_na_base_pair.stagger 
_ndb_struct_na_base_pair.buckle 
_ndb_struct_na_base_pair.propeller 
_ndb_struct_na_base_pair.opening 
_ndb_struct_na_base_pair.pair_number 
_ndb_struct_na_base_pair.pair_name 
_ndb_struct_na_base_pair.i_auth_asym_id 
_ndb_struct_na_base_pair.i_auth_seq_id 
_ndb_struct_na_base_pair.i_PDB_ins_code 
_ndb_struct_na_base_pair.j_auth_asym_id 
_ndb_struct_na_base_pair.j_auth_seq_id 
_ndb_struct_na_base_pair.j_PDB_ins_code 
_ndb_struct_na_base_pair.hbond_type_28 
_ndb_struct_na_base_pair.hbond_type_12 
1 A DA 1  1_555 B DT 8  1_555 0.090  -0.135 -0.178 -1.483 0.000   0.050   1  A_DA112:DT138_B A 112 ? B 138 ? 20 1 
1 A DC 2  1_555 B DG 7  1_555 0.216  -0.153 -0.025 1.795  -3.243  -2.880  2  A_DC113:DG137_B A 113 ? B 137 ? 19 1 
1 A DG 3  1_555 B DC 6  1_555 -0.172 -0.123 -0.099 0.182  -6.555  -1.863  3  A_DG114:DC136_B A 114 ? B 136 ? 19 1 
1 A DG 4  1_555 B DC 5  1_555 -0.026 -0.131 0.071  8.822  -3.958  1.986   4  A_DG115:DC135_B A 115 ? B 135 ? 19 1 
1 A DA 5  1_555 C DT 6  1_555 -0.136 1.213  0.355  -0.702 -3.801  -42.077 5  A_DA116:DT208_D A 116 ? D 208 ? ?  ? 
1 A DC 6  1_555 C DG 5  1_555 0.245  -0.086 0.170  3.684  -1.238  2.149   6  A_DC117:DG207_D A 117 ? D 207 ? 19 1 
1 A DA 7  1_555 C DT 4  1_555 0.009  -0.173 -0.099 -4.963 -6.237  8.127   7  A_DA118:DT206_D A 118 ? D 206 ? 20 1 
1 A DT 8  1_555 C DA 3  1_555 -0.022 -0.250 -0.572 0.622  -1.140  3.193   8  A_DT119:DA205_D A 119 ? D 205 ? 20 1 
1 B DC 1  1_555 D DG 13 1_555 0.173  -0.108 0.206  -1.556 -2.347  -0.646  9  B_DC131:DG111_X B 131 ? X 111 ? 19 1 
1 B DA 2  1_555 D DT 12 1_555 0.076  -0.077 -0.186 -4.549 -0.097  -0.920  10 B_DA132:DT110_X B 132 ? X 110 ? 20 1 
1 B DC 3  1_555 D DG 11 1_555 0.259  -0.147 -0.010 -1.137 0.629   2.082   11 B_DC133:DG109_X B 133 ? X 109 ? 19 1 
1 B DA 4  1_555 D DT 10 1_555 0.126  -0.228 -0.353 1.802  -1.327  3.859   12 B_DA134:DT108_X B 134 ? X 108 ? 20 1 
1 C DG 7  1_555 D DC 9  1_555 -0.297 -0.099 0.040  -2.498 -8.981  3.977   13 D_DG209:DC107_X D 209 ? X 107 ? 19 1 
1 C DC 8  1_555 D DG 8  1_555 -2.730 0.686  0.149  -0.716 -11.967 13.672  14 D_DC210:DG106_X D 210 ? X 106 ? ?  ? 
1 C DT 9  1_555 D DA 7  1_555 -0.267 -0.164 0.246  1.847  -6.450  -7.653  15 D_DT211:DA105_X D 211 ? X 105 ? 20 1 
1 C DG 10 1_555 D DC 6  1_555 -0.213 -0.184 -0.187 -0.747 -0.998  -3.931  16 D_DG212:DC104_X D 212 ? X 104 ? 19 1 
1 C DT 12 1_555 D DA 4  1_555 -0.066 -0.051 0.361  -0.317 -7.444  -2.048  17 D_DT214:DA102_X D 214 ? X 102 ? 20 1 
1 C DG 13 1_555 D DC 3  1_555 -0.193 -0.092 -0.142 -5.601 -1.400  -1.648  18 D_DG215:DC101_X D 215 ? X 101 ? 19 1 
# 
loop_
_ndb_struct_na_base_pair_step.model_number 
_ndb_struct_na_base_pair_step.i_label_asym_id_1 
_ndb_struct_na_base_pair_step.i_label_comp_id_1 
_ndb_struct_na_base_pair_step.i_label_seq_id_1 
_ndb_struct_na_base_pair_step.i_symmetry_1 
_ndb_struct_na_base_pair_step.j_label_asym_id_1 
_ndb_struct_na_base_pair_step.j_label_comp_id_1 
_ndb_struct_na_base_pair_step.j_label_seq_id_1 
_ndb_struct_na_base_pair_step.j_symmetry_1 
_ndb_struct_na_base_pair_step.i_label_asym_id_2 
_ndb_struct_na_base_pair_step.i_label_comp_id_2 
_ndb_struct_na_base_pair_step.i_label_seq_id_2 
_ndb_struct_na_base_pair_step.i_symmetry_2 
_ndb_struct_na_base_pair_step.j_label_asym_id_2 
_ndb_struct_na_base_pair_step.j_label_comp_id_2 
_ndb_struct_na_base_pair_step.j_label_seq_id_2 
_ndb_struct_na_base_pair_step.j_symmetry_2 
_ndb_struct_na_base_pair_step.shift 
_ndb_struct_na_base_pair_step.slide 
_ndb_struct_na_base_pair_step.rise 
_ndb_struct_na_base_pair_step.tilt 
_ndb_struct_na_base_pair_step.roll 
_ndb_struct_na_base_pair_step.twist 
_ndb_struct_na_base_pair_step.x_displacement 
_ndb_struct_na_base_pair_step.y_displacement 
_ndb_struct_na_base_pair_step.helical_rise 
_ndb_struct_na_base_pair_step.inclination 
_ndb_struct_na_base_pair_step.tip 
_ndb_struct_na_base_pair_step.helical_twist 
_ndb_struct_na_base_pair_step.step_number 
_ndb_struct_na_base_pair_step.step_name 
_ndb_struct_na_base_pair_step.i_auth_asym_id_1 
_ndb_struct_na_base_pair_step.i_auth_seq_id_1 
_ndb_struct_na_base_pair_step.i_PDB_ins_code_1 
_ndb_struct_na_base_pair_step.j_auth_asym_id_1 
_ndb_struct_na_base_pair_step.j_auth_seq_id_1 
_ndb_struct_na_base_pair_step.j_PDB_ins_code_1 
_ndb_struct_na_base_pair_step.i_auth_asym_id_2 
_ndb_struct_na_base_pair_step.i_auth_seq_id_2 
_ndb_struct_na_base_pair_step.i_PDB_ins_code_2 
_ndb_struct_na_base_pair_step.j_auth_asym_id_2 
_ndb_struct_na_base_pair_step.j_auth_seq_id_2 
_ndb_struct_na_base_pair_step.j_PDB_ins_code_2 
1 A DA 1  1_555 B DT 8  1_555 A DC 2  1_555 B DG 7  1_555 -0.608 -0.433 3.141 -1.998  3.178   27.578 -1.631 0.805  3.107 6.628   
4.166  27.827 1  AA_DA112DC113:DG137DT138_BB A 112 ? B 138 ? A 113 ? B 137 ? 
1 A DC 2  1_555 B DG 7  1_555 A DG 3  1_555 B DC 6  1_555 0.518  1.726  3.290 3.589   -0.096  38.372 2.628  -0.336 3.319 -0.146  
-5.446 38.533 2  AA_DC113DG114:DC136DG137_BB A 113 ? B 137 ? A 114 ? B 136 ? 
1 A DG 3  1_555 B DC 6  1_555 A DG 4  1_555 B DC 5  1_555 1.058  -0.594 3.283 -2.363  -10.556 29.202 0.962  -2.437 3.205 -20.088 
4.496  31.100 3  AA_DG114DG115:DC135DC136_BB A 114 ? B 136 ? A 115 ? B 135 ? 
1 A DG 4  1_555 B DC 5  1_555 A DA 5  1_555 C DT 6  1_555 -4.126 -0.802 2.788 -16.822 3.213   35.199 -1.637 3.890  4.182 4.967   
26.004 39.025 4  AA_DG115DA116:DT208DC135_DB A 115 ? B 135 ? A 116 ? D 208 ? 
1 A DA 5  1_555 C DT 6  1_555 A DC 6  1_555 C DG 5  1_555 2.603  -1.401 3.074 1.426   4.214   36.879 -2.724 -3.910 2.996 6.631   
-2.244 37.137 5  AA_DA116DC117:DG207DT208_DD A 116 ? D 208 ? A 117 ? D 207 ? 
1 A DC 6  1_555 C DG 5  1_555 A DA 7  1_555 C DT 4  1_555 -1.148 0.003  3.372 -4.405  -4.536  39.774 0.543  1.144  3.453 -6.617  
6.426  40.254 6  AA_DC117DA118:DT206DG207_DD A 117 ? D 207 ? A 118 ? D 206 ? 
1 A DA 7  1_555 C DT 4  1_555 A DT 8  1_555 C DA 3  1_555 -0.396 -1.234 3.406 -0.405  -0.862  20.733 -3.033 0.914  3.461 -2.395  
1.125  20.755 7  AA_DA118DT119:DA205DT206_DD A 118 ? D 206 ? A 119 ? D 205 ? 
1 B DC 1  1_555 D DG 13 1_555 B DA 2  1_555 D DT 12 1_555 -1.002 -0.332 3.373 -7.151  18.899  39.521 -2.286 0.634  3.051 25.993  
9.835  44.203 8  BB_DC131DA132:DT110DG111_XX B 131 ? X 111 ? B 132 ? X 110 ? 
1 B DA 2  1_555 D DT 12 1_555 B DC 3  1_555 D DG 11 1_555 -0.283 -1.442 3.364 -5.767  2.099   24.555 -3.914 -1.063 3.212 4.840   
13.296 25.299 9  BB_DA132DC133:DG109DT110_XX B 132 ? X 110 ? B 133 ? X 109 ? 
1 B DC 3  1_555 D DG 11 1_555 B DA 4  1_555 D DT 10 1_555 -0.550 -0.408 3.301 -3.934  3.404   34.018 -1.227 0.309  3.287 5.777   
6.676  34.402 10 BB_DC133DA134:DT108DG109_XX B 133 ? X 109 ? B 134 ? X 108 ? 
1 B DA 4  1_555 D DT 10 1_555 C DG 7  1_555 D DC 9  1_555 0.827  -1.085 3.166 -5.110  1.805   36.563 -1.942 -1.955 2.973 2.857   
8.091  36.949 11 BD_DA134DG209:DC107DT108_XX B 134 ? X 108 ? D 209 ? X 107 ? 
1 C DG 7  1_555 D DC 9  1_555 C DC 8  1_555 D DG 8  1_555 -0.460 -0.862 3.003 2.234   -5.532  29.280 -0.595 1.328  3.067 -10.802 
-4.362 29.868 12 DD_DG209DC210:DG106DC107_XX D 209 ? X 107 ? D 210 ? X 106 ? 
1 C DC 8  1_555 D DG 8  1_555 C DT 9  1_555 D DA 7  1_555 -1.399 -0.343 3.295 -4.537  -9.494  42.991 0.469  1.418  3.416 -12.728 
6.082  44.201 13 DD_DC210DT211:DA105DG106_XX D 210 ? X 106 ? D 211 ? X 105 ? 
1 C DT 9  1_555 D DA 7  1_555 C DG 10 1_555 D DC 6  1_555 0.155  -0.473 3.145 3.999   0.321   37.055 -0.781 0.268  3.140 0.503   
-6.270 37.264 14 DD_DT211DG212:DC104DA105_XX D 211 ? X 105 ? D 212 ? X 104 ? 
1 C DG 10 1_555 D DC 6  1_555 C DT 12 1_555 D DA 4  1_555 -0.356 0.132  7.157 5.554   -4.997  64.546 0.580  0.839  7.083 -4.663  
-5.183 64.930 15 DD_DG212DT214:DA102DC104_XX D 212 ? X 104 ? D 214 ? X 102 ? 
1 C DT 12 1_555 D DA 4  1_555 C DG 13 1_555 D DC 3  1_555 0.350  -0.075 3.367 2.151   -1.038  34.999 0.037  -0.248 3.382 -1.724  
-3.571 35.078 16 DD_DT214DG215:DC101DA102_XX D 214 ? X 102 ? D 215 ? X 101 ? 
# 
loop_
_pdbx_audit_support.funding_organization 
_pdbx_audit_support.country 
_pdbx_audit_support.grant_number 
_pdbx_audit_support.ordinal 
'Office of Naval Research (ONR)'                   'United States' N000141912596 1 
'Department of Energy (DOE, United States)'        'United States' DE-SC0007991  2 
'National Science Foundation (NSF, United States)' 'United States' CCF-2106790   3 
'National Science Foundation (NSF, United States)' 'United States' GCR-2317843   4 
# 
_pdbx_initial_refinement_model.id               1 
_pdbx_initial_refinement_model.entity_id_list   ? 
_pdbx_initial_refinement_model.type             'experimental model' 
_pdbx_initial_refinement_model.source_name      PDB 
_pdbx_initial_refinement_model.accession_code   8D93 
_pdbx_initial_refinement_model.details          'tensegrity triangle' 
# 
_space_group.name_H-M_alt     'P 63' 
_space_group.name_Hall        'P 6c' 
_space_group.IT_number        173 
_space_group.crystal_system   hexagonal 
_space_group.id               1 
# 
_atom_sites.entry_id                    9NNX 
_atom_sites.Cartn_transf_matrix[1][1]   ? 
_atom_sites.Cartn_transf_matrix[1][2]   ? 
_atom_sites.Cartn_transf_matrix[1][3]   ? 
_atom_sites.Cartn_transf_matrix[2][1]   ? 
_atom_sites.Cartn_transf_matrix[2][2]   ? 
_atom_sites.Cartn_transf_matrix[2][3]   ? 
_atom_sites.Cartn_transf_matrix[3][1]   ? 
_atom_sites.Cartn_transf_matrix[3][2]   ? 
_atom_sites.Cartn_transf_matrix[3][3]   ? 
_atom_sites.Cartn_transf_vector[1]      ? 
_atom_sites.Cartn_transf_vector[2]      ? 
_atom_sites.Cartn_transf_vector[3]      ? 
_atom_sites.Cartn_transform_axes        ? 
_atom_sites.fract_transf_matrix[1][1]   0.00384407 
_atom_sites.fract_transf_matrix[1][2]   -0.00764992 
_atom_sites.fract_transf_matrix[1][3]   -0.00198403 
_atom_sites.fract_transf_matrix[2][1]   0.00750756 
_atom_sites.fract_transf_matrix[2][2]   -0.00229889 
_atom_sites.fract_transf_matrix[2][3]   0.00394723 
_atom_sites.fract_transf_matrix[3][1]   -0.01021946 
_atom_sites.fract_transf_matrix[3][2]   -0.00884093 
_atom_sites.fract_transf_matrix[3][3]   0.01428819 
_atom_sites.fract_transf_vector[1]      0.426047 
_atom_sites.fract_transf_vector[2]      -0.135191 
_atom_sites.fract_transf_vector[3]      -0.027855 
_atom_sites.solution_primary            ? 
_atom_sites.solution_secondary          ? 
_atom_sites.solution_hydrogens          ? 
_atom_sites.special_details             ? 
# 
loop_
_atom_type.symbol 
_atom_type.scat_dispersion_real 
_atom_type.scat_dispersion_imag 
_atom_type.scat_Cromer_Mann_a1 
_atom_type.scat_Cromer_Mann_a2 
_atom_type.scat_Cromer_Mann_a3 
_atom_type.scat_Cromer_Mann_a4 
_atom_type.scat_Cromer_Mann_b1 
_atom_type.scat_Cromer_Mann_b2 
_atom_type.scat_Cromer_Mann_b3 
_atom_type.scat_Cromer_Mann_b4 
_atom_type.scat_Cromer_Mann_c 
_atom_type.scat_source 
_atom_type.scat_dispersion_source 
C ? ? 5.96793  ? ? ? 14.89577 ? ? ? 0.0 
;1-Gaussian fit: Grosse-Kunstleve RW, Sauter NK, Adams PD: Newsletter of the IUCr Commission on Crystallographic Computing 2004, 3, 22-31.
;
? 
N ? ? 6.96715  ? ? ? 11.43723 ? ? ? 0.0 
;1-Gaussian fit: Grosse-Kunstleve RW, Sauter NK, Adams PD: Newsletter of the IUCr Commission on Crystallographic Computing 2004, 3, 22-31.
;
? 
O ? ? 7.96527  ? ? ? 9.05267  ? ? ? 0.0 
;1-Gaussian fit: Grosse-Kunstleve RW, Sauter NK, Adams PD: Newsletter of the IUCr Commission on Crystallographic Computing 2004, 3, 22-31.
;
? 
P ? ? 14.90797 ? ? ? 11.91318 ? ? ? 0.0 
;1-Gaussian fit: Grosse-Kunstleve RW, Sauter NK, Adams PD: Newsletter of the IUCr Commission on Crystallographic Computing 2004, 3, 22-31.
;
? 
# 
loop_
_atom_site.group_PDB 
_atom_site.id 
_atom_site.type_symbol 
_atom_site.label_atom_id 
_atom_site.label_alt_id 
_atom_site.label_comp_id 
_atom_site.label_asym_id 
_atom_site.label_entity_id 
_atom_site.label_seq_id 
_atom_site.pdbx_PDB_ins_code 
_atom_site.Cartn_x 
_atom_site.Cartn_y 
_atom_site.Cartn_z 
_atom_site.occupancy 
_atom_site.B_iso_or_equiv 
_atom_site.pdbx_formal_charge 
_atom_site.auth_seq_id 
_atom_site.auth_comp_id 
_atom_site.auth_asym_id 
_atom_site.auth_atom_id 
_atom_site.pdbx_PDB_model_num 
ATOM 1   P P     . DA A 1 1  ? -19.95265 -0.73803  -9.42700  1.000 340.39273 ? 112 DA A P     1 
ATOM 2   O OP1   . DA A 1 1  ? -19.84625 -0.20455  -10.80342 1.000 334.32198 ? 112 DA A OP1   1 
ATOM 3   O OP2   . DA A 1 1  ? -19.05607 -0.23058  -8.36544  1.000 348.54195 ? 112 DA A OP2   1 
ATOM 4   O "O5'" . DA A 1 1  ? -19.80476 -2.32959  -9.47944  1.000 339.60202 ? 112 DA A "O5'" 1 
ATOM 5   C "C5'" . DA A 1 1  ? -20.45055 -3.14060  -8.50221  1.000 338.03812 ? 112 DA A "C5'" 1 
ATOM 6   C "C4'" . DA A 1 1  ? -19.43180 -3.83503  -7.61441  1.000 347.14757 ? 112 DA A "C4'" 1 
ATOM 7   O "O4'" . DA A 1 1  ? -18.35787 -4.34265  -8.42642  1.000 351.18287 ? 112 DA A "O4'" 1 
ATOM 8   C "C3'" . DA A 1 1  ? -18.75390 -2.93572  -6.58304  1.000 353.33835 ? 112 DA A "C3'" 1 
ATOM 9   O "O3'" . DA A 1 1  ? -19.40078 -3.02191  -5.28367  1.000 350.56590 ? 112 DA A "O3'" 1 
ATOM 10  C "C2'" . DA A 1 1  ? -17.29081 -3.42074  -6.53800  1.000 363.43512 ? 112 DA A "C2'" 1 
ATOM 11  C "C1'" . DA A 1 1  ? -17.22829 -4.51770  -7.60781  1.000 359.73550 ? 112 DA A "C1'" 1 
ATOM 12  N N9    . DA A 1 1  ? -16.02609 -4.44852  -8.44023  1.000 359.50667 ? 112 DA A N9    1 
ATOM 13  C C8    . DA A 1 1  ? -15.33135 -3.32178  -8.78059  1.000 358.78529 ? 112 DA A C8    1 
ATOM 14  N N7    . DA A 1 1  ? -14.28608 -3.55011  -9.53921  1.000 354.03620 ? 112 DA A N7    1 
ATOM 15  C C5    . DA A 1 1  ? -14.28844 -4.92443  -9.70658  1.000 352.89302 ? 112 DA A C5    1 
ATOM 16  C C6    . DA A 1 1  ? -13.43108 -5.79119  -10.40977 1.000 347.47559 ? 112 DA A C6    1 
ATOM 17  N N6    . DA A 1 1  ? -12.36639 -5.37057  -11.10014 1.000 340.66325 ? 112 DA A N6    1 
ATOM 18  N N1    . DA A 1 1  ? -13.71251 -7.11074  -10.37590 1.000 348.50454 ? 112 DA A N1    1 
ATOM 19  C C2    . DA A 1 1  ? -14.78040 -7.52579  -9.68267  1.000 353.79408 ? 112 DA A C2    1 
ATOM 20  N N3    . DA A 1 1  ? -15.65840 -6.80563  -8.98243  1.000 357.29602 ? 112 DA A N3    1 
ATOM 21  C C4    . DA A 1 1  ? -15.35282 -5.49751  -9.03673  1.000 357.01117 ? 112 DA A C4    1 
ATOM 22  P P     . DC A 1 2  ? -19.99130 -4.40190  -4.68646  1.000 334.58505 ? 113 DC A P     1 
ATOM 23  O OP1   . DC A 1 2  ? -21.26205 -4.73339  -5.37025  1.000 325.44828 ? 113 DC A OP1   1 
ATOM 24  O OP2   . DC A 1 2  ? -20.02538 -4.20788  -3.21966  1.000 337.15866 ? 113 DC A OP2   1 
ATOM 25  O "O5'" . DC A 1 2  ? -18.87042 -5.51539  -4.99078  1.000 340.52569 ? 113 DC A "O5'" 1 
ATOM 26  C "C5'" . DC A 1 2  ? -19.25257 -6.81004  -5.48496  1.000 338.18638 ? 113 DC A "C5'" 1 
ATOM 27  C "C4'" . DC A 1 2  ? -18.36830 -7.91893  -4.91514  1.000 344.34353 ? 113 DC A "C4'" 1 
ATOM 28  O "O4'" . DC A 1 2  ? -17.13840 -8.03397  -5.68395  1.000 351.11673 ? 113 DC A "O4'" 1 
ATOM 29  C "C3'" . DC A 1 2  ? -17.93935 -7.74285  -3.45935  1.000 349.65835 ? 113 DC A "C3'" 1 
ATOM 30  O "O3'" . DC A 1 2  ? -17.96394 -9.00079  -2.79815  1.000 351.76651 ? 113 DC A "O3'" 1 
ATOM 31  C "C2'" . DC A 1 2  ? -16.51318 -7.21677  -3.58818  1.000 357.28821 ? 113 DC A "C2'" 1 
ATOM 32  C "C1'" . DC A 1 2  ? -16.02653 -7.97677  -4.81158  1.000 358.73319 ? 113 DC A "C1'" 1 
ATOM 33  N N1    . DC A 1 2  ? -14.91986 -7.29497  -5.52720  1.000 360.98985 ? 113 DC A N1    1 
ATOM 34  C C2    . DC A 1 2  ? -13.99513 -8.04556  -6.26796  1.000 361.18904 ? 113 DC A C2    1 
ATOM 35  O O2    . DC A 1 2  ? -14.10771 -9.27952  -6.30565  1.000 361.55858 ? 113 DC A O2    1 
ATOM 36  N N3    . DC A 1 2  ? -13.00070 -7.39334  -6.92258  1.000 359.21980 ? 113 DC A N3    1 
ATOM 37  C C4    . DC A 1 2  ? -12.91872 -6.06212  -6.85428  1.000 359.01245 ? 113 DC A C4    1 
ATOM 38  N N4    . DC A 1 2  ? -11.92644 -5.45750  -7.51156  1.000 355.33294 ? 113 DC A N4    1 
ATOM 39  C C5    . DC A 1 2  ? -13.85166 -5.28824  -6.10691  1.000 360.94146 ? 113 DC A C5    1 
ATOM 40  C C6    . DC A 1 2  ? -14.82480 -5.93844  -5.46827  1.000 360.85021 ? 113 DC A C6    1 
ATOM 41  P P     . DG A 1 3  ? -18.75385 -9.16789  -1.41013  1.000 344.82974 ? 114 DG A P     1 
ATOM 42  O OP1   . DG A 1 3  ? -20.20157 -9.05019  -1.70114  1.000 335.29171 ? 114 DG A OP1   1 
ATOM 43  O OP2   . DG A 1 3  ? -18.10999 -8.26144  -0.43350  1.000 349.88922 ? 114 DG A OP2   1 
ATOM 44  O "O5'" . DG A 1 3  ? -18.43061 -10.66707 -0.95627  1.000 348.66960 ? 114 DG A "O5'" 1 
ATOM 45  C "C5'" . DG A 1 3  ? -17.19105 -10.96627 -0.33152  1.000 356.47989 ? 114 DG A "C5'" 1 
ATOM 46  C "C4'" . DG A 1 3  ? -16.43666 -12.02593 -1.11025  1.000 363.17044 ? 114 DG A "C4'" 1 
ATOM 47  O "O4'" . DG A 1 3  ? -15.73875 -11.40315 -2.21973  1.000 367.37769 ? 114 DG A "O4'" 1 
ATOM 48  C "C3'" . DG A 1 3  ? -15.36186 -12.75145 -0.32012  1.000 370.93913 ? 114 DG A "C3'" 1 
ATOM 49  O "O3'" . DG A 1 3  ? -15.14797 -14.04290 -0.87241  1.000 375.93865 ? 114 DG A "O3'" 1 
ATOM 50  C "C2'" . DG A 1 3  ? -14.15553 -11.84745 -0.52603  1.000 376.25440 ? 114 DG A "C2'" 1 
ATOM 51  C "C1'" . DG A 1 3  ? -14.34403 -11.40049 -1.97290  1.000 374.76796 ? 114 DG A "C1'" 1 
ATOM 52  N N9    . DG A 1 3  ? -13.83783 -10.05748 -2.22136  1.000 376.15181 ? 114 DG A N9    1 
ATOM 53  C C8    . DG A 1 3  ? -14.30371 -8.89484  -1.66418  1.000 373.55790 ? 114 DG A C8    1 
ATOM 54  N N7    . DG A 1 3  ? -13.66110 -7.83513  -2.05911  1.000 376.10905 ? 114 DG A N7    1 
ATOM 55  C C5    . DG A 1 3  ? -12.70376 -8.32288  -2.93619  1.000 378.88250 ? 114 DG A C5    1 
ATOM 56  C C6    . DG A 1 3  ? -11.71699 -7.63159  -3.67479  1.000 379.41183 ? 114 DG A C6    1 
ATOM 57  O O6    . DG A 1 3  ? -11.49509 -6.41469  -3.69387  1.000 379.24966 ? 114 DG A O6    1 
ATOM 58  N N1    . DG A 1 3  ? -10.94380 -8.49702  -4.44589  1.000 378.36424 ? 114 DG A N1    1 
ATOM 59  C C2    . DG A 1 3  ? -11.10770 -9.86191  -4.49630  1.000 378.87720 ? 114 DG A C2    1 
ATOM 60  N N2    . DG A 1 3  ? -10.26398 -10.53256 -5.29916  1.000 376.51188 ? 114 DG A N2    1 
ATOM 61  N N3    . DG A 1 3  ? -12.03402 -10.52585 -3.80558  1.000 379.98910 ? 114 DG A N3    1 
ATOM 62  C C4    . DG A 1 3  ? -12.79335 -9.69185  -3.04860  1.000 379.05411 ? 114 DG A C4    1 
ATOM 63  P P     . DG A 1 4  ? -14.28211 -15.13940 -0.07729  1.000 369.69185 ? 115 DG A P     1 
ATOM 64  O OP1   . DG A 1 4  ? -15.15041 -16.30945 0.17138   1.000 373.45547 ? 115 DG A OP1   1 
ATOM 65  O OP2   . DG A 1 4  ? -13.59943 -14.47402 1.05545   1.000 375.42773 ? 115 DG A OP2   1 
ATOM 66  O "O5'" . DG A 1 4  ? -13.17751 -15.57510 -1.14047  1.000 373.63807 ? 115 DG A "O5'" 1 
ATOM 67  C "C5'" . DG A 1 4  ? -12.89122 -14.72537 -2.23816  1.000 372.41692 ? 115 DG A "C5'" 1 
ATOM 68  C "C4'" . DG A 1 4  ? -11.47675 -14.19445 -2.13969  1.000 376.64537 ? 115 DG A "C4'" 1 
ATOM 69  O "O4'" . DG A 1 4  ? -11.48207 -12.74526 -2.07165  1.000 374.76802 ? 115 DG A "O4'" 1 
ATOM 70  C "C3'" . DG A 1 4  ? -10.69077 -14.66505 -0.90260  1.000 382.31390 ? 115 DG A "C3'" 1 
ATOM 71  O "O3'" . DG A 1 4  ? -9.55384  -15.41313 -1.30995  1.000 385.92585 ? 115 DG A "O3'" 1 
ATOM 72  C "C2'" . DG A 1 4  ? -10.27802 -13.35636 -0.21081  1.000 382.85115 ? 115 DG A "C2'" 1 
ATOM 73  C "C1'" . DG A 1 4  ? -10.32803 -12.38253 -1.37439  1.000 379.34362 ? 115 DG A "C1'" 1 
ATOM 74  N N9    . DG A 1 4  ? -10.36492 -10.97061 -0.97824  1.000 378.65575 ? 115 DG A N9    1 
ATOM 75  C C8    . DG A 1 4  ? -11.11776 -10.39760 0.01773   1.000 377.05268 ? 115 DG A C8    1 
ATOM 76  N N7    . DG A 1 4  ? -10.90073 -9.11522  0.15728   1.000 377.13638 ? 115 DG A N7    1 
ATOM 77  C C5    . DG A 1 4  ? -9.92966  -8.82745  -0.79990  1.000 378.49206 ? 115 DG A C5    1 
ATOM 78  C C6    . DG A 1 4  ? -9.28872  -7.60427  -1.12695  1.000 378.30902 ? 115 DG A C6    1 
ATOM 79  O O6    . DG A 1 4  ? -9.46110  -6.49045  -0.61974  1.000 378.30543 ? 115 DG A O6    1 
ATOM 80  N N1    . DG A 1 4  ? -8.36619  -7.76168  -2.17012  1.000 376.55363 ? 115 DG A N1    1 
ATOM 81  C C2    . DG A 1 4  ? -8.11054  -8.94967  -2.79789  1.000 375.42012 ? 115 DG A C2    1 
ATOM 82  N N2    . DG A 1 4  ? -7.17949  -8.93642  -3.76410  1.000 370.98083 ? 115 DG A N2    1 
ATOM 83  N N3    . DG A 1 4  ? -8.70220  -10.08461 -2.49553  1.000 377.23441 ? 115 DG A N3    1 
ATOM 84  C C4    . DG A 1 4  ? -9.58906  -9.95864  -1.49249  1.000 378.69111 ? 115 DG A C4    1 
ATOM 85  P P     . DA A 1 5  ? -9.39109  -16.95113 -0.87605  1.000 381.34484 ? 116 DA A P     1 
ATOM 86  O OP1   . DA A 1 5  ? -10.68858 -17.62346 -1.11531  1.000 378.53856 ? 116 DA A OP1   1 
ATOM 87  O OP2   . DA A 1 5  ? -8.78647  -16.97020 0.47542   1.000 387.83255 ? 116 DA A OP2   1 
ATOM 88  O "O5'" . DA A 1 5  ? -8.31805  -17.53200 -1.91498  1.000 382.01907 ? 116 DA A "O5'" 1 
ATOM 89  C "C5'" . DA A 1 5  ? -6.95146  -17.13018 -1.83713  1.000 384.59013 ? 116 DA A "C5'" 1 
ATOM 90  C "C4'" . DA A 1 5  ? -6.38424  -16.86330 -3.22279  1.000 378.31586 ? 116 DA A "C4'" 1 
ATOM 91  O "O4'" . DA A 1 5  ? -7.12458  -15.78348 -3.84885  1.000 372.32788 ? 116 DA A "O4'" 1 
ATOM 92  C "C3'" . DA A 1 5  ? -4.92409  -16.42795 -3.24403  1.000 378.09946 ? 116 DA A "C3'" 1 
ATOM 93  O "O3'" . DA A 1 5  ? -4.08931  -17.55407 -3.42050  1.000 382.14209 ? 116 DA A "O3'" 1 
ATOM 94  C "C2'" . DA A 1 5  ? -4.86204  -15.50977 -4.45593  1.000 368.78510 ? 116 DA A "C2'" 1 
ATOM 95  C "C1'" . DA A 1 5  ? -6.22847  -14.84284 -4.41503  1.000 367.72283 ? 116 DA A "C1'" 1 
ATOM 96  N N9    . DA A 1 5  ? -6.27996  -13.61394 -3.61722  1.000 370.47304 ? 116 DA A N9    1 
ATOM 97  C C8    . DA A 1 5  ? -7.27438  -13.24888 -2.75977  1.000 373.67392 ? 116 DA A C8    1 
ATOM 98  N N7    . DA A 1 5  ? -7.07217  -12.09880 -2.17303  1.000 376.03346 ? 116 DA A N7    1 
ATOM 99  C C5    . DA A 1 5  ? -5.87343  -11.65457 -2.69558  1.000 374.00259 ? 116 DA A C5    1 
ATOM 100 C C6    . DA A 1 5  ? -5.11284  -10.48791 -2.46497  1.000 374.50291 ? 116 DA A C6    1 
ATOM 101 N N6    . DA A 1 5  ? -5.49097  -9.52370  -1.61679  1.000 377.78368 ? 116 DA A N6    1 
ATOM 102 N N1    . DA A 1 5  ? -3.95194  -10.35695 -3.13208  1.000 369.71977 ? 116 DA A N1    1 
ATOM 103 C C2    . DA A 1 5  ? -3.57956  -11.33246 -3.96943  1.000 364.50615 ? 116 DA A C2    1 
ATOM 104 N N3    . DA A 1 5  ? -4.20488  -12.47480 -4.26368  1.000 364.33675 ? 116 DA A N3    1 
ATOM 105 C C4    . DA A 1 5  ? -5.35848  -12.57799 -3.58426  1.000 369.23920 ? 116 DA A C4    1 
ATOM 106 P P     . DC A 1 6  ? -2.77557  -17.73775 -2.51441  1.000 387.03088 ? 117 DC A P     1 
ATOM 107 O OP1   . DC A 1 6  ? -1.87225  -18.65460 -3.24351  1.000 390.28999 ? 117 DC A OP1   1 
ATOM 108 O OP2   . DC A 1 6  ? -3.21327  -18.05323 -1.13714  1.000 394.00583 ? 117 DC A OP2   1 
ATOM 109 O "O5'" . DC A 1 6  ? -2.10514  -16.28727 -2.48652  1.000 384.35219 ? 117 DC A "O5'" 1 
ATOM 110 C "C5'" . DC A 1 6  ? -1.06069  -15.97146 -3.39315  1.000 382.57770 ? 117 DC A "C5'" 1 
ATOM 111 C "C4'" . DC A 1 6  ? -0.66478  -14.51751 -3.25858  1.000 379.70286 ? 117 DC A "C4'" 1 
ATOM 112 O "O4'" . DC A 1 6  ? -1.83249  -13.73368 -2.87175  1.000 374.34085 ? 117 DC A "O4'" 1 
ATOM 113 C "C3'" . DC A 1 6  ? 0.37918   -14.22713 -2.17829  1.000 388.87507 ? 117 DC A "C3'" 1 
ATOM 114 O "O3'" . DC A 1 6  ? 1.10154   -13.06778 -2.54952  1.000 386.05690 ? 117 DC A "O3'" 1 
ATOM 115 C "C2'" . DC A 1 6  ? -0.51361  -13.92852 -0.98801  1.000 390.60962 ? 117 DC A "C2'" 1 
ATOM 116 C "C1'" . DC A 1 6  ? -1.50993  -13.03432 -1.69231  1.000 379.68196 ? 117 DC A "C1'" 1 
ATOM 117 N N1    . DC A 1 6  ? -2.75108  -12.70829 -0.91522  1.000 379.89264 ? 117 DC A N1    1 
ATOM 118 C C2    . DC A 1 6  ? -2.83194  -11.46673 -0.28441  1.000 381.37653 ? 117 DC A C2    1 
ATOM 119 O O2    . DC A 1 6  ? -1.87306  -10.69215 -0.38832  1.000 379.77397 ? 117 DC A O2    1 
ATOM 120 N N3    . DC A 1 6  ? -3.95106  -11.14837 0.41576   1.000 383.48340 ? 117 DC A N3    1 
ATOM 121 C C4    . DC A 1 6  ? -4.96051  -12.01999 0.48862   1.000 383.69237 ? 117 DC A C4    1 
ATOM 122 N N4    . DC A 1 6  ? -6.04588  -11.66403 1.18950   1.000 383.59154 ? 117 DC A N4    1 
ATOM 123 C C5    . DC A 1 6  ? -4.89814  -13.29819 -0.15145  1.000 383.07879 ? 117 DC A C5    1 
ATOM 124 C C6    . DC A 1 6  ? -3.78583  -13.59574 -0.84217  1.000 381.30320 ? 117 DC A C6    1 
ATOM 125 P P     . DA A 1 7  ? 2.69944   -13.00145 -2.42147  1.000 377.42055 ? 118 DA A P     1 
ATOM 126 O OP1   . DA A 1 7  ? 3.26486   -13.78279 -3.54081  1.000 376.80649 ? 118 DA A OP1   1 
ATOM 127 O OP2   . DA A 1 7  ? 3.07474   -13.30697 -1.02302  1.000 387.84760 ? 118 DA A OP2   1 
ATOM 128 O "O5'" . DA A 1 7  ? 3.01931   -11.46039 -2.68403  1.000 372.43392 ? 118 DA A "O5'" 1 
ATOM 129 C "C5'" . DA A 1 7  ? 2.09648   -10.47539 -2.25019  1.000 367.44529 ? 118 DA A "C5'" 1 
ATOM 130 C "C4'" . DA A 1 7  ? 2.80918   -9.30451  -1.60037  1.000 370.76135 ? 118 DA A "C4'" 1 
ATOM 131 O "O4'" . DA A 1 7  ? 2.02348   -8.83399  -0.48708  1.000 372.08996 ? 118 DA A "O4'" 1 
ATOM 132 C "C3'" . DA A 1 7  ? 4.13853   -9.63118  -0.96140  1.000 381.57745 ? 118 DA A "C3'" 1 
ATOM 133 O "O3'" . DA A 1 7  ? 4.82892   -8.39776  -0.68290  1.000 382.91721 ? 118 DA A "O3'" 1 
ATOM 134 C "C2'" . DA A 1 7  ? 3.68057   -10.32964 0.32072   1.000 388.75818 ? 118 DA A "C2'" 1 
ATOM 135 C "C1'" . DA A 1 7  ? 2.45182   -9.49713  0.69832   1.000 382.75321 ? 118 DA A "C1'" 1 
ATOM 136 N N9    . DA A 1 7  ? 1.31923   -10.26757 1.18665   1.000 382.81910 ? 118 DA A N9    1 
ATOM 137 C C8    . DA A 1 7  ? 0.92453   -11.51085 0.78286   1.000 382.53312 ? 118 DA A C8    1 
ATOM 138 N N7    . DA A 1 7  ? -0.16306  -11.93605 1.38158   1.000 382.73574 ? 118 DA A N7    1 
ATOM 139 C C5    . DA A 1 7  ? -0.51221  -10.89053 2.21445   1.000 383.02164 ? 118 DA A C5    1 
ATOM 140 C C6    . DA A 1 7  ? -1.57696  -10.70839 3.11652   1.000 383.67408 ? 118 DA A C6    1 
ATOM 141 N N6    . DA A 1 7  ? -2.52775  -11.62486 3.33387   1.000 384.09529 ? 118 DA A N6    1 
ATOM 142 N N1    . DA A 1 7  ? -1.62385  -9.54285  3.79234   1.000 384.29227 ? 118 DA A N1    1 
ATOM 143 C C2    . DA A 1 7  ? -0.67123  -8.63131  3.57836   1.000 384.21101 ? 118 DA A C2    1 
ATOM 144 N N3    . DA A 1 7  ? 0.36677   -8.68614  2.75504   1.000 383.57442 ? 118 DA A N3    1 
ATOM 145 C C4    . DA A 1 7  ? 0.38908   -9.85324  2.09853   1.000 383.00866 ? 118 DA A C4    1 
ATOM 146 P P     . DT A 1 8  ? 6.22016   -8.37841  0.12772   1.000 394.48463 ? 119 DT A P     1 
ATOM 147 O OP1   . DT A 1 8  ? 6.91193   -7.10884  -0.19514  1.000 392.68471 ? 119 DT A OP1   1 
ATOM 148 O OP2   . DT A 1 8  ? 6.90931   -9.66491  -0.12031  1.000 400.42187 ? 119 DT A OP2   1 
ATOM 149 O "O5'" . DT A 1 8  ? 5.76541   -8.31203  1.65985   1.000 400.90718 ? 119 DT A "O5'" 1 
ATOM 150 C "C5'" . DT A 1 8  ? 4.92006   -7.25612  2.10246   1.000 396.44629 ? 119 DT A "C5'" 1 
ATOM 151 C "C4'" . DT A 1 8  ? 4.67650   -7.35463  3.59412   1.000 404.57863 ? 119 DT A "C4'" 1 
ATOM 152 O "O4'" . DT A 1 8  ? 3.42941   -8.04030  3.84852   1.000 402.04753 ? 119 DT A "O4'" 1 
ATOM 153 C "C3'" . DT A 1 8  ? 5.74932   -8.13011  4.37376   1.000 416.78157 ? 119 DT A "C3'" 1 
ATOM 154 O "O3'" . DT A 1 8  ? 6.34998   -7.28582  5.33886   1.000 423.62474 ? 119 DT A "O3'" 1 
ATOM 155 C "C2'" . DT A 1 8  ? 4.97450   -9.27626  5.03717   1.000 420.25338 ? 119 DT A "C2'" 1 
ATOM 156 C "C1'" . DT A 1 8  ? 3.56675   -8.71300  5.06514   1.000 412.10650 ? 119 DT A "C1'" 1 
ATOM 157 N N1    . DT A 1 8  ? 2.51478   -9.74065  5.18443   1.000 410.88897 ? 119 DT A N1    1 
ATOM 158 C C2    . DT A 1 8  ? 1.44907   -9.50518  6.01317   1.000 410.76249 ? 119 DT A C2    1 
ATOM 159 O O2    . DT A 1 8  ? 1.32175   -8.48504  6.66160   1.000 411.61568 ? 119 DT A O2    1 
ATOM 160 N N3    . DT A 1 8  ? 0.53999   -10.51963 6.07797   1.000 410.16600 ? 119 DT A N3    1 
ATOM 161 C C4    . DT A 1 8  ? 0.58254   -11.72189 5.39891   1.000 409.59565 ? 119 DT A C4    1 
ATOM 162 O O4    . DT A 1 8  ? -0.29271  -12.57191 5.51791   1.000 409.30447 ? 119 DT A O4    1 
ATOM 163 C C5    . DT A 1 8  ? 1.72846   -11.90543 4.54154   1.000 409.77451 ? 119 DT A C5    1 
ATOM 164 C C7    . DT A 1 8  ? 1.88571   -13.17072 3.75220   1.000 409.64292 ? 119 DT A C7    1 
ATOM 165 C C6    . DT A 1 8  ? 2.63158   -10.91709 4.47982   1.000 410.45143 ? 119 DT A C6    1 
ATOM 166 P P     . DC B 2 1  ? -13.33072 13.43551  9.12044   1.000 383.46051 ? 131 DC B P     1 
ATOM 167 O OP1   . DC B 2 1  ? -14.27887 13.63390  7.99888   1.000 374.54850 ? 131 DC B OP1   1 
ATOM 168 O OP2   . DC B 2 1  ? -13.57739 12.37768  10.12839  1.000 397.15677 ? 131 DC B OP2   1 
ATOM 169 O "O5'" . DC B 2 1  ? -11.84905 13.25512  8.53864   1.000 378.57295 ? 131 DC B "O5'" 1 
ATOM 170 C "C5'" . DC B 2 1  ? -11.35774 11.96249  8.22336   1.000 382.26550 ? 131 DC B "C5'" 1 
ATOM 171 C "C4'" . DC B 2 1  ? -12.39754 11.16109  7.46363   1.000 380.88401 ? 131 DC B "C4'" 1 
ATOM 172 O "O4'" . DC B 2 1  ? -12.69897 11.81732  6.19820   1.000 367.77924 ? 131 DC B "O4'" 1 
ATOM 173 C "C3'" . DC B 2 1  ? -11.97294 9.74374   7.09605   1.000 385.10898 ? 131 DC B "C3'" 1 
ATOM 174 O "O3'" . DC B 2 1  ? -13.10557 8.88886   7.12334   1.000 390.63116 ? 131 DC B "O3'" 1 
ATOM 175 C "C2'" . DC B 2 1  ? -11.46116 9.93012   5.67645   1.000 372.51755 ? 131 DC B "C2'" 1 
ATOM 176 C "C1'" . DC B 2 1  ? -12.50294 10.89270  5.14910   1.000 364.03219 ? 131 DC B "C1'" 1 
ATOM 177 N N1    . DC B 2 1  ? -12.09385 11.63090  3.91994   1.000 350.75919 ? 131 DC B N1    1 
ATOM 178 C C2    . DC B 2 1  ? -12.54833 11.19815  2.66407   1.000 343.62309 ? 131 DC B C2    1 
ATOM 179 O O2    . DC B 2 1  ? -13.26893 10.19470  2.59653   1.000 348.37449 ? 131 DC B O2    1 
ATOM 180 N N3    . DC B 2 1  ? -12.17408 11.88860  1.55826   1.000 332.05872 ? 131 DC B N3    1 
ATOM 181 C C4    . DC B 2 1  ? -11.39356 12.96277  1.67844   1.000 327.76318 ? 131 DC B C4    1 
ATOM 182 N N4    . DC B 2 1  ? -11.04738 13.61476  0.56521   1.000 316.91469 ? 131 DC B N4    1 
ATOM 183 C C5    . DC B 2 1  ? -10.92800 13.41854  2.94713   1.000 334.74747 ? 131 DC B C5    1 
ATOM 184 C C6    . DC B 2 1  ? -11.30072 12.73184  4.02912   1.000 346.00829 ? 131 DC B C6    1 
ATOM 185 P P     . DA B 2 2  ? -12.92236 7.30464   7.31237   1.000 366.16684 ? 132 DA B P     1 
ATOM 186 O OP1   . DA B 2 2  ? -14.25834 6.68171   7.18118   1.000 369.59539 ? 132 DA B OP1   1 
ATOM 187 O OP2   . DA B 2 2  ? -12.12436 7.08903   8.54012   1.000 377.33611 ? 132 DA B OP2   1 
ATOM 188 O "O5'" . DA B 2 2  ? -12.02123 6.86898   6.06696   1.000 357.86677 ? 132 DA B "O5'" 1 
ATOM 189 C "C5'" . DA B 2 2  ? -11.44722 5.57927   6.03333   1.000 364.90815 ? 132 DA B "C5'" 1 
ATOM 190 C "C4'" . DA B 2 2  ? -12.13007 4.71305   4.99652   1.000 361.63426 ? 132 DA B "C4'" 1 
ATOM 191 O "O4'" . DA B 2 2  ? -12.56943 5.54320   3.89304   1.000 347.88447 ? 132 DA B "O4'" 1 
ATOM 192 C "C3'" . DA B 2 2  ? -11.22837 3.67930   4.36010   1.000 362.34130 ? 132 DA B "C3'" 1 
ATOM 193 O "O3'" . DA B 2 2  ? -12.01730 2.62662   3.79149   1.000 364.22139 ? 132 DA B "O3'" 1 
ATOM 194 C "C2'" . DA B 2 2  ? -10.52476 4.51598   3.29566   1.000 348.47809 ? 132 DA B "C2'" 1 
ATOM 195 C "C1'" . DA B 2 2  ? -11.65527 5.42962   2.81560   1.000 339.50251 ? 132 DA B "C1'" 1 
ATOM 196 N N9    . DA B 2 2  ? -11.21234 6.77386   2.44892   1.000 329.02041 ? 132 DA B N9    1 
ATOM 197 C C8    . DA B 2 2  ? -10.95874 7.80706   3.29852   1.000 330.05429 ? 132 DA B C8    1 
ATOM 198 N N7    . DA B 2 2  ? -10.57818 8.90904   2.70010   1.000 319.54927 ? 132 DA B N7    1 
ATOM 199 C C5    . DA B 2 2  ? -10.58836 8.58010   1.35962   1.000 311.01919 ? 132 DA B C5    1 
ATOM 200 C C6    . DA B 2 2  ? -10.27814 9.31836   0.20191   1.000 298.67420 ? 132 DA B C6    1 
ATOM 201 N N6    . DA B 2 2  ? -9.88749  10.59540  0.22709   1.000 292.73410 ? 132 DA B N6    1 
ATOM 202 N N1    . DA B 2 2  ? -10.38456 8.69198   -0.98563  1.000 293.02664 ? 132 DA B N1    1 
ATOM 203 C C2    . DA B 2 2  ? -10.77461 7.41102   -1.00576  1.000 299.25561 ? 132 DA B C2    1 
ATOM 204 N N3    . DA B 2 2  ? -11.09157 6.61341   0.01620   1.000 311.07010 ? 132 DA B N3    1 
ATOM 205 C C4    . DA B 2 2  ? -10.98115 7.26692   1.18215   1.000 316.51407 ? 132 DA B C4    1 
ATOM 206 P P     . DC B 2 3  ? -11.40623 1.65583   2.66274   1.000 383.69549 ? 133 DC B P     1 
ATOM 207 O OP1   . DC B 2 3  ? -12.27656 0.46123   2.57030   1.000 400.79055 ? 133 DC B OP1   1 
ATOM 208 O OP2   . DC B 2 3  ? -9.97009  1.46061   2.95993   1.000 382.52220 ? 133 DC B OP2   1 
ATOM 209 O "O5'" . DC B 2 3  ? -11.54360 2.52397   1.32252   1.000 362.42863 ? 133 DC B "O5'" 1 
ATOM 210 C "C5'" . DC B 2 3  ? -11.50144 1.90817   0.05332   1.000 355.87251 ? 133 DC B "C5'" 1 
ATOM 211 C "C4'" . DC B 2 3  ? -10.18963 2.19913   -0.65780  1.000 348.48684 ? 133 DC B "C4'" 1 
ATOM 212 O "O4'" . DC B 2 3  ? -9.90011  3.62495   -0.66715  1.000 340.16210 ? 133 DC B "O4'" 1 
ATOM 213 C "C3'" . DC B 2 3  ? -8.94402  1.52880   -0.04986  1.000 357.67304 ? 133 DC B "C3'" 1 
ATOM 214 O "O3'" . DC B 2 3  ? -8.16266  0.96815   -1.08431  1.000 353.19234 ? 133 DC B "O3'" 1 
ATOM 215 C "C2'" . DC B 2 3  ? -8.20765  2.71689   0.57061   1.000 355.71704 ? 133 DC B "C2'" 1 
ATOM 216 C "C1'" . DC B 2 3  ? -8.51472  3.74113   -0.49455  1.000 341.17605 ? 133 DC B "C1'" 1 
ATOM 217 N N1    . DC B 2 3  ? -8.12935  5.15076   -0.18314  1.000 335.75363 ? 133 DC B N1    1 
ATOM 218 C C2    . DC B 2 3  ? -7.69688  5.96296   -1.22960  1.000 323.56499 ? 133 DC B C2    1 
ATOM 219 O O2    . DC B 2 3  ? -7.66897  5.48386   -2.36906  1.000 317.65404 ? 133 DC B O2    1 
ATOM 220 N N3    . DC B 2 3  ? -7.32767  7.23846   -0.96972  1.000 318.94516 ? 133 DC B N3    1 
ATOM 221 C C4    . DC B 2 3  ? -7.37598  7.69978   0.27918   1.000 325.81851 ? 133 DC B C4    1 
ATOM 222 N N4    . DC B 2 3  ? -7.00459  8.96575   0.48986   1.000 321.04657 ? 133 DC B N4    1 
ATOM 223 C C5    . DC B 2 3  ? -7.80330  6.87980   1.36914   1.000 338.29173 ? 133 DC B C5    1 
ATOM 224 C C6    . DC B 2 3  ? -8.16524  5.62000   1.09435   1.000 342.99174 ? 133 DC B C6    1 
ATOM 225 P P     . DA B 2 4  ? -8.66445  -0.29412  -1.94021  1.000 365.62487 ? 134 DA B P     1 
ATOM 226 O OP1   . DA B 2 4  ? -10.13898 -0.41774  -1.97098  1.000 365.61661 ? 134 DA B OP1   1 
ATOM 227 O OP2   . DA B 2 4  ? -7.86592  -1.42672  -1.44099  1.000 377.34460 ? 134 DA B OP2   1 
ATOM 228 O "O5'" . DA B 2 4  ? -8.15201  0.06004   -3.40930  1.000 352.12836 ? 134 DA B "O5'" 1 
ATOM 229 C "C5'" . DA B 2 4  ? -7.88176  1.41428   -3.73780  1.000 341.67098 ? 134 DA B "C5'" 1 
ATOM 230 C "C4'" . DA B 2 4  ? -6.78864  1.52266   -4.78720  1.000 333.85592 ? 134 DA B "C4'" 1 
ATOM 231 O "O4'" . DA B 2 4  ? -6.20928  2.84570   -4.72229  1.000 327.28909 ? 134 DA B "O4'" 1 
ATOM 232 C "C3'" . DA B 2 4  ? -5.61013  0.57499   -4.61158  1.000 341.80813 ? 134 DA B "C3'" 1 
ATOM 233 O "O3'" . DA B 2 4  ? -4.94276  0.40252   -5.85805  1.000 334.18505 ? 134 DA B "O3'" 1 
ATOM 234 C "C2'" . DA B 2 4  ? -4.73487  1.34592   -3.64089  1.000 345.51123 ? 134 DA B "C2'" 1 
ATOM 235 C "C1'" . DA B 2 4  ? -4.91762  2.77246   -4.14801  1.000 333.17075 ? 134 DA B "C1'" 1 
ATOM 236 N N9    . DA B 2 4  ? -4.81797  3.76936   -3.09428  1.000 335.46624 ? 134 DA B N9    1 
ATOM 237 C C8    . DA B 2 4  ? -5.15750  3.61948   -1.77957  1.000 345.88587 ? 134 DA B C8    1 
ATOM 238 N N7    . DA B 2 4  ? -4.94704  4.69235   -1.05397  1.000 345.47158 ? 134 DA B N7    1 
ATOM 239 C C5    . DA B 2 4  ? -4.43611  5.60586   -1.95939  1.000 334.10608 ? 134 DA B C5    1 
ATOM 240 C C6    . DA B 2 4  ? -4.00813  6.93817   -1.82529  1.000 328.39245 ? 134 DA B C6    1 
ATOM 241 N N6    . DA B 2 4  ? -4.03329  7.60825   -0.66794  1.000 333.32092 ? 134 DA B N6    1 
ATOM 242 N N1    . DA B 2 4  ? -3.54870  7.55811   -2.93334  1.000 317.69894 ? 134 DA B N1    1 
ATOM 243 C C2    . DA B 2 4  ? -3.53141  6.88697   -4.08915  1.000 312.94732 ? 134 DA B C2    1 
ATOM 244 N N3    . DA B 2 4  ? -3.90057  5.63676   -4.33493  1.000 317.24405 ? 134 DA B N3    1 
ATOM 245 C C4    . DA B 2 4  ? -4.35765  5.05110   -3.22146  1.000 327.91686 ? 134 DA B C4    1 
ATOM 246 P P     . DC B 2 5  ? -5.15184  -0.93917  -6.71922  1.000 334.63384 ? 135 DC B P     1 
ATOM 247 O OP1   . DC B 2 5  ? -5.59630  -0.54538  -8.07317  1.000 321.77792 ? 135 DC B OP1   1 
ATOM 248 O OP2   . DC B 2 5  ? -5.96804  -1.86796  -5.91020  1.000 345.56955 ? 135 DC B OP2   1 
ATOM 249 O "O5'" . DC B 2 5  ? -3.68443  -1.56211  -6.85007  1.000 339.38405 ? 135 DC B "O5'" 1 
ATOM 250 C "C5'" . DC B 2 5  ? -2.96322  -1.92778  -5.68684  1.000 351.60192 ? 135 DC B "C5'" 1 
ATOM 251 C "C4'" . DC B 2 5  ? -2.30789  -3.28786  -5.85652  1.000 360.21225 ? 135 DC B "C4'" 1 
ATOM 252 O "O4'" . DC B 2 5  ? -2.62027  -4.11648  -4.71211  1.000 374.25149 ? 135 DC B "O4'" 1 
ATOM 253 C "C3'" . DC B 2 5  ? -2.79508  -4.08787  -7.04331  1.000 355.48000 ? 135 DC B "C3'" 1 
ATOM 254 O "O3'" . DC B 2 5  ? -1.83448  -5.06106  -7.39208  1.000 361.01816 ? 135 DC B "O3'" 1 
ATOM 255 C "C2'" . DC B 2 5  ? -4.05376  -4.73266  -6.48954  1.000 362.08680 ? 135 DC B "C2'" 1 
ATOM 256 C "C1'" . DC B 2 5  ? -3.66625  -5.01353  -5.04112  1.000 376.08565 ? 135 DC B "C1'" 1 
ATOM 257 N N1    . DC B 2 5  ? -4.78112  -4.79378  -4.09187  1.000 380.61514 ? 135 DC B N1    1 
ATOM 258 C C2    . DC B 2 5  ? -5.64642  -5.84211  -3.77417  1.000 389.45635 ? 135 DC B C2    1 
ATOM 259 O O2    . DC B 2 5  ? -5.46806  -6.94849  -4.28491  1.000 393.37814 ? 135 DC B O2    1 
ATOM 260 N N3    . DC B 2 5  ? -6.66129  -5.61215  -2.90773  1.000 393.87159 ? 135 DC B N3    1 
ATOM 261 C C4    . DC B 2 5  ? -6.82316  -4.40951  -2.37383  1.000 389.70244 ? 135 DC B C4    1 
ATOM 262 N N4    . DC B 2 5  ? -7.83652  -4.24285  -1.52041  1.000 394.78536 ? 135 DC B N4    1 
ATOM 263 C C5    . DC B 2 5  ? -5.95352  -3.32658  -2.68707  1.000 380.57656 ? 135 DC B C5    1 
ATOM 264 C C6    . DC B 2 5  ? -4.95783  -3.56084  -3.53978  1.000 376.40980 ? 135 DC B C6    1 
ATOM 265 P P     . DC B 2 6  ? -1.60202  -5.43117  -8.93574  1.000 366.94838 ? 136 DC B P     1 
ATOM 266 O OP1   . DC B 2 6  ? -0.14637  -5.35681  -9.20154  1.000 367.47366 ? 136 DC B OP1   1 
ATOM 267 O OP2   . DC B 2 6  ? -2.53847  -4.60115  -9.73068  1.000 353.74196 ? 136 DC B OP2   1 
ATOM 268 O "O5'" . DC B 2 6  ? -2.08017  -6.95647  -9.04137  1.000 375.59157 ? 136 DC B "O5'" 1 
ATOM 269 C "C5'" . DC B 2 6  ? -2.56719  -7.64099  -7.88250  1.000 388.56378 ? 136 DC B "C5'" 1 
ATOM 270 C "C4'" . DC B 2 6  ? -3.62811  -8.65478  -8.26816  1.000 390.85444 ? 136 DC B "C4'" 1 
ATOM 271 O "O4'" . DC B 2 6  ? -4.77766  -8.52165  -7.37802  1.000 395.20970 ? 136 DC B "O4'" 1 
ATOM 272 C "C3'" . DC B 2 6  ? -4.17766  -8.48692  -9.68572  1.000 380.86285 ? 136 DC B "C3'" 1 
ATOM 273 O "O3'" . DC B 2 6  ? -4.47110  -9.76079  -10.25440 1.000 390.67776 ? 136 DC B "O3'" 1 
ATOM 274 C "C2'" . DC B 2 6  ? -5.44514  -7.68265  -9.44073  1.000 372.98182 ? 136 DC B "C2'" 1 
ATOM 275 C "C1'" . DC B 2 6  ? -5.94027  -8.32745  -8.15473  1.000 385.93673 ? 136 DC B "C1'" 1 
ATOM 276 N N1    . DC B 2 6  ? -6.89861  -7.47348  -7.39486  1.000 384.86908 ? 136 DC B N1    1 
ATOM 277 C C2    . DC B 2 6  ? -7.90707  -8.05906  -6.60897  1.000 394.33642 ? 136 DC B C2    1 
ATOM 278 O O2    . DC B 2 6  ? -7.98912  -9.29298  -6.53826  1.000 403.74618 ? 136 DC B O2    1 
ATOM 279 N N3    . DC B 2 6  ? -8.76206  -7.24672  -5.93576  1.000 393.37928 ? 136 DC B N3    1 
ATOM 280 C C4    . DC B 2 6  ? -8.64065  -5.92265  -6.03639  1.000 383.50729 ? 136 DC B C4    1 
ATOM 281 N N4    . DC B 2 6  ? -9.50222  -5.15788  -5.36228  1.000 383.22445 ? 136 DC B N4    1 
ATOM 282 C C5    . DC B 2 6  ? -7.62959  -5.31893  -6.83436  1.000 373.90111 ? 136 DC B C5    1 
ATOM 283 C C6    . DC B 2 6  ? -6.79915  -6.12274  -7.49395  1.000 374.90463 ? 136 DC B C6    1 
ATOM 284 P P     . DG B 2 7  ? -4.25266  -10.02524 -11.82624 1.000 378.88949 ? 137 DG B P     1 
ATOM 285 O OP1   . DG B 2 7  ? -2.80583  -10.23804 -12.05008 1.000 382.35399 ? 137 DG B OP1   1 
ATOM 286 O OP2   . DG B 2 7  ? -4.94779  -8.95477  -12.57257 1.000 365.48362 ? 137 DG B OP2   1 
ATOM 287 O "O5'" . DG B 2 7  ? -5.02604  -11.40162 -12.08491 1.000 390.38162 ? 137 DG B "O5'" 1 
ATOM 288 C "C5'" . DG B 2 7  ? -4.63825  -12.57612 -11.37248 1.000 405.03588 ? 137 DG B "C5'" 1 
ATOM 289 C "C4'" . DG B 2 7  ? -5.84889  -13.39832 -10.95043 1.000 413.45348 ? 137 DG B "C4'" 1 
ATOM 290 O "O4'" . DG B 2 7  ? -6.68139  -12.63170 -10.04153 1.000 408.35516 ? 137 DG B "O4'" 1 
ATOM 291 C "C3'" . DG B 2 7  ? -6.77064  -13.84199 -12.07582 1.000 412.96890 ? 137 DG B "C3'" 1 
ATOM 292 O "O3'" . DG B 2 7  ? -7.33122  -15.10672 -11.74449 1.000 426.60479 ? 137 DG B "O3'" 1 
ATOM 293 C "C2'" . DG B 2 7  ? -7.82777  -12.74037 -12.09163 1.000 401.46024 ? 137 DG B "C2'" 1 
ATOM 294 C "C1'" . DG B 2 7  ? -7.95770  -12.40318 -10.61418 1.000 403.36641 ? 137 DG B "C1'" 1 
ATOM 295 N N9    . DG B 2 7  ? -8.28497  -11.00960 -10.38042 1.000 390.66076 ? 137 DG B N9    1 
ATOM 296 C C8    . DG B 2 7  ? -7.58537  -9.93064  -10.84859 1.000 378.98842 ? 137 DG B C8    1 
ATOM 297 N N7    . DG B 2 7  ? -8.08697  -8.78965  -10.48869 1.000 369.64007 ? 137 DG B N7    1 
ATOM 298 C C5    . DG B 2 7  ? -9.17825  -9.12513  -9.70609  1.000 375.47964 ? 137 DG B C5    1 
ATOM 299 C C6    . DG B 2 7  ? -10.09718 -8.28746  -9.04169  1.000 370.56192 ? 137 DG B C6    1 
ATOM 300 O O6    . DG B 2 7  ? -10.11092 -7.04933  -9.01183  1.000 359.86281 ? 137 DG B O6    1 
ATOM 301 N N1    . DG B 2 7  ? -11.06803 -9.01978  -8.36444  1.000 379.99859 ? 137 DG B N1    1 
ATOM 302 C C2    . DG B 2 7  ? -11.14014 -10.39614 -8.33643  1.000 392.70714 ? 137 DG B C2    1 
ATOM 303 N N2    . DG B 2 7  ? -12.15155 -10.92257 -7.62704  1.000 400.79885 ? 137 DG B N2    1 
ATOM 304 N N3    . DG B 2 7  ? -10.27704 -11.19943 -8.96195  1.000 397.64181 ? 137 DG B N3    1 
ATOM 305 C C4    . DG B 2 7  ? -9.32371  -10.49206 -9.62675  1.000 388.41226 ? 137 DG B C4    1 
ATOM 306 P P     . DT B 2 8  ? -8.23661  -15.91762 -12.79748 1.000 434.84420 ? 138 DT B P     1 
ATOM 307 O OP1   . DT B 2 8  ? -7.54091  -17.18774 -13.10418 1.000 447.17529 ? 138 DT B OP1   1 
ATOM 308 O OP2   . DT B 2 8  ? -8.63234  -15.01688 -13.90328 1.000 421.57147 ? 138 DT B OP2   1 
ATOM 309 O "O5'" . DT B 2 8  ? -9.54620  -16.26680 -11.95357 1.000 442.53484 ? 138 DT B "O5'" 1 
ATOM 310 C "C5'" . DT B 2 8  ? -10.02935 -15.34403 -10.98630 1.000 439.35491 ? 138 DT B "C5'" 1 
ATOM 311 C "C4'" . DT B 2 8  ? -11.38728 -14.80451 -11.38920 1.000 433.79801 ? 138 DT B "C4'" 1 
ATOM 312 O "O4'" . DT B 2 8  ? -11.45048 -13.39292 -11.08810 1.000 421.72354 ? 138 DT B "O4'" 1 
ATOM 313 C "C3'" . DT B 2 8  ? -11.71801 -14.94049 -12.88189 1.000 427.53448 ? 138 DT B "C3'" 1 
ATOM 314 O "O3'" . DT B 2 8  ? -12.90072 -15.69547 -13.05261 1.000 435.37500 ? 138 DT B "O3'" 1 
ATOM 315 C "C2'" . DT B 2 8  ? -11.90262 -13.50141 -13.36769 1.000 412.10441 ? 138 DT B "C2'" 1 
ATOM 316 C "C1'" . DT B 2 8  ? -12.20910 -12.75687 -12.07982 1.000 412.43180 ? 138 DT B "C1'" 1 
ATOM 317 N N1    . DT B 2 8  ? -11.81761 -11.32876 -12.13307 1.000 398.14691 ? 138 DT B N1    1 
ATOM 318 C C2    . DT B 2 8  ? -12.56976 -10.39612 -11.45660 1.000 394.27290 ? 138 DT B C2    1 
ATOM 319 O O2    . DT B 2 8  ? -13.55103 -10.68279 -10.79197 1.000 402.33092 ? 138 DT B O2    1 
ATOM 320 N N3    . DT B 2 8  ? -12.12518 -9.10504  -11.58190 1.000 380.83900 ? 138 DT B N3    1 
ATOM 321 C C4    . DT B 2 8  ? -11.03017 -8.66389  -12.30599 1.000 371.26318 ? 138 DT B C4    1 
ATOM 322 O O4    . DT B 2 8  ? -10.71018 -7.47889  -12.35620 1.000 359.72321 ? 138 DT B O4    1 
ATOM 323 C C5    . DT B 2 8  ? -10.28745 -9.69793  -12.99504 1.000 376.20244 ? 138 DT B C5    1 
ATOM 324 C C7    . DT B 2 8  ? -9.07983  -9.34682  -13.81585 1.000 368.43433 ? 138 DT B C7    1 
ATOM 325 C C6    . DT B 2 8  ? -10.71578 -10.96262 -12.87833 1.000 389.15252 ? 138 DT B C6    1 
ATOM 326 O "O5'" . DT C 3 1  ? -0.84714  -20.37768 17.30984  1.000 406.33418 ? 203 DT D "O5'" 1 
ATOM 327 C "C5'" . DT C 3 1  ? -2.10416  -20.31026 16.64640  1.000 404.98453 ? 203 DT D "C5'" 1 
ATOM 328 C "C4'" . DT C 3 1  ? -2.63430  -18.88824 16.63636  1.000 403.73177 ? 203 DT D "C4'" 1 
ATOM 329 O "O4'" . DT C 3 1  ? -1.64144  -18.00251 16.05098  1.000 394.33372 ? 203 DT D "O4'" 1 
ATOM 330 C "C3'" . DT C 3 1  ? -3.90158  -18.67775 15.81653  1.000 401.47649 ? 203 DT D "C3'" 1 
ATOM 331 O "O3'" . DT C 3 1  ? -4.65963  -17.61906 16.38136  1.000 406.49451 ? 203 DT D "O3'" 1 
ATOM 332 C "C2'" . DT C 3 1  ? -3.33839  -18.29257 14.45474  1.000 388.68636 ? 203 DT D "C2'" 1 
ATOM 333 C "C1'" . DT C 3 1  ? -2.15068  -17.43165 14.85955  1.000 386.15362 ? 203 DT D "C1'" 1 
ATOM 334 N N1    . DT C 3 1  ? -1.06020  -17.41176 13.84669  1.000 375.25563 ? 203 DT D N1    1 
ATOM 335 C C2    . DT C 3 1  ? -0.16891  -16.36668 13.83586  1.000 371.37744 ? 203 DT D C2    1 
ATOM 336 O O2    . DT C 3 1  ? -0.22338  -15.43401 14.61701  1.000 376.49619 ? 203 DT D O2    1 
ATOM 337 N N3    . DT C 3 1  ? 0.79574   -16.44948 12.86912  1.000 361.83750 ? 203 DT D N3    1 
ATOM 338 C C4    . DT C 3 1  ? 0.95178   -17.44736 11.92806  1.000 355.72312 ? 203 DT D C4    1 
ATOM 339 O O4    . DT C 3 1  ? 1.85810   -17.43406 11.10168  1.000 347.50793 ? 203 DT D O4    1 
ATOM 340 C C5    . DT C 3 1  ? -0.01275  -18.51627 11.99961  1.000 360.41645 ? 203 DT D C5    1 
ATOM 341 C C7    . DT C 3 1  ? 0.05325   -19.65665 11.03109  1.000 355.36737 ? 203 DT D C7    1 
ATOM 342 C C6    . DT C 3 1  ? -0.96177  -18.44669 12.94222  1.000 369.93767 ? 203 DT D C6    1 
ATOM 343 P P     . DC C 3 2  ? -6.18985  -17.37465 15.95221  1.000 412.32637 ? 204 DC D P     1 
ATOM 344 O OP1   . DC C 3 2  ? -7.03752  -17.84651 17.06886  1.000 424.96401 ? 204 DC D OP1   1 
ATOM 345 O OP2   . DC C 3 2  ? -6.41158  -17.90989 14.59004  1.000 404.53307 ? 204 DC D OP2   1 
ATOM 346 O "O5'" . DC C 3 2  ? -6.29800  -15.78214 15.87993  1.000 409.52469 ? 204 DC D "O5'" 1 
ATOM 347 C "C5'" . DC C 3 2  ? -5.90492  -14.99901 17.00161  1.000 415.27749 ? 204 DC D "C5'" 1 
ATOM 348 C "C4'" . DC C 3 2  ? -5.50589  -13.59657 16.57731  1.000 409.28176 ? 204 DC D "C4'" 1 
ATOM 349 O "O4'" . DC C 3 2  ? -4.26720  -13.64473 15.81832  1.000 399.78323 ? 204 DC D "O4'" 1 
ATOM 350 C "C3'" . DC C 3 2  ? -6.52011  -12.87251 15.69381  1.000 405.82374 ? 204 DC D "C3'" 1 
ATOM 351 O "O3'" . DC C 3 2  ? -6.60572  -11.50407 16.08843  1.000 408.13520 ? 204 DC D "O3'" 1 
ATOM 352 C "C2'" . DC C 3 2  ? -5.92825  -13.02816 14.29222  1.000 394.32494 ? 204 DC D "C2'" 1 
ATOM 353 C "C1'" . DC C 3 2  ? -4.43783  -12.98370 14.58288  1.000 391.26633 ? 204 DC D "C1'" 1 
ATOM 354 N N1    . DC C 3 2  ? -3.61319  -13.68545 13.56248  1.000 382.05436 ? 204 DC D N1    1 
ATOM 355 C C2    . DC C 3 2  ? -2.43707  -13.09195 13.09442  1.000 375.09915 ? 204 DC D C2    1 
ATOM 356 O O2    . DC C 3 2  ? -2.10223  -11.98630 13.53562  1.000 377.04169 ? 204 DC D O2    1 
ATOM 357 N N3    . DC C 3 2  ? -1.69491  -13.74859 12.16986  1.000 366.97963 ? 204 DC D N3    1 
ATOM 358 C C4    . DC C 3 2  ? -2.09090  -14.93841 11.71709  1.000 365.79343 ? 204 DC D C4    1 
ATOM 359 N N4    . DC C 3 2  ? -1.32547  -15.54753 10.80600  1.000 357.95441 ? 204 DC D N4    1 
ATOM 360 C C5    . DC C 3 2  ? -3.28690  -15.55860 12.18156  1.000 373.22785 ? 204 DC D C5    1 
ATOM 361 C C6    . DC C 3 2  ? -4.00912  -14.90397 13.09620  1.000 381.10421 ? 204 DC D C6    1 
ATOM 362 P P     . DA C 3 3  ? -7.80623  -10.56630 15.56998  1.000 417.76756 ? 205 DA D P     1 
ATOM 363 O OP1   . DA C 3 3  ? -8.59713  -10.14597 16.74896  1.000 428.44069 ? 205 DA D OP1   1 
ATOM 364 O OP2   . DA C 3 3  ? -8.48562  -11.24746 14.44580  1.000 413.05105 ? 205 DA D OP2   1 
ATOM 365 O "O5'" . DA C 3 3  ? -7.04137  -9.29918  14.96848  1.000 411.25039 ? 205 DA D "O5'" 1 
ATOM 366 C "C5'" . DA C 3 3  ? -5.94562  -9.50518  14.09224  1.000 402.06266 ? 205 DA D "C5'" 1 
ATOM 367 C "C4'" . DA C 3 3  ? -5.29246  -8.19652  13.70630  1.000 398.41467 ? 205 DA D "C4'" 1 
ATOM 368 O "O4'" . DA C 3 3  ? -4.15596  -8.48527  12.85767  1.000 389.68515 ? 205 DA D "O4'" 1 
ATOM 369 C "C3'" . DA C 3 3  ? -6.17009  -7.26951  12.87982  1.000 396.79883 ? 205 DA D "C3'" 1 
ATOM 370 O "O3'" . DA C 3 3  ? -5.69565  -5.92493  12.97933  1.000 397.63582 ? 205 DA D "O3'" 1 
ATOM 371 C "C2'" . DA C 3 3  ? -5.96311  -7.83114  11.48637  1.000 387.62773 ? 205 DA D "C2'" 1 
ATOM 372 C "C1'" . DA C 3 3  ? -4.48352  -8.18706  11.51584  1.000 382.96494 ? 205 DA D "C1'" 1 
ATOM 373 N N9    . DA C 3 3  ? -4.18165  -9.33350  10.69030  1.000 376.38235 ? 205 DA D N9    1 
ATOM 374 C C8    . DA C 3 3  ? -4.93758  -10.46062 10.54703  1.000 377.34032 ? 205 DA D C8    1 
ATOM 375 N N7    . DA C 3 3  ? -4.43086  -11.32969 9.71185   1.000 370.79230 ? 205 DA D N7    1 
ATOM 376 C C5    . DA C 3 3  ? -3.26700  -10.72287 9.27225   1.000 364.86977 ? 205 DA D C5    1 
ATOM 377 C C6    . DA C 3 3  ? -2.27138  -11.12844 8.36898   1.000 356.75622 ? 205 DA D C6    1 
ATOM 378 N N6    . DA C 3 3  ? -2.29579  -12.29875 7.72321   1.000 352.96375 ? 205 DA D N6    1 
ATOM 379 N N1    . DA C 3 3  ? -1.24351  -10.28358 8.15483   1.000 353.25918 ? 205 DA D N1    1 
ATOM 380 C C2    . DA C 3 3  ? -1.21917  -9.11507  8.80471   1.000 357.89058 ? 205 DA D C2    1 
ATOM 381 N N3    . DA C 3 3  ? -2.09658  -8.62527  9.67408   1.000 365.51211 ? 205 DA D N3    1 
ATOM 382 C C4    . DA C 3 3  ? -3.10507  -9.48780  9.86392   1.000 368.46806 ? 205 DA D C4    1 
ATOM 383 P P     . DT C 3 4  ? -6.39523  -4.72671  12.15732  1.000 400.17104 ? 206 DT D P     1 
ATOM 384 O OP1   . DT C 3 4  ? -6.96582  -3.79341  13.15080  1.000 408.99599 ? 206 DT D OP1   1 
ATOM 385 O OP2   . DT C 3 4  ? -7.27159  -5.24493  11.08603  1.000 396.16594 ? 206 DT D OP2   1 
ATOM 386 O "O5'" . DT C 3 4  ? -5.16325  -4.01691  11.43767  1.000 394.24909 ? 206 DT D "O5'" 1 
ATOM 387 C "C5'" . DT C 3 4  ? -4.03565  -4.78700  11.06225  1.000 387.78784 ? 206 DT D "C5'" 1 
ATOM 388 C "C4'" . DT C 3 4  ? -3.71717  -4.58163  9.60044   1.000 379.76751 ? 206 DT D "C4'" 1 
ATOM 389 O "O4'" . DT C 3 4  ? -3.57248  -5.85252  8.94059   1.000 373.52369 ? 206 DT D "O4'" 1 
ATOM 390 C "C3'" . DT C 3 4  ? -4.78712  -3.82295  8.81064   1.000 380.43002 ? 206 DT D "C3'" 1 
ATOM 391 O "O3'" . DT C 3 4  ? -4.25836  -2.57844  8.41014   1.000 380.33170 ? 206 DT D "O3'" 1 
ATOM 392 C "C2'" . DT C 3 4  ? -5.09501  -4.73606  7.60763   1.000 373.85057 ? 206 DT D "C2'" 1 
ATOM 393 C "C1'" . DT C 3 4  ? -3.89203  -5.65687  7.59517   1.000 368.44012 ? 206 DT D "C1'" 1 
ATOM 394 N N1    . DT C 3 4  ? -4.13495  -6.97191  6.96074   1.000 363.97227 ? 206 DT D N1    1 
ATOM 395 C C2    . DT C 3 4  ? -3.17473  -7.47836  6.13073   1.000 356.61406 ? 206 DT D C2    1 
ATOM 396 O O2    . DT C 3 4  ? -2.13119  -6.89758  5.89046   1.000 353.56752 ? 206 DT D O2    1 
ATOM 397 N N3    . DT C 3 4  ? -3.46922  -8.69267  5.58431   1.000 353.45751 ? 206 DT D N3    1 
ATOM 398 C C4    . DT C 3 4  ? -4.61009  -9.44331  5.77871   1.000 357.29510 ? 206 DT D C4    1 
ATOM 399 O O4    . DT C 3 4  ? -4.77465  -10.53232 5.23252   1.000 354.75424 ? 206 DT D O4    1 
ATOM 400 C C5    . DT C 3 4  ? -5.58972  -8.85555  6.66667   1.000 365.09295 ? 206 DT D C5    1 
ATOM 401 C C7    . DT C 3 4  ? -6.87272  -9.57496  6.95844   1.000 370.53152 ? 206 DT D C7    1 
ATOM 402 C C6    . DT C 3 4  ? -5.30770  -7.65801  7.21074   1.000 367.83878 ? 206 DT D C6    1 
ATOM 403 P P     . DG C 3 5  ? -5.16285  -1.50361  7.63584   1.000 384.17514 ? 207 DG D P     1 
ATOM 404 O OP1   . DG C 3 5  ? -5.03288  -0.22544  8.36726   1.000 390.94865 ? 207 DG D OP1   1 
ATOM 405 O OP2   . DG C 3 5  ? -6.51047  -2.06840  7.40284   1.000 385.33496 ? 207 DG D OP2   1 
ATOM 406 O "O5'" . DG C 3 5  ? -4.41342  -1.35814  6.23602   1.000 377.05329 ? 207 DG D "O5'" 1 
ATOM 407 C "C5'" . DG C 3 5  ? -2.99232  -1.38025  6.20302   1.000 373.38092 ? 207 DG D "C5'" 1 
ATOM 408 C "C4'" . DG C 3 5  ? -2.49708  -2.10832  4.97238   1.000 365.12191 ? 207 DG D "C4'" 1 
ATOM 409 O "O4'" . DG C 3 5  ? -2.99452  -3.45364  4.98365   1.000 362.36301 ? 207 DG D "O4'" 1 
ATOM 410 C "C3'" . DG C 3 5  ? -2.98659  -1.52933  3.65509   1.000 363.68814 ? 207 DG D "C3'" 1 
ATOM 411 O "O3'" . DG C 3 5  ? -2.03515  -0.60858  3.14342   1.000 363.05328 ? 207 DG D "O3'" 1 
ATOM 412 C "C2'" . DG C 3 5  ? -3.13145  -2.75296  2.73729   1.000 357.20414 ? 207 DG D "C2'" 1 
ATOM 413 C "C1'" . DG C 3 5  ? -2.93554  -3.94871  3.67197   1.000 356.15861 ? 207 DG D "C1'" 1 
ATOM 414 N N9    . DG C 3 5  ? -3.93254  -5.01400  3.52406   1.000 355.88197 ? 207 DG D N9    1 
ATOM 415 C C8    . DG C 3 5  ? -5.17622  -5.08227  4.10523   1.000 361.64892 ? 207 DG D C8    1 
ATOM 416 N N7    . DG C 3 5  ? -5.83289  -6.17208  3.80266   1.000 360.69290 ? 207 DG D N7    1 
ATOM 417 C C5    . DG C 3 5  ? -4.96588  -6.87363  2.97459   1.000 353.67288 ? 207 DG D C5    1 
ATOM 418 C C6    . DG C 3 5  ? -5.12385  -8.13002  2.33093   1.000 350.20663 ? 207 DG D C6    1 
ATOM 419 O O6    . DG C 3 5  ? -6.09710  -8.89923  2.36706   1.000 353.09320 ? 207 DG D O6    1 
ATOM 420 N N1    . DG C 3 5  ? -3.99696  -8.46987  1.58303   1.000 343.27140 ? 207 DG D N1    1 
ATOM 421 C C2    . DG C 3 5  ? -2.86805  -7.69064  1.47094   1.000 340.28687 ? 207 DG D C2    1 
ATOM 422 N N2    . DG C 3 5  ? -1.87969  -8.17485  0.70659   1.000 333.81908 ? 207 DG D N2    1 
ATOM 423 N N3    . DG C 3 5  ? -2.71032  -6.51923  2.06898   1.000 343.95408 ? 207 DG D N3    1 
ATOM 424 C C4    . DG C 3 5  ? -3.79072  -6.17555  2.80167   1.000 350.47894 ? 207 DG D C4    1 
ATOM 425 P P     . DT C 3 6  ? -2.50368  0.54686   2.13150   1.000 367.57049 ? 208 DT D P     1 
ATOM 426 O OP1   . DT C 3 6  ? -2.22010  1.85075   2.76825   1.000 374.30083 ? 208 DT D OP1   1 
ATOM 427 O OP2   . DT C 3 6  ? -3.87634  0.21965   1.68582   1.000 368.52356 ? 208 DT D OP2   1 
ATOM 428 O "O5'" . DT C 3 6  ? -1.55349  0.36227   0.86372   1.000 361.28384 ? 208 DT D "O5'" 1 
ATOM 429 C "C5'" . DT C 3 6  ? -2.10663  -0.07054  -0.36655  1.000 358.00841 ? 208 DT D "C5'" 1 
ATOM 430 C "C4'" . DT C 3 6  ? -1.14369  -0.98792  -1.08904  1.000 350.33533 ? 208 DT D "C4'" 1 
ATOM 431 O "O4'" . DT C 3 6  ? -1.05390  -2.25170  -0.38458  1.000 346.78833 ? 208 DT D "O4'" 1 
ATOM 432 C "C3'" . DT C 3 6  ? -1.55221  -1.36610  -2.49797  1.000 347.34979 ? 208 DT D "C3'" 1 
ATOM 433 O "O3'" . DT C 3 6  ? -1.15303  -0.35503  -3.42941  1.000 349.06483 ? 208 DT D "O3'" 1 
ATOM 434 C "C2'" . DT C 3 6  ? -0.79462  -2.66729  -2.69782  1.000 339.94429 ? 208 DT D "C2'" 1 
ATOM 435 C "C1'" . DT C 3 6  ? -0.92198  -3.30982  -1.32225  1.000 340.62617 ? 208 DT D "C1'" 1 
ATOM 436 N N1    . DT C 3 6  ? -2.09981  -4.23045  -1.18975  1.000 341.38569 ? 208 DT D N1    1 
ATOM 437 C C2    . DT C 3 6  ? -2.08819  -5.43354  -1.85464  1.000 336.51233 ? 208 DT D C2    1 
ATOM 438 O O2    . DT C 3 6  ? -1.16427  -5.79680  -2.56313  1.000 331.15184 ? 208 DT D O2    1 
ATOM 439 N N3    . DT C 3 6  ? -3.20491  -6.20525  -1.66330  1.000 338.69473 ? 208 DT D N3    1 
ATOM 440 C C4    . DT C 3 6  ? -4.30671  -5.90147  -0.88468  1.000 344.93951 ? 208 DT D C4    1 
ATOM 441 O O4    . DT C 3 6  ? -5.26710  -6.65630  -0.77409  1.000 347.12788 ? 208 DT D O4    1 
ATOM 442 C C5    . DT C 3 6  ? -4.25627  -4.62762  -0.21652  1.000 349.36407 ? 208 DT D C5    1 
ATOM 443 C C7    . DT C 3 6  ? -5.40199  -4.18926  0.64834   1.000 356.43992 ? 208 DT D C7    1 
ATOM 444 C C6    . DT C 3 6  ? -3.16962  -3.86188  -0.39958  1.000 347.53487 ? 208 DT D C6    1 
ATOM 445 P P     . DG C 3 7  ? 0.38704   -0.15567  -3.86168  1.000 325.53404 ? 209 DG D P     1 
ATOM 446 O OP1   . DG C 3 7  ? 0.85617   -1.28786  -4.69316  1.000 318.28739 ? 209 DG D OP1   1 
ATOM 447 O OP2   . DG C 3 7  ? 1.15970   0.27518   -2.67862  1.000 327.55224 ? 209 DG D OP2   1 
ATOM 448 O "O5'" . DG C 3 7  ? 0.30557   1.09243   -4.83867  1.000 330.53940 ? 209 DG D "O5'" 1 
ATOM 449 C "C5'" . DG C 3 7  ? -0.60086  1.07165   -5.92535  1.000 331.83956 ? 209 DG D "C5'" 1 
ATOM 450 C "C4'" . DG C 3 7  ? -0.60305  2.41210   -6.62002  1.000 338.35272 ? 209 DG D "C4'" 1 
ATOM 451 O "O4'" . DG C 3 7  ? -1.55771  3.27851   -5.97441  1.000 345.60944 ? 209 DG D "O4'" 1 
ATOM 452 C "C3'" . DG C 3 7  ? 0.74698   3.11837   -6.59994  1.000 339.03781 ? 209 DG D "C3'" 1 
ATOM 453 O "O3'" . DG C 3 7  ? 1.32293   3.06844   -7.89956  1.000 337.17093 ? 209 DG D "O3'" 1 
ATOM 454 C "C2'" . DG C 3 7  ? 0.44338   4.55531   -6.18162  1.000 348.18677 ? 209 DG D "C2'" 1 
ATOM 455 C "C1'" . DG C 3 7  ? -0.97214  4.50493   -5.62453  1.000 351.19106 ? 209 DG D "C1'" 1 
ATOM 456 N N9    . DG C 3 7  ? -1.08817  4.67913   -4.17605  1.000 353.39822 ? 209 DG D N9    1 
ATOM 457 C C8    . DG C 3 7  ? -1.63751  3.79792   -3.27787  1.000 350.60676 ? 209 DG D C8    1 
ATOM 458 N N7    . DG C 3 7  ? -1.64919  4.24721   -2.05130  1.000 354.61397 ? 209 DG D N7    1 
ATOM 459 C C5    . DG C 3 7  ? -1.06878  5.50568   -2.14334  1.000 360.40189 ? 209 DG D C5    1 
ATOM 460 C C6    . DG C 3 7  ? -0.80078  6.47272   -1.13809  1.000 367.19629 ? 209 DG D C6    1 
ATOM 461 O O6    . DG C 3 7  ? -1.03421  6.40678   0.07923   1.000 369.36912 ? 209 DG D O6    1 
ATOM 462 N N1    . DG C 3 7  ? -0.19940  7.61223   -1.66691  1.000 372.58107 ? 209 DG D N1    1 
ATOM 463 C C2    . DG C 3 7  ? 0.10349   7.78829   -2.99850  1.000 371.56682 ? 209 DG D C2    1 
ATOM 464 N N2    . DG C 3 7  ? 0.68249   8.94488   -3.33154  1.000 378.29632 ? 209 DG D N2    1 
ATOM 465 N N3    . DG C 3 7  ? -0.14318  6.89444   -3.94123  1.000 365.20490 ? 209 DG D N3    1 
ATOM 466 C C4    . DG C 3 7  ? -0.71760  5.78174   -3.44780  1.000 359.80096 ? 209 DG D C4    1 
ATOM 467 P P     . DC C 3 8  ? 2.90593   3.26541   -8.09612  1.000 362.42806 ? 210 DC D P     1 
ATOM 468 O OP1   . DC C 3 8  ? 3.34483   2.36064   -9.18253  1.000 356.15704 ? 210 DC D OP1   1 
ATOM 469 O OP2   . DC C 3 8  ? 3.53162   3.16832   -6.75852  1.000 361.17439 ? 210 DC D OP2   1 
ATOM 470 O "O5'" . DC C 3 8  ? 3.03602   4.77758   -8.60175  1.000 371.57784 ? 210 DC D "O5'" 1 
ATOM 471 C "C5'" . DC C 3 8  ? 4.28539   5.27104   -9.06495  1.000 372.79429 ? 210 DC D "C5'" 1 
ATOM 472 C "C4'" . DC C 3 8  ? 4.47096   6.71768   -8.64872  1.000 382.52190 ? 210 DC D "C4'" 1 
ATOM 473 O "O4'" . DC C 3 8  ? 3.41212   7.09024   -7.73383  1.000 386.60514 ? 210 DC D "O4'" 1 
ATOM 474 C "C3'" . DC C 3 8  ? 5.76612   7.00354   -7.90827  1.000 383.11907 ? 210 DC D "C3'" 1 
ATOM 475 O "O3'" . DC C 3 8  ? 6.79236   7.33885   -8.84579  1.000 384.53287 ? 210 DC D "O3'" 1 
ATOM 476 C "C2'" . DC C 3 8  ? 5.39487   8.19292   -7.02555  1.000 392.56949 ? 210 DC D "C2'" 1 
ATOM 477 C "C1'" . DC C 3 8  ? 3.91405   7.95243   -6.72823  1.000 392.37849 ? 210 DC D "C1'" 1 
ATOM 478 N N1    . DC C 3 8  ? 3.60908   7.34941   -5.36597  1.000 389.15046 ? 210 DC D N1    1 
ATOM 479 C C2    . DC C 3 8  ? 3.65548   8.15052   -4.21482  1.000 395.81632 ? 210 DC D C2    1 
ATOM 480 O O2    . DC C 3 8  ? 3.98594   9.33723   -4.31602  1.000 404.17521 ? 210 DC D O2    1 
ATOM 481 N N3    . DC C 3 8  ? 3.35633   7.59387   -3.01337  1.000 393.61560 ? 210 DC D N3    1 
ATOM 482 C C4    . DC C 3 8  ? 3.00622   6.31105   -2.93639  1.000 385.44745 ? 210 DC D C4    1 
ATOM 483 N N4    . DC C 3 8  ? 2.71621   5.81142   -1.72962  1.000 384.51647 ? 210 DC D N4    1 
ATOM 484 C C5    . DC C 3 8  ? 2.93878   5.48366   -4.09314  1.000 378.68665 ? 210 DC D C5    1 
ATOM 485 C C6    . DC C 3 8  ? 3.23873   6.04008   -5.27500  1.000 380.74041 ? 210 DC D C6    1 
ATOM 486 P P     . DT C 3 9  ? 8.28161   7.68001   -8.33997  1.000 397.38064 ? 211 DT D P     1 
ATOM 487 O OP1   . DT C 3 9  ? 9.18358   7.61842   -9.51153  1.000 399.89854 ? 211 DT D OP1   1 
ATOM 488 O OP2   . DT C 3 9  ? 8.57055   6.85729   -7.14476  1.000 393.32453 ? 211 DT D OP2   1 
ATOM 489 O "O5'" . DT C 3 9  ? 8.18117   9.19665   -7.85544  1.000 407.22973 ? 211 DT D "O5'" 1 
ATOM 490 C "C5'" . DT C 3 9  ? 9.18217   9.72304   -7.01270  1.000 414.49230 ? 211 DT D "C5'" 1 
ATOM 491 C "C4'" . DT C 3 9  ? 8.65993   10.90131  -6.21200  1.000 421.22849 ? 211 DT D "C4'" 1 
ATOM 492 O "O4'" . DT C 3 9  ? 7.34054   10.60032  -5.69216  1.000 419.14719 ? 211 DT D "O4'" 1 
ATOM 493 C "C3'" . DT C 3 9  ? 9.50712   11.25024  -5.00637  1.000 426.80224 ? 211 DT D "C3'" 1 
ATOM 494 O "O3'" . DT C 3 9  ? 10.46972  12.21460  -5.37074  1.000 436.09895 ? 211 DT D "O3'" 1 
ATOM 495 C "C2'" . DT C 3 9  ? 8.49118   11.81022  -4.01570  1.000 431.24096 ? 211 DT D "C2'" 1 
ATOM 496 C "C1'" . DT C 3 9  ? 7.24730   10.99205  -4.33232  1.000 423.71815 ? 211 DT D "C1'" 1 
ATOM 497 N N1    . DT C 3 9  ? 7.03213   9.74632   -3.50335  1.000 414.62163 ? 211 DT D N1    1 
ATOM 498 C C2    . DT C 3 9  ? 6.88469   9.82174   -2.12804  1.000 417.42860 ? 211 DT D C2    1 
ATOM 499 O O2    . DT C 3 9  ? 6.96742   10.85870  -1.49123  1.000 426.91877 ? 211 DT D O2    1 
ATOM 500 N N3    . DT C 3 9  ? 6.65440   8.60862   -1.52075  1.000 409.26947 ? 211 DT D N3    1 
ATOM 501 C C4    . DT C 3 9  ? 6.54070   7.37212   -2.13192  1.000 399.03150 ? 211 DT D C4    1 
ATOM 502 O O4    . DT C 3 9  ? 6.33696   6.34214   -1.50607  1.000 393.13726 ? 211 DT D O4    1 
ATOM 503 C C5    . DT C 3 9  ? 6.68604   7.37469   -3.55744  1.000 396.57637 ? 211 DT D C5    1 
ATOM 504 C C7    . DT C 3 9  ? 6.57835   6.09033   -4.32644  1.000 386.39806 ? 211 DT D C7    1 
ATOM 505 C C6    . DT C 3 9  ? 6.91763   8.54238   -4.16220  1.000 404.36361 ? 211 DT D C6    1 
ATOM 506 P P     . DG C 3 10 ? 12.02493  11.82541  -5.36568  1.000 446.37161 ? 212 DG D P     1 
ATOM 507 O OP1   . DG C 3 10 ? 12.58486  12.11113  -6.70607  1.000 449.18088 ? 212 DG D OP1   1 
ATOM 508 O OP2   . DG C 3 10 ? 12.10848  10.45219  -4.82583  1.000 438.23339 ? 212 DG D OP2   1 
ATOM 509 O "O5'" . DG C 3 10 ? 12.65825  12.82190  -4.28506  1.000 455.02009 ? 212 DG D "O5'" 1 
ATOM 510 C "C5'" . DG C 3 10 ? 13.06593  12.32671  -3.01552  1.000 452.08950 ? 212 DG D "C5'" 1 
ATOM 511 C "C4'" . DG C 3 10 ? 12.43550  13.11501  -1.87721  1.000 454.81588 ? 212 DG D "C4'" 1 
ATOM 512 O "O4'" . DG C 3 10 ? 10.99126  12.93169  -1.89044  1.000 449.89916 ? 212 DG D "O4'" 1 
ATOM 513 C "C3'" . DG C 3 10 ? 12.90270  12.69197  -0.48782  1.000 452.18879 ? 212 DG D "C3'" 1 
ATOM 514 O "O3'" . DG C 3 10 ? 13.98524  13.56083  -0.03320  1.000 460.34991 ? 212 DG D "O3'" 1 
ATOM 515 C "C2'" . DG C 3 10 ? 11.63786  12.80207  0.36577   1.000 450.80554 ? 212 DG D "C2'" 1 
ATOM 516 C "C1'" . DG C 3 10 ? 10.54865  12.44310  -0.63762  1.000 445.76932 ? 212 DG D "C1'" 1 
ATOM 517 N N9    . DG C 3 10 ? 10.27137  11.00698  -0.79042  1.000 436.25194 ? 212 DG D N9    1 
ATOM 518 C C8    . DG C 3 10 ? 10.28590  10.31152  -1.97103  1.000 431.67406 ? 212 DG D C8    1 
ATOM 519 N N7    . DG C 3 10 ? 9.97515   9.06075   -1.85648  1.000 423.03972 ? 212 DG D N7    1 
ATOM 520 C C5    . DG C 3 10 ? 9.74051   8.89462   -0.50610  1.000 422.08371 ? 212 DG D C5    1 
ATOM 521 C C6    . DG C 3 10 ? 9.38117   7.73321   0.19547   1.000 414.55632 ? 212 DG D C6    1 
ATOM 522 O O6    . DG C 3 10 ? 9.19146   6.60239   -0.26711  1.000 406.72872 ? 212 DG D O6    1 
ATOM 523 N N1    . DG C 3 10 ? 9.24039   7.97357   1.55709   1.000 416.71234 ? 212 DG D N1    1 
ATOM 524 C C2    . DG C 3 10 ? 9.43713   9.19251   2.16815   1.000 424.77697 ? 212 DG D C2    1 
ATOM 525 N N2    . DG C 3 10 ? 9.24741   9.22330   3.49724   1.000 428.22892 ? 212 DG D N2    1 
ATOM 526 N N3    . DG C 3 10 ? 9.77237   10.30802  1.51422   1.000 431.67768 ? 212 DG D N3    1 
ATOM 527 C C4    . DG C 3 10 ? 9.90617   10.08404  0.17789   1.000 430.04727 ? 212 DG D C4    1 
ATOM 528 P P     . DC C 3 11 ? 14.66130  13.44084  1.43415   1.000 467.74852 ? 213 DC D P     1 
ATOM 529 O OP1   . DC C 3 11 ? 13.63730  13.42051  2.50150   1.000 468.76575 ? 213 DC D OP1   1 
ATOM 530 O OP2   . DC C 3 11 ? 15.64598  14.54370  1.47274   1.000 480.31336 ? 213 DC D OP2   1 
ATOM 531 O "O5'" . DC C 3 11 ? 15.56109  12.10196  1.41221   1.000 461.60416 ? 213 DC D "O5'" 1 
ATOM 532 C "C5'" . DC C 3 11 ? 15.00918  10.79411  1.13719   1.000 454.51024 ? 213 DC D "C5'" 1 
ATOM 533 C "C4'" . DC C 3 11 ? 13.83285  10.46320  2.04233   1.000 451.06860 ? 213 DC D "C4'" 1 
ATOM 534 O "O4'" . DC C 3 11 ? 12.70815  10.06349  1.23353   1.000 447.01520 ? 213 DC D "O4'" 1 
ATOM 535 C "C3'" . DC C 3 11 ? 14.04860  9.29603   2.97212   1.000 445.12264 ? 213 DC D "C3'" 1 
ATOM 536 O "O3'" . DC C 3 11 ? 13.13227  9.36963   4.07494   1.000 444.20969 ? 213 DC D "O3'" 1 
ATOM 537 C "C2'" . DC C 3 11 ? 13.76786  8.10041   2.04761   1.000 438.23219 ? 213 DC D "C2'" 1 
ATOM 538 C "C1'" . DC C 3 11 ? 12.68863  8.65583   1.10832   1.000 438.99133 ? 213 DC D "C1'" 1 
ATOM 539 N N1    . DC C 3 11 ? 12.85928  8.30916   -0.35898  1.000 437.14811 ? 213 DC D N1    1 
ATOM 540 C C2    . DC C 3 11 ? 12.51076  7.03992   -0.82083  1.000 428.41532 ? 213 DC D C2    1 
ATOM 541 O O2    . DC C 3 11 ? 12.09208  6.21461   -0.02598  1.000 422.63491 ? 213 DC D O2    1 
ATOM 542 N N3    . DC C 3 11 ? 12.65030  6.75113   -2.13574  1.000 426.42031 ? 213 DC D N3    1 
ATOM 543 C C4    . DC C 3 11 ? 13.10243  7.67644   -2.97518  1.000 433.36613 ? 213 DC D C4    1 
ATOM 544 N N4    . DC C 3 11 ? 13.22371  7.34638   -4.26417  1.000 431.22363 ? 213 DC D N4    1 
ATOM 545 C C5    . DC C 3 11 ? 13.45343  8.98064   -2.53105  1.000 442.65425 ? 213 DC D C5    1 
ATOM 546 C C6    . DC C 3 11 ? 13.30699  9.25399   -1.23223  1.000 443.85449 ? 213 DC D C6    1 
ATOM 547 P P     . DT C 3 12 ? 13.03834  10.71157  4.96557   1.000 450.99883 ? 214 DT D P     1 
ATOM 548 O OP1   . DT C 3 12 ? 11.80797  11.42401  4.55763   1.000 453.43071 ? 214 DT D OP1   1 
ATOM 549 O OP2   . DT C 3 12 ? 14.33761  11.41855  4.93651   1.000 459.29586 ? 214 DT D OP2   1 
ATOM 550 O "O5'" . DT C 3 12 ? 12.83723  10.17828  6.45749   1.000 452.85418 ? 214 DT D "O5'" 1 
ATOM 551 C "C5'" . DT C 3 12 ? 13.23297  10.98951  7.55715   1.000 465.57165 ? 214 DT D "C5'" 1 
ATOM 552 C "C4'" . DT C 3 12 ? 14.33500  10.31276  8.34706   1.000 466.18974 ? 214 DT D "C4'" 1 
ATOM 553 O "O4'" . DT C 3 12 ? 14.88325  9.21733   7.57064   1.000 454.26939 ? 214 DT D "O4'" 1 
ATOM 554 C "C3'" . DT C 3 12 ? 15.53709  11.18813  8.66433   1.000 478.01658 ? 214 DT D "C3'" 1 
ATOM 555 O "O3'" . DT C 3 12 ? 16.28668  10.60292  9.71819   1.000 480.80072 ? 214 DT D "O3'" 1 
ATOM 556 C "C2'" . DT C 3 12 ? 16.31498  11.04424  7.37110   1.000 471.81355 ? 214 DT D "C2'" 1 
ATOM 557 C "C1'" . DT C 3 12 ? 16.21915  9.53102   7.22119   1.000 457.87050 ? 214 DT D "C1'" 1 
ATOM 558 N N1    . DT C 3 12 ? 16.48849  9.02446   5.84938   1.000 447.36952 ? 214 DT D N1    1 
ATOM 559 C C2    . DT C 3 12 ? 16.13880  7.72806   5.52915   1.000 434.58599 ? 214 DT D C2    1 
ATOM 560 O O2    . DT C 3 12 ? 15.61450  6.96099   6.31812   1.000 431.51497 ? 214 DT D O2    1 
ATOM 561 N N3    . DT C 3 12 ? 16.42897  7.35574   4.24422   1.000 429.65077 ? 214 DT D N3    1 
ATOM 562 C C4    . DT C 3 12 ? 17.03076  8.13404   3.26881   1.000 434.48790 ? 214 DT D C4    1 
ATOM 563 O O4    . DT C 3 12 ? 17.24067  7.71128   2.13709   1.000 433.03935 ? 214 DT D O4    1 
ATOM 564 C C5    . DT C 3 12 ? 17.36767  9.48559   3.67243   1.000 443.24967 ? 214 DT D C5    1 
ATOM 565 C C7    . DT C 3 12 ? 18.02048  10.42870  2.70416   1.000 449.04274 ? 214 DT D C7    1 
ATOM 566 C C6    . DT C 3 12 ? 17.08569  9.85589   4.92780   1.000 451.39001 ? 214 DT D C6    1 
ATOM 567 P P     . DG C 3 13 ? 15.69989  10.41741  11.20546  1.000 470.86358 ? 215 DG D P     1 
ATOM 568 O OP1   . DG C 3 13 ? 14.37896  9.75078   11.21742  1.000 462.31492 ? 215 DG D OP1   1 
ATOM 569 O OP2   . DG C 3 13 ? 15.85775  11.72183  11.88057  1.000 486.58368 ? 215 DG D OP2   1 
ATOM 570 O "O5'" . DG C 3 13 ? 16.74025  9.38922   11.84910  1.000 469.23953 ? 215 DG D "O5'" 1 
ATOM 571 C "C5'" . DG C 3 13 ? 17.54819  8.57175   10.99068  1.000 459.24280 ? 215 DG D "C5'" 1 
ATOM 572 C "C4'" . DG C 3 13 ? 17.04204  7.13881   10.95609  1.000 446.54342 ? 215 DG D "C4'" 1 
ATOM 573 O "O4'" . DG C 3 13 ? 16.83824  6.72682   9.57722   1.000 434.36512 ? 215 DG D "O4'" 1 
ATOM 574 C "C3'" . DG C 3 13 ? 17.99829  6.11203   11.54093  1.000 445.03402 ? 215 DG D "C3'" 1 
ATOM 575 O "O3'" . DG C 3 13 ? 17.26913  4.99938   12.04287  1.000 438.70077 ? 215 DG D "O3'" 1 
ATOM 576 C "C2'" . DG C 3 13 ? 18.83727  5.72902   10.32579  1.000 436.27780 ? 215 DG D "C2'" 1 
ATOM 577 C "C1'" . DG C 3 13 ? 17.78781  5.73363   9.21925   1.000 426.89575 ? 215 DG D "C1'" 1 
ATOM 578 N N9    . DG C 3 13 ? 18.32315  6.07055   7.89852   1.000 422.84257 ? 215 DG D N9    1 
ATOM 579 C C8    . DG C 3 13 ? 18.85563  7.27593   7.51580   1.000 431.35792 ? 215 DG D C8    1 
ATOM 580 N N7    . DG C 3 13 ? 19.24926  7.30168   6.27342   1.000 425.78225 ? 215 DG D N7    1 
ATOM 581 C C5    . DG C 3 13 ? 18.94546  6.03682   5.79040   1.000 412.48265 ? 215 DG D C5    1 
ATOM 582 C C6    . DG C 3 13 ? 19.14114  5.48782   4.50057   1.000 402.16539 ? 215 DG D C6    1 
ATOM 583 O O6    . DG C 3 13 ? 19.64315  6.03330   3.50882   1.000 402.82316 ? 215 DG D O6    1 
ATOM 584 N N1    . DG C 3 13 ? 18.69981  4.16938   4.42577   1.000 391.00753 ? 215 DG D N1    1 
ATOM 585 C C2    . DG C 3 13 ? 18.13483  3.47204   5.46864   1.000 390.22282 ? 215 DG D C2    1 
ATOM 586 N N2    . DG C 3 13 ? 17.76409  2.20830   5.20696   1.000 379.62629 ? 215 DG D N2    1 
ATOM 587 N N3    . DG C 3 13 ? 17.94224  3.97794   6.68627   1.000 399.90963 ? 215 DG D N3    1 
ATOM 588 C C4    . DG C 3 13 ? 18.37215  5.26197   6.77459   1.000 410.57487 ? 215 DG D C4    1 
ATOM 589 O "O5'" . DG D 4 1  ? 30.51215  2.33094   -3.31383  1.000 391.33074 ? 99  DG X "O5'" 1 
ATOM 590 C "C5'" . DG D 4 1  ? 29.54763  2.71900   -4.28835  1.000 393.37217 ? 99  DG X "C5'" 1 
ATOM 591 C "C4'" . DG D 4 1  ? 28.16245  2.24110   -3.89421  1.000 384.91650 ? 99  DG X "C4'" 1 
ATOM 592 O "O4'" . DG D 4 1  ? 28.04358  2.22134   -2.44683  1.000 377.48388 ? 99  DG X "O4'" 1 
ATOM 593 C "C3'" . DG D 4 1  ? 26.99601  3.10980   -4.40406  1.000 384.66949 ? 99  DG X "C3'" 1 
ATOM 594 O "O3'" . DG D 4 1  ? 26.01568  2.29044   -5.05003  1.000 392.62956 ? 99  DG X "O3'" 1 
ATOM 595 C "C2'" . DG D 4 1  ? 26.43911  3.72902   -3.12307  1.000 379.56205 ? 99  DG X "C2'" 1 
ATOM 596 C "C1'" . DG D 4 1  ? 26.74593  2.63008   -2.12669  1.000 379.38279 ? 99  DG X "C1'" 1 
ATOM 597 N N9    . DG D 4 1  ? 26.68993  3.06419   -0.73777  1.000 373.62085 ? 99  DG X N9    1 
ATOM 598 C C8    . DG D 4 1  ? 26.89647  4.33425   -0.26120  1.000 365.37430 ? 99  DG X C8    1 
ATOM 599 N N7    . DG D 4 1  ? 26.76210  4.43235   1.02974   1.000 360.69884 ? 99  DG X N7    1 
ATOM 600 C C5    . DG D 4 1  ? 26.41841  3.14952   1.43269   1.000 367.41509 ? 99  DG X C5    1 
ATOM 601 C C6    . DG D 4 1  ? 26.13637  2.65060   2.72143   1.000 366.82969 ? 99  DG X C6    1 
ATOM 602 O O6    . DG D 4 1  ? 26.14117  3.26243   3.79669   1.000 359.87792 ? 99  DG X O6    1 
ATOM 603 N N1    . DG D 4 1  ? 25.83322  1.29113   2.69267   1.000 373.77175 ? 99  DG X N1    1 
ATOM 604 C C2    . DG D 4 1  ? 25.80205  0.51622   1.55972   1.000 379.24484 ? 99  DG X C2    1 
ATOM 605 N N2    . DG D 4 1  ? 25.48534  -0.77545  1.73327   1.000 382.11543 ? 99  DG X N2    1 
ATOM 606 N N3    . DG D 4 1  ? 26.06267  0.97340   0.34171   1.000 380.17699 ? 99  DG X N3    1 
ATOM 607 C C4    . DG D 4 1  ? 26.36421  2.29674   0.35587   1.000 374.60135 ? 99  DG X C4    1 
ATOM 608 P P     . DA D 4 2  ? 24.96109  2.93313   -6.08313  1.000 398.56690 ? 100 DA X P     1 
ATOM 609 O OP1   . DA D 4 2  ? 25.63278  3.06002   -7.39648  1.000 400.44487 ? 100 DA X OP1   1 
ATOM 610 O OP2   . DA D 4 2  ? 24.36929  4.12996   -5.44542  1.000 395.44152 ? 100 DA X OP2   1 
ATOM 611 O "O5'" . DA D 4 2  ? 23.80989  1.82364   -6.20690  1.000 404.71366 ? 100 DA X "O5'" 1 
ATOM 612 C "C5'" . DA D 4 2  ? 22.81543  1.69271   -5.18519  1.000 404.99483 ? 100 DA X "C5'" 1 
ATOM 613 C "C4'" . DA D 4 2  ? 23.17299  0.57853   -4.21677  1.000 402.88395 ? 100 DA X "C4'" 1 
ATOM 614 O "O4'" . DA D 4 2  ? 23.83497  1.14223   -3.05230  1.000 396.45757 ? 100 DA X "O4'" 1 
ATOM 615 C "C3'" . DA D 4 2  ? 21.98558  -0.21266  -3.67050  1.000 400.73707 ? 100 DA X "C3'" 1 
ATOM 616 O "O3'" . DA D 4 2  ? 22.37084  -1.56410  -3.46717  1.000 392.06817 ? 100 DA X "O3'" 1 
ATOM 617 C "C2'" . DA D 4 2  ? 21.70792  0.48722   -2.34529  1.000 400.84090 ? 100 DA X "C2'" 1 
ATOM 618 C "C1'" . DA D 4 2  ? 23.12367  0.78185   -1.88666  1.000 395.92878 ? 100 DA X "C1'" 1 
ATOM 619 N N9    . DA D 4 2  ? 23.23389  1.86872   -0.91510  1.000 390.13942 ? 100 DA X N9    1 
ATOM 620 C C8    . DA D 4 2  ? 23.64792  3.14871   -1.15446  1.000 384.84757 ? 100 DA X C8    1 
ATOM 621 N N7    . DA D 4 2  ? 23.67025  3.90881   -0.08629  1.000 377.21027 ? 100 DA X N7    1 
ATOM 622 C C5    . DA D 4 2  ? 23.23294  3.07179   0.92397   1.000 379.37128 ? 100 DA X C5    1 
ATOM 623 C C6    . DA D 4 2  ? 23.02801  3.27738   2.29982   1.000 373.98073 ? 100 DA X C6    1 
ATOM 624 N N6    . DA D 4 2  ? 23.25132  4.44654   2.90962   1.000 362.45195 ? 100 DA X N6    1 
ATOM 625 N N1    . DA D 4 2  ? 22.58860  2.23012   3.02727   1.000 378.63556 ? 100 DA X N1    1 
ATOM 626 C C2    . DA D 4 2  ? 22.36830  1.06183   2.41218   1.000 385.48539 ? 100 DA X C2    1 
ATOM 627 N N3    . DA D 4 2  ? 22.52481  0.74901   1.12769   1.000 389.19188 ? 100 DA X N3    1 
ATOM 628 C C4    . DA D 4 2  ? 22.96389  1.80819   0.43179   1.000 387.12624 ? 100 DA X C4    1 
ATOM 629 P P     . DC D 4 3  ? 21.27728  -2.73915  -3.51153  1.000 394.40849 ? 101 DC X P     1 
ATOM 630 O OP1   . DC D 4 3  ? 22.00537  -4.02026  -3.37551  1.000 388.19694 ? 101 DC X OP1   1 
ATOM 631 O OP2   . DC D 4 3  ? 20.40264  -2.50378  -4.68277  1.000 389.64258 ? 101 DC X OP2   1 
ATOM 632 O "O5'" . DC D 4 3  ? 20.40725  -2.50307  -2.19384  1.000 390.38212 ? 101 DC X "O5'" 1 
ATOM 633 C "C5'" . DC D 4 3  ? 18.99923  -2.44726  -2.28901  1.000 381.33703 ? 101 DC X "C5'" 1 
ATOM 634 C "C4'" . DC D 4 3  ? 18.36896  -2.34643  -0.91655  1.000 377.73850 ? 101 DC X "C4'" 1 
ATOM 635 O "O4'" . DC D 4 3  ? 18.99542  -1.25779  -0.16772  1.000 398.72403 ? 101 DC X "O4'" 1 
ATOM 636 C "C3'" . DC D 4 3  ? 16.87643  -2.01111  -0.93021  1.000 370.59940 ? 101 DC X "C3'" 1 
ATOM 637 O "O3'" . DC D 4 3  ? 16.27711  -2.49671  0.24520   1.000 363.14864 ? 101 DC X "O3'" 1 
ATOM 638 C "C2'" . DC D 4 3  ? 16.93152  -0.50005  -0.87006  1.000 387.77804 ? 101 DC X "C2'" 1 
ATOM 639 C "C1'" . DC D 4 3  ? 17.97529  -0.36548  0.22361   1.000 405.68096 ? 101 DC X "C1'" 1 
ATOM 640 N N1    . DC D 4 3  ? 18.51490  1.01863   0.38978   1.000 429.29929 ? 101 DC X N1    1 
ATOM 641 C C2    . DC D 4 3  ? 18.48801  1.62522   1.65745   1.000 440.28284 ? 101 DC X C2    1 
ATOM 642 O O2    . DC D 4 3  ? 18.04472  0.98720   2.62366   1.000 435.23040 ? 101 DC X O2    1 
ATOM 643 N N3    . DC D 4 3  ? 18.96235  2.89279   1.78922   1.000 442.98218 ? 101 DC X N3    1 
ATOM 644 C C4    . DC D 4 3  ? 19.43107  3.54243   0.72000   1.000 439.51259 ? 101 DC X C4    1 
ATOM 645 N N4    . DC D 4 3  ? 19.88907  4.78744   0.88927   1.000 426.45923 ? 101 DC X N4    1 
ATOM 646 C C5    . DC D 4 3  ? 19.45294  2.94407   -0.57489  1.000 442.12985 ? 101 DC X C5    1 
ATOM 647 C C6    . DC D 4 3  ? 18.98271  1.69842   -0.69346  1.000 434.98374 ? 101 DC X C6    1 
ATOM 648 P P     . DA D 4 4  ? 15.57077  -3.93578  0.31142   1.000 348.12445 ? 102 DA X P     1 
ATOM 649 O OP1   . DA D 4 4  ? 16.61547  -4.96518  0.10702   1.000 345.68080 ? 102 DA X OP1   1 
ATOM 650 O OP2   . DA D 4 4  ? 14.37587  -3.91567  -0.56321  1.000 340.79193 ? 102 DA X OP2   1 
ATOM 651 O "O5'" . DA D 4 4  ? 15.08002  -3.98780  1.83235   1.000 346.56876 ? 102 DA X "O5'" 1 
ATOM 652 C "C5'" . DA D 4 4  ? 15.78448  -3.21793  2.81656   1.000 359.89355 ? 102 DA X "C5'" 1 
ATOM 653 C "C4'" . DA D 4 4  ? 14.82725  -2.38783  3.66090   1.000 368.19112 ? 102 DA X "C4'" 1 
ATOM 654 O "O4'" . DA D 4 4  ? 15.17640  -0.97734  3.58899   1.000 393.03298 ? 102 DA X "O4'" 1 
ATOM 655 C "C3'" . DA D 4 4  ? 13.35840  -2.46894  3.26075   1.000 350.78397 ? 102 DA X "C3'" 1 
ATOM 656 O "O3'" . DA D 4 4  ? 12.54525  -2.40291  4.43359   1.000 349.26245 ? 102 DA X "O3'" 1 
ATOM 657 C "C2'" . DA D 4 4  ? 13.19205  -1.21331  2.40292   1.000 363.69961 ? 102 DA X "C2'" 1 
ATOM 658 C "C1'" . DA D 4 4  ? 14.03753  -0.23461  3.19851   1.000 390.81618 ? 102 DA X "C1'" 1 
ATOM 659 N N9    . DA D 4 4  ? 14.49909  0.93163   2.44902   1.000 408.11954 ? 102 DA X N9    1 
ATOM 660 C C8    . DA D 4 4  ? 14.78096  0.99790   1.11513   1.000 405.42492 ? 102 DA X C8    1 
ATOM 661 N N7    . DA D 4 4  ? 15.21015  2.17515   0.72241   1.000 420.28108 ? 102 DA X N7    1 
ATOM 662 C C5    . DA D 4 4  ? 15.21765  2.93216   1.88263   1.000 430.12300 ? 102 DA X C5    1 
ATOM 663 C C6    . DA D 4 4  ? 15.57077  4.27444   2.14199   1.000 434.55351 ? 102 DA X C6    1 
ATOM 664 N N6    . DA D 4 4  ? 16.00184  5.11667   1.19729   1.000 434.17167 ? 102 DA X N6    1 
ATOM 665 N N1    . DA D 4 4  ? 15.46377  4.71778   3.41241   1.000 426.73839 ? 102 DA X N1    1 
ATOM 666 C C2    . DA D 4 4  ? 15.02999  3.87012   4.35566   1.000 426.64078 ? 102 DA X C2    1 
ATOM 667 N N3    . DA D 4 4  ? 14.67081  2.59000   4.23246   1.000 427.87707 ? 102 DA X N3    1 
ATOM 668 C C4    . DA D 4 4  ? 14.78849  2.17955   2.95877   1.000 425.35009 ? 102 DA X C4    1 
ATOM 669 P P     . DG D 4 5  ? 12.47962  -3.63336  5.47267   1.000 366.30625 ? 103 DG X P     1 
ATOM 670 O OP1   . DG D 4 5  ? 13.82564  -3.92682  6.00826   1.000 373.60058 ? 103 DG X OP1   1 
ATOM 671 O OP2   . DG D 4 5  ? 11.70434  -4.71733  4.83346   1.000 353.83348 ? 103 DG X OP2   1 
ATOM 672 O "O5'" . DG D 4 5  ? 11.61895  -3.04863  6.68435   1.000 364.75543 ? 103 DG X "O5'" 1 
ATOM 673 C "C5'" . DG D 4 5  ? 12.04074  -1.85834  7.34916   1.000 380.46050 ? 103 DG X "C5'" 1 
ATOM 674 C "C4'" . DG D 4 5  ? 10.92141  -0.83641  7.36914   1.000 377.77467 ? 103 DG X "C4'" 1 
ATOM 675 O "O4'" . DG D 4 5  ? 11.30044  0.30548   6.55526   1.000 392.93510 ? 103 DG X "O4'" 1 
ATOM 676 C "C3'" . DG D 4 5  ? 9.59130   -1.34151  6.78434   1.000 358.82125 ? 103 DG X "C3'" 1 
ATOM 677 O "O3'" . DG D 4 5  ? 8.41915   -0.89879  7.54705   1.000 348.91471 ? 103 DG X "O3'" 1 
ATOM 678 C "C2'" . DG D 4 5  ? 9.59466   -0.73133  5.38986   1.000 361.61255 ? 103 DG X "C2'" 1 
ATOM 679 C "C1'" . DG D 4 5  ? 10.22281  0.60462   5.70992   1.000 381.44870 ? 103 DG X "C1'" 1 
ATOM 680 N N9    . DG D 4 5  ? 10.68924  1.34160   4.55411   1.000 390.45794 ? 103 DG X N9    1 
ATOM 681 C C8    . DG D 4 5  ? 10.79261  0.88760   3.26536   1.000 383.00079 ? 103 DG X C8    1 
ATOM 682 N N7    . DG D 4 5  ? 11.22054  1.79358   2.43743   1.000 392.26417 ? 103 DG X N7    1 
ATOM 683 C C5    . DG D 4 5  ? 11.39250  2.91869   3.23095   1.000 404.74961 ? 103 DG X C5    1 
ATOM 684 C C6    . DG D 4 5  ? 11.82983  4.20439   2.89092   1.000 412.14229 ? 103 DG X C6    1 
ATOM 685 O O6    . DG D 4 5  ? 12.16843  4.61126   1.78942   1.000 412.97703 ? 103 DG X O6    1 
ATOM 686 N N1    . DG D 4 5  ? 11.86304  5.05563   3.98948   1.000 410.20440 ? 103 DG X N1    1 
ATOM 687 C C2    . DG D 4 5  ? 11.51154  4.69565   5.26569   1.000 396.61958 ? 103 DG X C2    1 
ATOM 688 N N2    . DG D 4 5  ? 11.60593  5.64990   6.20088   1.000 371.49880 ? 103 DG X N2    1 
ATOM 689 N N3    . DG D 4 5  ? 11.09675  3.48624   5.59920   1.000 399.04262 ? 103 DG X N3    1 
ATOM 690 C C4    . DG D 4 5  ? 11.06420  2.65259   4.53486   1.000 402.84710 ? 103 DG X C4    1 
ATOM 691 P P     . DC D 4 6  ? 8.49555   0.00514   8.88448   1.000 382.63959 ? 104 DC X P     1 
ATOM 692 O OP1   . DC D 4 6  ? 9.39503   -0.60946  9.88738   1.000 382.48302 ? 104 DC X OP1   1 
ATOM 693 O OP2   . DC D 4 6  ? 7.08555   0.23561   9.26976   1.000 358.29986 ? 104 DC X OP2   1 
ATOM 694 O "O5'" . DC D 4 6  ? 9.04771   1.42579   8.39043   1.000 388.97548 ? 104 DC X "O5'" 1 
ATOM 695 C "C5'" . DC D 4 6  ? 9.04120   2.54696   9.27549   1.000 365.61021 ? 104 DC X "C5'" 1 
ATOM 696 C "C4'" . DC D 4 6  ? 8.31184   3.73100   8.65562   1.000 357.63475 ? 104 DC X "C4'" 1 
ATOM 697 O "O4'" . DC D 4 6  ? 8.84796   3.99433   7.34330   1.000 384.04740 ? 104 DC X "O4'" 1 
ATOM 698 C "C3'" . DC D 4 6  ? 6.81259   3.52279   8.42309   1.000 342.49028 ? 104 DC X "C3'" 1 
ATOM 699 O "O3'" . DC D 4 6  ? 5.99258   4.08448   9.49584   1.000 319.49846 ? 104 DC X "O3'" 1 
ATOM 700 C "C2'" . DC D 4 6  ? 6.53193   4.19366   7.07035   1.000 353.33233 ? 104 DC X "C2'" 1 
ATOM 701 C "C1'" . DC D 4 6  ? 7.89405   4.74855   6.64804   1.000 375.37407 ? 104 DC X "C1'" 1 
ATOM 702 N N1    . DC D 4 6  ? 8.11386   4.61897   5.19715   1.000 397.84443 ? 104 DC X N1    1 
ATOM 703 C C2    . DC D 4 6  ? 8.48467   5.73938   4.43745   1.000 403.93447 ? 104 DC X C2    1 
ATOM 704 O O2    . DC D 4 6  ? 8.67225   6.82530   5.00492   1.000 387.01823 ? 104 DC X O2    1 
ATOM 705 N N3    . DC D 4 6  ? 8.64239   5.59245   3.10006   1.000 418.20122 ? 104 DC X N3    1 
ATOM 706 C C4    . DC D 4 6  ? 8.42816   4.40335   2.53182   1.000 418.30268 ? 104 DC X C4    1 
ATOM 707 N N4    . DC D 4 6  ? 8.59414   4.29688   1.21455   1.000 419.83262 ? 104 DC X N4    1 
ATOM 708 C C5    . DC D 4 6  ? 8.03342   3.26525   3.28872   1.000 409.50594 ? 104 DC X C5    1 
ATOM 709 C C6    . DC D 4 6  ? 7.88059   3.41974   4.60070   1.000 403.19751 ? 104 DC X C6    1 
ATOM 710 P P     . DA D 4 7  ? 6.24090   5.54739   10.13939  1.000 360.74114 ? 105 DA X P     1 
ATOM 711 O OP1   . DA D 4 7  ? 7.39451   5.46613   11.06038  1.000 358.03239 ? 105 DA X OP1   1 
ATOM 712 O OP2   . DA D 4 7  ? 4.93722   6.00016   10.67363  1.000 330.39038 ? 105 DA X OP2   1 
ATOM 713 O "O5'" . DA D 4 7  ? 6.59540   6.52284   8.91763   1.000 375.44633 ? 105 DA X "O5'" 1 
ATOM 714 C "C5'" . DA D 4 7  ? 7.59482   7.53138   9.09494   1.000 369.28009 ? 105 DA X "C5'" 1 
ATOM 715 C "C4'" . DA D 4 7  ? 7.20595   8.85878   8.44749   1.000 352.31748 ? 105 DA X "C4'" 1 
ATOM 716 O "O4'" . DA D 4 7  ? 7.30160   8.76559   7.00347   1.000 377.67876 ? 105 DA X "O4'" 1 
ATOM 717 C "C3'" . DA D 4 7  ? 5.80493   9.37740   8.75221   1.000 324.52879 ? 105 DA X "C3'" 1 
ATOM 718 O "O3'" . DA D 4 7  ? 5.86693   10.79971  8.93955   1.000 297.70247 ? 105 DA X "O3'" 1 
ATOM 719 C "C2'" . DA D 4 7  ? 5.01266   8.98730   7.50000   1.000 345.83486 ? 105 DA X "C2'" 1 
ATOM 720 C "C1'" . DA D 4 7  ? 6.06646   9.10860   6.40568   1.000 373.23797 ? 105 DA X "C1'" 1 
ATOM 721 N N9    . DA D 4 7  ? 5.86611   8.19721   5.28570   1.000 403.17138 ? 105 DA X N9    1 
ATOM 722 C C8    . DA D 4 7  ? 5.53425   6.87583   5.35971   1.000 413.18147 ? 105 DA X C8    1 
ATOM 723 N N7    . DA D 4 7  ? 5.44573   6.28468   4.19489   1.000 430.88464 ? 105 DA X N7    1 
ATOM 724 C C5    . DA D 4 7  ? 5.75122   7.28603   3.29041   1.000 439.27830 ? 105 DA X C5    1 
ATOM 725 C C6    . DA D 4 7  ? 5.82971   7.29631   1.88897   1.000 452.31492 ? 105 DA X C6    1 
ATOM 726 N N6    . DA D 4 7  ? 5.59006   6.22100   1.14044   1.000 455.51185 ? 105 DA X N6    1 
ATOM 727 N N1    . DA D 4 7  ? 6.15900   8.45793   1.28551   1.000 452.27026 ? 105 DA X N1    1 
ATOM 728 C C2    . DA D 4 7  ? 6.38884   9.53545   2.04395   1.000 438.69173 ? 105 DA X C2    1 
ATOM 729 N N3    . DA D 4 7  ? 6.35155   9.64609   3.37376   1.000 419.88880 ? 105 DA X N3    1 
ATOM 730 C C4    . DA D 4 7  ? 6.02113   8.47209   3.94214   1.000 421.88673 ? 105 DA X C4    1 
ATOM 731 P P     . DG D 4 8  ? 4.53934   11.70799  8.94589   1.000 317.96332 ? 106 DG X P     1 
ATOM 732 O OP1   . DG D 4 8  ? 4.84811   12.91740  9.74365   1.000 314.87900 ? 106 DG X OP1   1 
ATOM 733 O OP2   . DG D 4 8  ? 3.37722   10.87099  9.32569   1.000 313.96912 ? 106 DG X OP2   1 
ATOM 734 O "O5'" . DG D 4 8  ? 4.38170   12.15220  7.41574   1.000 338.91066 ? 106 DG X "O5'" 1 
ATOM 735 C "C5'" . DG D 4 8  ? 5.46789   12.79651  6.75058   1.000 350.75422 ? 106 DG X "C5'" 1 
ATOM 736 C "C4'" . DG D 4 8  ? 5.16814   12.99480  5.27421   1.000 375.15928 ? 106 DG X "C4'" 1 
ATOM 737 O "O4'" . DG D 4 8  ? 4.89923   11.71379  4.64541   1.000 403.66848 ? 106 DG X "O4'" 1 
ATOM 738 C "C3'" . DG D 4 8  ? 3.96969   13.89046  4.96708   1.000 361.47836 ? 106 DG X "C3'" 1 
ATOM 739 O "O3'" . DG D 4 8  ? 4.33355   14.81371  3.95271   1.000 373.01943 ? 106 DG X "O3'" 1 
ATOM 740 C "C2'" . DG D 4 8  ? 2.88791   12.90366  4.49857   1.000 374.77251 ? 106 DG X "C2'" 1 
ATOM 741 C "C1'" . DG D 4 8  ? 3.71561   11.78602  3.87898   1.000 407.25278 ? 106 DG X "C1'" 1 
ATOM 742 N N9    . DG D 4 8  ? 3.07242   10.46729  3.92131   1.000 414.70431 ? 106 DG X N9    1 
ATOM 743 C C8    . DG D 4 8  ? 2.49774   9.86278   5.01426   1.000 393.42529 ? 106 DG X C8    1 
ATOM 744 N N7    . DG D 4 8  ? 2.01692   8.67507   4.76180   1.000 404.03162 ? 106 DG X N7    1 
ATOM 745 C C5    . DG D 4 8  ? 2.30010   8.46975   3.41781   1.000 432.63476 ? 106 DG X C5    1 
ATOM 746 C C6    . DG D 4 8  ? 2.01976   7.35662   2.58488   1.000 446.47276 ? 106 DG X C6    1 
ATOM 747 O O6    . DG D 4 8  ? 1.44666   6.29891   2.88177   1.000 437.18607 ? 106 DG X O6    1 
ATOM 748 N N1    . DG D 4 8  ? 2.47757   7.55745   1.28662   1.000 468.42698 ? 106 DG X N1    1 
ATOM 749 C C2    . DG D 4 8  ? 3.12369   8.68791   0.84948   1.000 478.42863 ? 106 DG X C2    1 
ATOM 750 N N2    . DG D 4 8  ? 3.49139   8.70055   -0.43561  1.000 494.64079 ? 106 DG X N2    1 
ATOM 751 N N3    . DG D 4 8  ? 3.38868   9.73812   1.61558   1.000 464.17326 ? 106 DG X N3    1 
ATOM 752 C C4    . DG D 4 8  ? 2.95904   9.55727   2.88604   1.000 440.79959 ? 106 DG X C4    1 
ATOM 753 P P     . DC D 4 9  ? 3.39180   16.06250  3.58219   1.000 342.53071 ? 107 DC X P     1 
ATOM 754 O OP1   . DC D 4 9  ? 4.17265   17.29549  3.83896   1.000 337.32872 ? 107 DC X OP1   1 
ATOM 755 O OP2   . DC D 4 9  ? 2.07449   15.89586  4.23791   1.000 329.33982 ? 107 DC X OP2   1 
ATOM 756 O "O5'" . DC D 4 9  ? 3.20435   15.88535  2.00681   1.000 368.14993 ? 107 DC X "O5'" 1 
ATOM 757 C "C5'" . DC D 4 9  ? 4.28710   15.36718  1.23521   1.000 397.43032 ? 107 DC X "C5'" 1 
ATOM 758 C "C4'" . DC D 4 9  ? 3.78200   14.58682  0.04029   1.000 420.68127 ? 107 DC X "C4'" 1 
ATOM 759 O "O4'" . DC D 4 9  ? 3.30441   13.27795  0.46035   1.000 423.50489 ? 107 DC X "O4'" 1 
ATOM 760 C "C3'" . DC D 4 9  ? 2.60809   15.23668  -0.70742  1.000 414.22618 ? 107 DC X "C3'" 1 
ATOM 761 O "O3'" . DC D 4 9  ? 2.83785   15.15605  -2.10370  1.000 432.35506 ? 107 DC X "O3'" 1 
ATOM 762 C "C2'" . DC D 4 9  ? 1.42795   14.36340  -0.29544  1.000 405.86852 ? 107 DC X "C2'" 1 
ATOM 763 C "C1'" . DC D 4 9  ? 2.12458   13.02687  -0.25169  1.000 422.21306 ? 107 DC X "C1'" 1 
ATOM 764 N N1    . DC D 4 9  ? 1.35153   11.92368  0.38179   1.000 415.47075 ? 107 DC X N1    1 
ATOM 765 C C2    . DC D 4 9  ? 1.06584   10.80558  -0.38875  1.000 430.81715 ? 107 DC X C2    1 
ATOM 766 O O2    . DC D 4 9  ? 1.47676   10.78121  -1.55335  1.000 446.36377 ? 107 DC X O2    1 
ATOM 767 N N3    . DC D 4 9  ? 0.36481   9.78418   0.15498   1.000 423.16607 ? 107 DC X N3    1 
ATOM 768 C C4    . DC D 4 9  ? -0.04801  9.86285   1.42066   1.000 400.64152 ? 107 DC X C4    1 
ATOM 769 N N4    . DC D 4 9  ? -0.73884  8.82651   1.91370   1.000 390.53643 ? 107 DC X N4    1 
ATOM 770 C C5    . DC D 4 9  ? 0.22594   11.00990  2.23142   1.000 381.95779 ? 107 DC X C5    1 
ATOM 771 C C6    . DC D 4 9  ? 0.92629   12.00991  1.67441   1.000 389.89147 ? 107 DC X C6    1 
ATOM 772 P P     . DT D 4 10 ? 1.97434   16.04782  -3.12325  1.000 385.18659 ? 108 DT X P     1 
ATOM 773 O OP1   . DT D 4 10 ? 2.92512   16.91324  -3.85408  1.000 392.85412 ? 108 DT X OP1   1 
ATOM 774 O OP2   . DT D 4 10 ? 0.85615   16.66389  -2.37389  1.000 371.02093 ? 108 DT X OP2   1 
ATOM 775 O "O5'" . DT D 4 10 ? 1.35434   14.97996  -4.14211  1.000 395.87083 ? 108 DT X "O5'" 1 
ATOM 776 C "C5'" . DT D 4 10 ? 0.56244   15.43135  -5.23122  1.000 401.65749 ? 108 DT X "C5'" 1 
ATOM 777 C "C4'" . DT D 4 10 ? 0.02354   14.26854  -6.04716  1.000 407.96069 ? 108 DT X "C4'" 1 
ATOM 778 O "O4'" . DT D 4 10 ? 0.28845   13.02210  -5.36837  1.000 405.43054 ? 108 DT X "O4'" 1 
ATOM 779 C "C3'" . DT D 4 10 ? -1.47779  14.28427  -6.25266  1.000 405.87963 ? 108 DT X "C3'" 1 
ATOM 780 O "O3'" . DT D 4 10 ? -1.80271  15.09673  -7.37278  1.000 412.22751 ? 108 DT X "O3'" 1 
ATOM 781 C "C2'" . DT D 4 10 ? -1.78776  12.81302  -6.51426  1.000 408.42274 ? 108 DT X "C2'" 1 
ATOM 782 C "C1'" . DT D 4 10 ? -0.75300  12.09830  -5.64413  1.000 405.54237 ? 108 DT X "C1'" 1 
ATOM 783 N N1    . DT D 4 10 ? -1.28958  11.59243  -4.34996  1.000 396.26299 ? 108 DT X N1    1 
ATOM 784 C C2    . DT D 4 10 ? -1.78549  10.31424  -4.28643  1.000 393.90764 ? 108 DT X C2    1 
ATOM 785 O O2    . DT D 4 10 ? -1.82052  9.56189   -5.24522  1.000 397.48364 ? 108 DT X O2    1 
ATOM 786 N N3    . DT D 4 10 ? -2.23602  9.93910   -3.04968  1.000 381.63843 ? 108 DT X N3    1 
ATOM 787 C C4    . DT D 4 10 ? -2.24471  10.69610  -1.89548  1.000 371.84493 ? 108 DT X C4    1 
ATOM 788 O O4    . DT D 4 10 ? -2.67657  10.26562  -0.83064  1.000 358.60720 ? 108 DT X O4    1 
ATOM 789 C C5    . DT D 4 10 ? -1.71019  12.02750  -2.02907  1.000 373.34543 ? 108 DT X C5    1 
ATOM 790 C C7    . DT D 4 10 ? -1.67189  12.94259  -0.84325  1.000 357.71166 ? 108 DT X C7    1 
ATOM 791 C C6    . DT D 4 10 ? -1.26061  12.40786  -3.23528  1.000 385.49343 ? 108 DT X C6    1 
ATOM 792 P P     . DG D 4 11 ? -3.33907  15.33543  -7.77667  1.000 393.35149 ? 109 DG X P     1 
ATOM 793 O OP1   . DG D 4 11 ? -3.43453  16.62871  -8.49186  1.000 397.19372 ? 109 DG X OP1   1 
ATOM 794 O OP2   . DG D 4 11 ? -4.15771  15.10564  -6.56508  1.000 383.68910 ? 109 DG X OP2   1 
ATOM 795 O "O5'" . DG D 4 11 ? -3.64805  14.15204  -8.80598  1.000 400.28949 ? 109 DG X "O5'" 1 
ATOM 796 C "C5'" . DG D 4 11 ? -4.97387  13.94277  -9.26309  1.000 402.77214 ? 109 DG X "C5'" 1 
ATOM 797 C "C4'" . DG D 4 11 ? -5.28644  12.46054  -9.34850  1.000 400.59094 ? 109 DG X "C4'" 1 
ATOM 798 O "O4'" . DG D 4 11 ? -4.50570  11.74252  -8.36293  1.000 394.48790 ? 109 DG X "O4'" 1 
ATOM 799 C "C3'" . DG D 4 11 ? -6.73078  12.10029  -9.05588  1.000 396.14102 ? 109 DG X "C3'" 1 
ATOM 800 O "O3'" . DG D 4 11 ? -7.49506  12.16925  -10.25184 1.000 405.89536 ? 109 DG X "O3'" 1 
ATOM 801 C "C2'" . DG D 4 11 ? -6.61356  10.66927  -8.54248  1.000 388.67597 ? 109 DG X "C2'" 1 
ATOM 802 C "C1'" . DG D 4 11 ? -5.28043  10.70335  -7.79401  1.000 386.90231 ? 109 DG X "C1'" 1 
ATOM 803 N N9    . DG D 4 11 ? -5.40373  10.95230  -6.35946  1.000 378.20360 ? 109 DG X N9    1 
ATOM 804 C C8    . DG D 4 11 ? -5.12049  12.12103  -5.69438  1.000 377.31268 ? 109 DG X C8    1 
ATOM 805 N N7    . DG D 4 11 ? -5.31218  12.04665  -4.40644  1.000 364.96093 ? 109 DG X N7    1 
ATOM 806 C C5    . DG D 4 11 ? -5.74862  10.74433  -4.20375  1.000 359.52853 ? 109 DG X C5    1 
ATOM 807 C C6    . DG D 4 11 ? -6.11383  10.08112  -3.00738  1.000 346.24822 ? 109 DG X C6    1 
ATOM 808 O O6    . DG D 4 11 ? -6.12431  10.52813  -1.85239  1.000 334.76370 ? 109 DG X O6    1 
ATOM 809 N N1    . DG D 4 11 ? -6.49648  8.76459   -3.24829  1.000 345.49083 ? 109 DG X N1    1 
ATOM 810 C C2    . DG D 4 11 ? -6.52321  8.17005   -4.48663  1.000 354.74822 ? 109 DG X C2    1 
ATOM 811 N N2    . DG D 4 11 ? -6.91807  6.89281   -4.52763  1.000 353.36847 ? 109 DG X N2    1 
ATOM 812 N N3    . DG D 4 11 ? -6.18241  8.77942   -5.61189  1.000 365.27019 ? 109 DG X N3    1 
ATOM 813 C C4    . DG D 4 11 ? -5.80784  10.05981  -5.39513  1.000 367.67707 ? 109 DG X C4    1 
ATOM 814 P P     . DT D 4 12 ? -8.81964  13.07565  -10.30608 1.000 413.52983 ? 110 DT X P     1 
ATOM 815 O OP1   . DT D 4 12 ? -9.19845  13.22679  -11.72910 1.000 424.36204 ? 110 DT X OP1   1 
ATOM 816 O OP2   . DT D 4 12 ? -8.56833  14.28182  -9.48660  1.000 412.18710 ? 110 DT X OP2   1 
ATOM 817 O "O5'" . DT D 4 12 ? -9.91871  12.18107  -9.56022  1.000 405.70369 ? 110 DT X "O5'" 1 
ATOM 818 C "C5'" . DT D 4 12 ? -10.46990 11.04743  -10.22159 1.000 409.60943 ? 110 DT X "C5'" 1 
ATOM 819 C "C4'" . DT D 4 12 ? -10.57103 9.84811   -9.28960  1.000 400.45901 ? 110 DT X "C4'" 1 
ATOM 820 O "O4'" . DT D 4 12 ? -9.63046  9.97519   -8.20249  1.000 390.30049 ? 110 DT X "O4'" 1 
ATOM 821 C "C3'" . DT D 4 12 ? -11.90619 9.67975   -8.59636  1.000 396.24664 ? 110 DT X "C3'" 1 
ATOM 822 O "O3'" . DT D 4 12 ? -12.84027 9.04081   -9.48026  1.000 406.34173 ? 110 DT X "O3'" 1 
ATOM 823 C "C2'" . DT D 4 12 ? -11.53404 8.78017   -7.40952  1.000 384.77875 ? 110 DT X "C2'" 1 
ATOM 824 C "C1'" . DT D 4 12 ? -10.06299 9.15399   -7.13057  1.000 380.27740 ? 110 DT X "C1'" 1 
ATOM 825 N N1    . DT D 4 12 ? -9.85366  9.88733   -5.82637  1.000 371.52693 ? 110 DT X N1    1 
ATOM 826 C C2    . DT D 4 12 ? -10.02850 9.21235   -4.63428  1.000 359.74335 ? 110 DT X C2    1 
ATOM 827 O O2    . DT D 4 12 ? -10.34570 8.03790   -4.57080  1.000 358.50083 ? 110 DT X O2    1 
ATOM 828 N N3    . DT D 4 12 ? -9.81856  9.96879   -3.50882  1.000 350.05598 ? 110 DT X N3    1 
ATOM 829 C C4    . DT D 4 12 ? -9.45655  11.30298  -3.45487  1.000 351.40166 ? 110 DT X C4    1 
ATOM 830 O O4    . DT D 4 12 ? -9.29060  11.89589  -2.39346  1.000 339.98428 ? 110 DT X O4    1 
ATOM 831 C C5    . DT D 4 12 ? -9.28767  11.95017  -4.73548  1.000 365.68818 ? 110 DT X C5    1 
ATOM 832 C C7    . DT D 4 12 ? -8.89582  13.39599  -4.80129  1.000 368.57737 ? 110 DT X C7    1 
ATOM 833 C C6    . DT D 4 12 ? -9.49102  11.22055  -5.84585  1.000 374.61569 ? 110 DT X C6    1 
ATOM 834 P P     . DG D 4 13 ? -14.30794 9.66396   -9.71159  1.000 407.43663 ? 111 DG X P     1 
ATOM 835 O OP1   . DG D 4 13 ? -14.55260 9.74770   -11.16921 1.000 422.27433 ? 111 DG X OP1   1 
ATOM 836 O OP2   . DG D 4 13 ? -14.41623 10.88264  -8.87949  1.000 399.70356 ? 111 DG X OP2   1 
ATOM 837 O "O5'" . DG D 4 13 ? -15.29248 8.55285   -9.11495  1.000 404.22355 ? 111 DG X "O5'" 1 
ATOM 838 C "C5'" . DG D 4 13 ? -16.51256 8.93849   -8.49742  1.000 401.23356 ? 111 DG X "C5'" 1 
ATOM 839 C "C4'" . DG D 4 13 ? -16.57829 8.41581   -7.07243  1.000 388.38606 ? 111 DG X "C4'" 1 
ATOM 840 O "O4'" . DG D 4 13 ? -15.28760 8.57102   -6.43611  1.000 379.43661 ? 111 DG X "O4'" 1 
ATOM 841 C "C3'" . DG D 4 13 ? -17.54123 9.15555   -6.16645  1.000 382.08134 ? 111 DG X "C3'" 1 
ATOM 842 O "O3'" . DG D 4 13 ? -18.85641 8.62496   -6.31572  1.000 387.33499 ? 111 DG X "O3'" 1 
ATOM 843 C "C2'" . DG D 4 13 ? -16.97035 8.87197   -4.77310  1.000 368.40400 ? 111 DG X "C2'" 1 
ATOM 844 C "C1'" . DG D 4 13 ? -15.46378 8.72346   -5.03360  1.000 367.30937 ? 111 DG X "C1'" 1 
ATOM 845 N N9    . DG D 4 13 ? -14.64556 9.85506   -4.55380  1.000 360.81852 ? 111 DG X N9    1 
ATOM 846 C C8    . DG D 4 13 ? -14.08797 10.85829  -5.31438  1.000 366.14450 ? 111 DG X C8    1 
ATOM 847 N N7    . DG D 4 13 ? -13.40124 11.72538  -4.61624  1.000 358.71098 ? 111 DG X N7    1 
ATOM 848 C C5    . DG D 4 13 ? -13.50226 11.27100  -3.30594  1.000 347.60865 ? 111 DG X C5    1 
ATOM 849 C C6    . DG D 4 13 ? -12.95849 11.80761  -2.10929  1.000 336.65254 ? 111 DG X C6    1 
ATOM 850 O O6    . DG D 4 13 ? -12.26045 12.82165  -1.97302  1.000 334.54428 ? 111 DG X O6    1 
ATOM 851 N N1    . DG D 4 13 ? -13.29887 11.03985  -0.99435  1.000 328.27244 ? 111 DG X N1    1 
ATOM 852 C C2    . DG D 4 13 ? -14.06684 9.89963   -1.03404  1.000 330.39377 ? 111 DG X C2    1 
ATOM 853 N N2    . DG D 4 13 ? -14.29167 9.29062   0.14149   1.000 321.99355 ? 111 DG X N2    1 
ATOM 854 N N3    . DG D 4 13 ? -14.58275 9.38575   -2.14962  1.000 340.66956 ? 111 DG X N3    1 
ATOM 855 C C4    . DG D 4 13 ? -14.26118 10.12096  -3.24552  1.000 348.77194 ? 111 DG X C4    1 
# 
loop_
_atom_site_anisotrop.id 
_atom_site_anisotrop.type_symbol 
_atom_site_anisotrop.pdbx_label_atom_id 
_atom_site_anisotrop.pdbx_label_alt_id 
_atom_site_anisotrop.pdbx_label_comp_id 
_atom_site_anisotrop.pdbx_label_asym_id 
_atom_site_anisotrop.pdbx_label_seq_id 
_atom_site_anisotrop.pdbx_PDB_ins_code 
_atom_site_anisotrop.U[1][1] 
_atom_site_anisotrop.U[2][2] 
_atom_site_anisotrop.U[3][3] 
_atom_site_anisotrop.U[1][2] 
_atom_site_anisotrop.U[1][3] 
_atom_site_anisotrop.U[2][3] 
_atom_site_anisotrop.pdbx_auth_seq_id 
_atom_site_anisotrop.pdbx_auth_comp_id 
_atom_site_anisotrop.pdbx_auth_asym_id 
_atom_site_anisotrop.pdbx_auth_atom_id 
1   P P     . DA A 1  ? 3.22042 4.87627 4.83669 -0.67099 0.00552  0.50026  112 DA A P     
2   O OP1   . DA A 1  ? 3.13212 4.73540 4.83520 -0.81139 0.07766  0.41335  112 DA A OP1   
3   O OP2   . DA A 1  ? 3.33315 4.99923 4.91063 -0.53963 -0.04646 0.36175  112 DA A OP2   
4   O "O5'" . DA A 1  ? 3.19289 4.81662 4.89382 -0.70779 -0.07249 0.56744  112 DA A "O5'" 
5   C "C5'" . DA A 1  ? 3.18612 4.86026 4.79752 -0.62352 -0.12291 0.74506  112 DA A "C5'" 
6   C "C4'" . DA A 1  ? 3.29663 4.94916 4.94424 -0.53095 -0.22988 0.65336  112 DA A "C4'" 
7   O "O4'" . DA A 1  ? 3.31884 4.88846 5.13605 -0.61674 -0.26366 0.49051  112 DA A "O4'" 
8   C "C3'" . DA A 1  ? 3.38862 5.06933 4.96729 -0.39576 -0.25538 0.52653  112 DA A "C3'" 
9   O "O3'" . DA A 1  ? 3.38373 5.13190 4.80427 -0.26324 -0.28286 0.67158  112 DA A "O3'" 
10  C "C2'" . DA A 1  ? 3.49047 5.11208 5.20633 -0.38648 -0.34117 0.33050  112 DA A "C2'" 
11  C "C1'" . DA A 1  ? 3.41858 4.97679 5.27293 -0.51859 -0.35001 0.35159  112 DA A "C1'" 
12  N N9    . DA A 1  ? 3.38263 4.87365 5.40334 -0.59299 -0.35753 0.13595  112 DA A N9    
13  C C8    . DA A 1  ? 3.36249 4.84559 5.42413 -0.60636 -0.31720 -0.04622 112 DA A C8    
14  N N7    . DA A 1  ? 3.26817 4.69097 5.49263 -0.67977 -0.33212 -0.21680 112 DA A N7    
15  C C5    . DA A 1  ? 3.24389 4.62757 5.53688 -0.71364 -0.38634 -0.14379 112 DA A C5    
16  C C6    . DA A 1  ? 3.14402 4.45589 5.60258 -0.78662 -0.42242 -0.24872 112 DA A C6    
17  N N6    . DA A 1  ? 3.02478 4.29915 5.61972 -0.84137 -0.40615 -0.45699 112 DA A N6    
18  N N1    . DA A 1  ? 3.16209 4.44031 5.63918 -0.80102 -0.47423 -0.13044 112 DA A N1    
19  C C2    . DA A 1  ? 3.26072 4.57973 5.60211 -0.74945 -0.48926 0.08002  112 DA A C2    
20  N N3    . DA A 1  ? 3.33201 4.72693 5.51668 -0.67934 -0.45657 0.19734  112 DA A N3    
21  C C4    . DA A 1  ? 3.32489 4.74724 5.49267 -0.66302 -0.40461 0.07363  112 DA A C4    
22  P P     . DC A 2  ? 3.18794 4.95471 4.57006 -0.23305 -0.34675 0.86482  113 DC A P     
23  O OP1   . DC A 2  ? 3.07082 4.86357 4.43116 -0.32706 -0.28222 1.06244  113 DC A OP1   
24  O OP2   . DC A 2  ? 3.25142 5.06911 4.48996 -0.07286 -0.39172 0.90370  113 DC A OP2   
25  O "O5'" . DC A 2  ? 3.23643 4.92337 4.77862 -0.27570 -0.43796 0.74807  113 DC A "O5'" 
26  C "C5'" . DC A 2  ? 3.19839 4.84941 4.80175 -0.35869 -0.46509 0.86920  113 DC A "C5'" 
27  C "C4'" . DC A 2  ? 3.27042 4.87496 4.93811 -0.30625 -0.57999 0.81702  113 DC A "C4'" 
28  O "O4'" . DC A 2  ? 3.32340 4.85344 5.16399 -0.37022 -0.60420 0.60785  113 DC A "O4'" 
29  C "C3'" . DC A 2  ? 3.35707 5.00061 4.92775 -0.14297 -0.65097 0.78862  113 DC A "C3'" 
30  O "O3'" . DC A 2  ? 3.39461 5.02126 4.94966 -0.09692 -0.74022 0.89145  113 DC A "O3'" 
31  C "C2'" . DC A 2  ? 3.42798 5.03400 5.11335 -0.12710 -0.68330 0.53317  113 DC A "C2'" 
32  C "C1'" . DC A 2  ? 3.41270 4.94062 5.27691 -0.25979 -0.68657 0.46308  113 DC A "C1'" 
33  N N1    . DC A 2  ? 3.40759 4.90025 5.40813 -0.30844 -0.66762 0.22917  113 DC A N1    
34  C C2    . DC A 2  ? 3.37562 4.79534 5.55259 -0.38103 -0.70576 0.10735  113 DC A C2    
35  O O2    . DC A 2  ? 3.38221 4.76055 5.59482 -0.40136 -0.75778 0.19552  113 DC A O2    
36  N N3    . DC A 2  ? 3.31723 4.71198 5.61951 -0.42678 -0.68288 -0.10402 113 DC A N3    
37  C C4    . DC A 2  ? 3.31787 4.75218 5.57078 -0.40520 -0.62814 -0.19148 113 DC A C4    
38  N N4    . DC A 2  ? 3.23764 4.64601 5.61738 -0.45568 -0.60711 -0.39800 113 DC A N4    
39  C C5    . DC A 2  ? 3.38157 4.88176 5.45079 -0.33035 -0.59070 -0.07076 113 DC A C5    
40  C C6    . DC A 2  ? 3.41004 4.93969 5.36094 -0.28321 -0.61032 0.13636  113 DC A C6    
41  P P     . DG A 3  ? 3.34702 5.04118 4.71375 0.03190  -0.77034 1.07105  114 DG A P     
42  O OP1   . DG A 3  ? 3.23898 4.98816 4.51242 -0.01930 -0.68469 1.27871  114 DG A OP1   
43  O OP2   . DG A 3  ? 3.42556 5.15029 4.71835 0.16049  -0.79632 0.94830  114 DG A OP2   
44  O "O5'" . DG A 3  ? 3.40042 5.04423 4.80320 0.05543  -0.88065 1.12992  114 DG A "O5'" 
45  C "C5'" . DG A 3  ? 3.49280 5.09864 4.95317 0.13707  -0.98191 0.97969  114 DG A "C5'" 
46  C "C4'" . DG A 3  ? 3.54873 5.06494 5.18514 0.05399  -1.03627 0.90208  114 DG A "C4'" 
47  O "O4'" . DG A 3  ? 3.56396 5.04851 5.34621 -0.03638 -0.98588 0.71696  114 DG A "O4'" 
48  C "C3'" . DG A 3  ? 3.64398 5.12097 5.32905 0.14587  -1.16008 0.81185  114 DG A "C3'" 
49  O "O3'" . DG A 3  ? 3.69727 5.09368 5.49302 0.07590  -1.20905 0.83879  114 DG A "O3'" 
50  C "C2'" . DG A 3  ? 3.67645 5.15156 5.46795 0.16203  -1.16202 0.56524  114 DG A "C2'" 
51  C "C1'" . DG A 3  ? 3.63103 5.08497 5.52348 0.01660  -1.06053 0.51347  114 DG A "C1'" 
52  N N9    . DG A 3  ? 3.62998 5.11406 5.54802 0.01728  -1.00567 0.34598  114 DG A N9    
53  C C8    . DG A 3  ? 3.62140 5.17257 5.39954 0.08094  -0.95464 0.36505  114 DG A C8    
54  N N7    . DG A 3  ? 3.63299 5.18896 5.46849 0.06307  -0.91443 0.18964  114 DG A N7    
55  C C5    . DG A 3  ? 3.62356 5.11834 5.65391 -0.01803 -0.93824 0.04481  114 DG A C5    
56  C C6    . DG A 3  ? 3.59063 5.06522 5.76008 -0.07259 -0.91220 -0.17027 114 DG A C6    
57  O O6    . DG A 3  ? 3.58764 5.09128 5.73084 -0.06139 -0.86454 -0.27672 114 DG A O6    
58  N N1    . DG A 3  ? 3.53772 4.94887 5.88953 -0.14657 -0.94582 -0.26132 114 DG A N1    
59  C C2    . DG A 3  ? 3.54717 4.91173 5.93671 -0.16455 -0.99988 -0.15785 114 DG A C2    
60  N N2    . DG A 3  ? 3.47857 4.77812 6.04904 -0.23526 -1.02293 -0.27362 114 DG A N2    
61  N N3    . DG A 3  ? 3.60094 4.97913 5.85779 -0.11659 -1.02810 0.04547  114 DG A N3    
62  C C4    . DG A 3  ? 3.62369 5.07170 5.70694 -0.04496 -0.99385 0.13684  114 DG A C4    
63  P P     . DG A 4  ? 3.62145 4.96644 5.45872 0.16232  -1.34372 0.80544  115 DG A P     
64  O OP1   . DG A 4  ? 3.70456 5.02112 5.46392 0.14920  -1.37530 1.01995  115 DG A OP1   
65  O OP2   . DG A 4  ? 3.69774 5.09077 5.47603 0.30075  -1.39928 0.70418  115 DG A OP2   
66  O "O5'" . DG A 4  ? 3.62527 4.88782 5.68346 0.07787  -1.36268 0.62401  115 DG A "O5'" 
67  C "C5'" . DG A 4  ? 3.57506 4.83780 5.73729 -0.01664 -1.27635 0.48630  115 DG A "C5'" 
68  C "C4'" . DG A 4  ? 3.58591 4.85136 5.87354 0.03303  -1.31739 0.24521  115 DG A "C4'" 
69  O "O4'" . DG A 4  ? 3.55611 4.89047 5.79291 0.05188  -1.25019 0.16077  115 DG A "O4'" 
70  C "C3'" . DG A 4  ? 3.66013 4.93011 5.93596 0.17249  -1.44291 0.20461  115 DG A "C3'" 
71  O "O3'" . DG A 4  ? 3.66556 4.87075 6.12711 0.15552  -1.50813 0.06529  115 DG A "O3'" 
72  C "C2'" . DG A 4  ? 3.66168 5.00708 5.87784 0.26022  -1.43629 0.08989  115 DG A "C2'" 
73  C "C1'" . DG A 4  ? 3.59088 4.94496 5.87749 0.14950  -1.32269 -0.00673 115 DG A "C1'" 
74  N N9    . DG A 4  ? 3.58977 5.01185 5.78559 0.19800  -1.27494 -0.07247 115 DG A N9    
75  C C8    . DG A 4  ? 3.61597 5.09677 5.61355 0.28849  -1.26501 0.04064  115 DG A C8    
76  N N7    . DG A 4  ? 3.61688 5.13977 5.57283 0.31622  -1.22156 -0.06567 115 DG A N7    
77  C C5    . DG A 4  ? 3.58149 5.07558 5.72392 0.23718  -1.20374 -0.26119 115 DG A C5    
78  C C6    . DG A 4  ? 3.55597 5.06980 5.74824 0.22051  -1.15952 -0.44174 115 DG A C6    
79  O O6    . DG A 4  ? 3.58144 5.13752 5.65493 0.27515  -1.12747 -0.46655 115 DG A O6    
80  N N1    . DG A 4  ? 3.47727 4.95139 5.87866 0.12784  -1.15203 -0.60460 115 DG A N1    
81  C C2    . DG A 4  ? 3.43596 4.85445 5.97384 0.06468  -1.18231 -0.59356 115 DG A C2    
82  N N2    . DG A 4  ? 3.32614 4.71185 6.05759 -0.01716 -1.16684 -0.76588 115 DG A N2    
83  N N3    . DG A 4  ? 3.48426 4.87700 5.97192 0.08093  -1.22531 -0.42769 115 DG A N3    
84  C C4    . DG A 4  ? 3.55430 4.98887 5.84537 0.16663  -1.23502 -0.26772 115 DG A C4    
85  P P     . DA A 5  ? 3.62379 4.75889 6.10669 0.19460  -1.61556 0.15230  116 DA A P     
86  O OP1   . DA A 5  ? 3.63453 4.73987 6.00834 0.12976  -1.57756 0.37658  116 DA A OP1   
87  O OP2   . DA A 5  ? 3.71212 4.88202 6.14174 0.34426  -1.72261 0.11930  116 DA A OP2   
88  O "O5'" . DA A 5  ? 3.58101 4.63883 6.29514 0.11982  -1.63042 -0.01380 116 DA A "O5'" 
89  C "C5'" . DA A 5  ? 3.55788 4.63476 6.42003 0.16789  -1.67466 -0.23571 116 DA A "C5'" 
90  C "C4'" . DA A 5  ? 3.42959 4.47260 6.47209 0.04761  -1.60043 -0.39210 116 DA A "C4'" 
91  O "O4'" . DA A 5  ? 3.36335 4.44537 6.33804 -0.03433 -1.48055 -0.37308 116 DA A "O4'" 
92  C "C3'" . DA A 5  ? 3.35990 4.42908 6.57707 0.08653  -1.63902 -0.63146 116 DA A "C3'" 
93  O "O3'" . DA A 5  ? 3.38264 4.38474 6.75229 0.09620  -1.71436 -0.69346 116 DA A "O3'" 
94  C "C2'" . DA A 5  ? 3.21241 4.28887 6.51088 -0.03336 -1.52126 -0.74440 116 DA A "C2'" 
95  C "C1'" . DA A 5  ? 3.25240 4.36270 6.35669 -0.06631 -1.43816 -0.58262 116 DA A "C1'" 
96  N N9    . DA A 5  ? 3.29380 4.49345 6.28904 0.01196  -1.42825 -0.61541 116 DA A N9    
97  C C8    . DA A 5  ? 3.38707 4.63411 6.17673 0.07447  -1.42074 -0.45797 116 DA A C8    
98  N N7    . DA A 5  ? 3.41648 4.73160 6.13948 0.13919  -1.41110 -0.53345 116 DA A N7    
99  C C5    . DA A 5  ? 3.33172 4.64788 6.23078 0.11233  -1.41224 -0.75450 116 DA A C5    
100 C C6    . DA A 5  ? 3.31031 4.68020 6.23889 0.14892  -1.40739 -0.92499 116 DA A C6    
101 N N6    . DA A 5  ? 3.38754 4.81411 6.15241 0.22504  -1.39903 -0.89597 116 DA A N6    
102 N N1    . DA A 5  ? 3.18570 4.54655 6.31543 0.10417  -1.41100 -1.12519 116 DA A N1    
103 C C2    . DA A 5  ? 3.08742 4.38709 6.37506 0.03223  -1.41645 -1.15380 116 DA A C2    
104 N N3    . DA A 5  ? 3.11136 4.34798 6.38379 -0.00616 -1.42226 -1.00875 116 DA A N3    
105 C C4    . DA A 5  ? 3.23577 4.48526 6.30836 0.03585  -1.42160 -0.80915 116 DA A C4    
106 P P     . DC A 6  ? 3.39886 4.43281 6.87374 0.22440  -1.83776 -0.83317 117 DC A P     
107 O OP1   . DC A 6  ? 3.39472 4.35760 7.07693 0.18670  -1.86741 -0.94006 117 DC A OP1   
108 O OP2   . DC A 6  ? 3.53605 4.59268 6.84169 0.34607  -1.92663 -0.69257 117 DC A OP2   
109 O "O5'" . DC A 6  ? 3.31828 4.44364 6.84172 0.23812  -1.80129 -1.01352 117 DC A "O5'" 
110 C "C5'" . DC A 6  ? 3.22477 4.35185 6.95959 0.17663  -1.76812 -1.21895 117 DC A "C5'" 
111 C "C4'" . DC A 6  ? 3.15982 4.37402 6.89313 0.18818  -1.72917 -1.35425 117 DC A "C4'" 
112 O "O4'" . DC A 6  ? 3.15459 4.40174 6.66692 0.19141  -1.67124 -1.21870 117 DC A "O4'" 
113 C "C3'" . DC A 6  ? 3.23857 4.51981 7.01710 0.31550  -1.83792 -1.47328 117 DC A "C3'" 
114 O "O3'" . DC A 6  ? 3.15182 4.49142 7.02517 0.28453  -1.79210 -1.65774 117 DC A "O3'" 
115 C "C2'" . DC A 6  ? 3.33132 4.64450 6.86557 0.40584  -1.86905 -1.31624 117 DC A "C2'" 
116 C "C1'" . DC A 6  ? 3.22663 4.54545 6.65411 0.30856  -1.73485 -1.25776 117 DC A "C1'" 
117 N N1    . DC A 6  ? 3.30594 4.64579 6.48246 0.35490  -1.71580 -1.06990 117 DC A N1    
118 C C2    . DC A 6  ? 3.34228 4.74801 6.40028 0.40840  -1.69772 -1.10810 117 DC A C2    
119 O O2    . DC A 6  ? 3.27441 4.71681 6.43845 0.41197  -1.70212 -1.29453 117 DC A O2    
120 N N3    . DC A 6  ? 3.43777 4.86397 6.26889 0.45401  -1.67463 -0.94084 117 DC A N3    
121 C C4    . DC A 6  ? 3.48597 4.87650 6.21609 0.44366  -1.66988 -0.74042 117 DC A C4    
122 N N4    . DC A 6  ? 3.54759 4.96763 6.05950 0.49075  -1.64315 -0.57893 117 DC A N4    
123 C C5    . DC A 6  ? 3.46229 4.78340 6.30956 0.38451  -1.69175 -0.69675 117 DC A C5    
124 C C6    . DC A 6  ? 3.37595 4.67026 6.44157 0.34287  -1.71315 -0.86601 117 DC A C6    
125 P P     . DA A 7  ? 2.95749 4.33804 7.04473 0.33236  -1.86485 -1.87542 118 DA A P     
126 O OP1   . DA A 7  ? 2.94388 4.21883 7.15422 0.25884  -1.79465 -1.92229 118 DA A OP1   
127 O OP2   . DA A 7  ? 3.09288 4.51325 7.13031 0.47728  -2.00418 -1.85375 118 DA A OP2   
128 O "O5'" . DA A 7  ? 2.90811 4.30988 6.93280 0.29971  -1.75688 -1.99104 118 DA A "O5'" 
129 C "C5'" . DA A 7  ? 2.86537 4.34305 6.75283 0.30302  -1.74713 -1.93554 118 DA A "C5'" 
130 C "C4'" . DA A 7  ? 2.90848 4.43273 6.74603 0.36550  -1.75562 -2.05849 118 DA A "C4'" 
131 O "O4'" . DA A 7  ? 2.97596 4.54941 6.61236 0.45012  -1.80309 -1.95265 118 DA A "O4'" 
132 C "C3'" . DA A 7  ? 3.02031 4.53690 6.94100 0.45690  -1.83972 -2.16494 118 DA A "C3'" 
133 O "O3'" . DA A 7  ? 3.04216 4.58308 6.92388 0.48090  -1.80806 -2.28867 118 DA A "O3'" 
134 C "C2'" . DA A 7  ? 3.11398 4.68744 6.96961 0.57340  -1.99722 -2.05148 118 DA A "C2'" 
135 C "C1'" . DA A 7  ? 3.11372 4.70192 6.72724 0.57750  -1.93928 -1.92522 118 DA A "C1'" 
136 N N9    . DA A 7  ? 3.18799 4.73421 6.62317 0.61434  -1.95092 -1.70356 118 DA A N9    
137 C C8    . DA A 7  ? 3.19172 4.67700 6.66580 0.58228  -1.95639 -1.58989 118 DA A C8    
138 N N7    . DA A 7  ? 3.26766 4.72911 6.54545 0.62235  -1.96347 -1.38878 118 DA A N7    
139 C C5    . DA A 7  ? 3.31465 4.82525 6.41318 0.68631  -1.95718 -1.37082 118 DA A C5    
140 C C6    . DA A 7  ? 3.40354 4.92175 6.25259 0.75239  -1.95484 -1.19787 118 DA A C6    
141 N N6    . DA A 7  ? 3.45844 4.93858 6.19686 0.76147  -1.96048 -0.99884 118 DA A N6    
142 N N1    . DA A 7  ? 3.44037 5.00536 6.15562 0.80857  -1.94537 -1.23763 118 DA A N1    
143 C C2    . DA A 7  ? 3.39151 4.99144 6.21532 0.79549  -1.94235 -1.43529 118 DA A C2    
144 N N3    . DA A 7  ? 3.30355 4.90675 6.36377 0.73220  -1.94394 -1.60725 118 DA A N3    
145 C C4    . DA A 7  ? 3.26834 4.82652 6.45771 0.68129  -1.95006 -1.56420 118 DA A C4    
146 P P     . DT A 8  ? 3.16310 4.71505 7.11047 0.57965  -1.89353 -2.41010 119 DT A P     
147 O OP1   . DT A 8  ? 3.14114 4.69499 7.08410 0.55418  -1.79985 -2.53307 119 DT A OP1   
148 O OP2   . DT A 8  ? 3.20462 4.70774 7.30185 0.59411  -1.93540 -2.41954 119 DT A OP2   
149 O "O5'" . DT A 8  ? 3.26658 4.89052 7.07555 0.69852  -2.03916 -2.34106 119 DT A "O5'" 
150 C "C5'" . DT A 8  ? 3.24508 4.92695 6.89111 0.70979  -2.02791 -2.30458 119 DT A "C5'" 
151 C "C4'" . DT A 8  ? 3.37660 5.11166 6.88390 0.84589  -2.16767 -2.23354 119 DT A "C4'" 
152 O "O4'" . DT A 8  ? 3.40632 5.11173 6.75793 0.86675  -2.16266 -2.02350 119 DT A "O4'" 
153 C "C3'" . DT A 8  ? 3.51907 5.22925 7.08748 0.93603  -2.27904 -2.27412 119 DT A "C3'" 
154 O "O3'" . DT A 8  ? 3.62590 5.36244 7.10748 1.01209  -2.33436 -2.35629 119 DT A "O3'" 
155 C "C2'" . DT A 8  ? 3.58968 5.29848 7.07955 1.00972  -2.37280 -2.09717 119 DT A "C2'" 
156 C "C1'" . DT A 8  ? 3.56034 5.26659 6.83124 0.99001  -2.29043 -1.95261 119 DT A "C1'" 
157 N N1    . DT A 8  ? 3.60179 5.25430 6.75582 1.00004  -2.28397 -1.74110 119 DT A N1    
158 C C2    . DT A 8  ? 3.69073 5.33470 6.58168 1.05887  -2.27264 -1.57795 119 DT A C2    
159 O O2    . DT A 8  ? 3.74132 5.41439 6.48381 1.10657  -2.26649 -1.60002 119 DT A O2    
160 N N3    . DT A 8  ? 3.72743 5.32536 6.53164 1.06157  -2.26982 -1.38656 119 DT A N3    
161 C C4    . DT A 8  ? 3.68869 5.24025 6.63384 1.01035  -2.27822 -1.34353 119 DT A C4    
162 O O4    . DT A 8  ? 3.73255 5.24052 6.57863 1.01285  -2.27603 -1.16411 119 DT A O4    
163 C C5    . DT A 8  ? 3.59949 5.15573 6.81434 0.95305  -2.28843 -1.52424 119 DT A C5    
164 C C7    . DT A 8  ? 3.56203 5.06111 6.94144 0.89715  -2.29553 -1.49960 119 DT A C7    
165 C C6    . DT A 8  ? 3.55877 5.16917 6.86734 0.95128  -2.29000 -1.71176 119 DT A C6    
166 P P     . DC B 1  ? 4.19505 5.64291 4.73180 0.28089  1.83839  -1.34088 131 DC B P     
167 O OP1   . DC B 1  ? 4.03457 5.30646 4.89011 0.22416  1.80537  -1.38069 131 DC B OP1   
168 O OP2   . DC B 1  ? 4.39420 5.84547 4.85048 0.32938  1.96102  -1.30981 131 DC B OP2   
169 O "O5'" . DC B 1  ? 4.19366 5.73090 4.45949 0.40523  1.69654  -1.35458 131 DC B "O5'" 
170 C "C5'" . DC B 1  ? 4.28785 5.81181 4.42469 0.55977  1.64801  -1.37788 131 DC B "C5'" 
171 C "C4'" . DC B 1  ? 4.23132 5.59884 4.64170 0.61090  1.65214  -1.41534 131 DC B "C4'" 
172 O "O4'" . DC B 1  ? 4.02532 5.30239 4.64622 0.56013  1.54972  -1.44532 131 DC B "O4'" 
173 C "C3'" . DC B 1  ? 4.32888 5.66675 4.63676 0.80217  1.57369  -1.45209 131 DC B "C3'" 
174 O "O3'" . DC B 1  ? 4.37783 5.51695 4.94742 0.83803  1.66162  -1.45704 131 DC B "O3'" 
175 C "C2'" . DC B 1  ? 4.16600 5.47549 4.51248 0.84372  1.38456  -1.48981 131 DC B "C2'" 
176 C "C1'" . DC B 1  ? 3.99486 5.18361 4.65310 0.70237  1.42183  -1.48288 131 DC B "C1'" 
177 N N1    . DC B 1  ? 3.81917 5.00189 4.50619 0.66411  1.27864  -1.50498 131 DC B N1    
178 C C2    . DC B 1  ? 3.71641 4.73163 4.60807 0.72300  1.16095  -1.52404 131 DC B C2    
179 O O2    . DC B 1  ? 3.77584 4.62136 4.83945 0.81602  1.16247  -1.51309 131 DC B O2    
180 N N3    . DC B 1  ? 3.56632 4.58452 4.46588 0.67335  1.03999  -1.54061 131 DC B N3    
181 C C4    . DC B 1  ? 3.51626 4.68264 4.25459 0.57264  1.03775  -1.54396 131 DC B C4    
182 N N4    . DC B 1  ? 3.37264 4.53479 4.13388 0.52092  0.92502  -1.56276 131 DC B N4    
183 C C5    . DC B 1  ? 3.61898 4.92471 4.17518 0.52003  1.14227  -1.51811 131 DC B C5    
184 C C6    . DC B 1  ? 3.76875 5.08106 4.29692 0.56705  1.25794  -1.49644 131 DC B C6    
185 P P     . DA B 2  ? 4.19204 5.15595 4.56468 1.01209  1.51867  -1.33063 132 DA B P     
186 O OP1   . DA B 2  ? 4.27243 4.85453 4.91597 0.97832  1.52292  -1.19499 132 DA B OP1   
187 O OP2   . DA B 2  ? 4.38450 5.55901 4.39354 1.04276  1.58600  -1.32174 132 DA B OP2   
188 O "O5'" . DA B 2  ? 4.10137 5.11197 4.38397 1.18117  1.27071  -1.38735 132 DA B "O5'" 
189 C "C5'" . DA B 2  ? 4.29724 5.22927 4.33834 1.36594  1.08990  -1.30654 132 DA B "C5'" 
190 C "C4'" . DA B 2  ? 4.29873 4.88915 4.55258 1.44741  0.92259  -1.21482 132 DA B "C4'" 
191 O "O4'" . DA B 2  ? 4.02923 4.59188 4.59691 1.36938  0.91347  -1.29932 132 DA B "O4'" 
192 C "C3'" . DA B 2  ? 4.37934 4.96642 4.42157 1.65600  0.67905  -1.20395 132 DA B "C3'" 
193 O "O3'" . DA B 2  ? 4.47317 4.69125 4.67433 1.72829  0.55381  -1.07275 132 DA B "O3'" 
194 C "C2'" . DA B 2  ? 4.10966 4.92642 4.20449 1.65860  0.60578  -1.36938 132 DA B "C2'" 
195 C "C1'" . DA B 2  ? 3.91223 4.59158 4.39575 1.49099  0.72151  -1.38751 132 DA B "C1'" 
196 N N9    . DA B 2  ? 3.68216 4.61376 4.20537 1.37495  0.79224  -1.53396 132 DA B N9    
197 C C8    . DA B 2  ? 3.66835 4.78620 4.08600 1.20789  0.96068  -1.54936 132 DA B C8    
198 N N7    . DA B 2  ? 3.51196 4.69367 3.93578 1.06558  0.93592  -1.55967 132 DA B N7    
199 C C5    . DA B 2  ? 3.40350 4.46871 3.94510 1.12803  0.76065  -1.56739 132 DA B C5    
200 C C6    . DA B 2  ? 3.22991 4.29936 3.81899 1.04169  0.65738  -1.58031 132 DA B C6    
201 N N6    . DA B 2  ? 3.13569 4.32056 3.66631 0.88521  0.70925  -1.58880 132 DA B N6    
202 N N1    . DA B 2  ? 3.16880 4.10302 3.86186 1.12366  0.48750  -1.57006 132 DA B N1    
203 C C2    . DA B 2  ? 3.28279 4.05563 4.03193 1.28546  0.40902  -1.53102 132 DA B C2    
204 N N3    . DA B 2  ? 3.45923 4.18571 4.17431 1.39783  0.47756  -1.51021 132 DA B N3    
205 C C4    . DA B 2  ? 3.50542 4.40535 4.11533 1.31002  0.66569  -1.54258 132 DA B C4    
206 P P     . DC B 3  ? 4.76919 4.90888 4.90061 1.92605  0.28137  -1.06902 133 DC B P     
207 O OP1   . DC B 3  ? 5.08272 4.83273 5.31277 1.98656  0.20205  -0.90316 133 DC B OP1   
208 O OP2   . DC B 3  ? 4.77934 5.21747 4.53728 2.05475  0.19446  -1.14657 133 DC B OP2   
209 O "O5'" . DC B 3  ? 4.39069 4.57573 4.80422 1.86882  0.23514  -1.18691 133 DC B "O5'" 
210 C "C5'" . DC B 3  ? 4.32122 4.35992 4.84039 1.98279  0.02524  -1.18233 133 DC B "C5'" 
211 C "C4'" . DC B 3  ? 4.19314 4.52359 4.52418 2.01313  -0.10425 -1.29592 133 DC B "C4'" 
212 O "O4'" . DC B 3  ? 3.99310 4.57678 4.35474 1.83808  0.02621  -1.40834 133 DC B "O4'" 
213 C "C3'" . DC B 3  ? 4.37002 4.91065 4.30927 2.18234  -0.19400 -1.32595 133 DC B "C3'" 
214 O "O3'" . DC B 3  ? 4.33307 4.90661 4.18002 2.22861  -0.41564 -1.32454 133 DC B "O3'" 
215 C "C2'" . DC B 3  ? 4.27198 5.17793 4.06572 2.05873  -0.04878 -1.44451 133 DC B "C2'" 
216 C "C1'" . DC B 3  ? 4.00437 4.90251 4.05626 1.86691  -0.03807 -1.48083 133 DC B "C1'" 
217 N N1    . DC B 3  ? 3.86081 5.00495 3.89135 1.66860  0.10780  -1.55389 133 DC B N1    
218 C C2    . DC B 3  ? 3.65633 4.88494 3.75273 1.54029  0.03869  -1.58979 133 DC B C2    
219 O O2    . DC B 3  ? 3.59284 4.71778 3.75879 1.59081  -0.12857 -1.57513 133 DC B O2    
220 N N3    . DC B 3  ? 3.54860 4.94591 3.62396 1.36030  0.15201  -1.62192 133 DC B N3    
221 C C4    . DC B 3  ? 3.63509 5.11645 3.62808 1.29201  0.32620  -1.61756 133 DC B C4    
222 N N4    . DC B 3  ? 3.54283 5.13685 3.51862 1.11328  0.41568  -1.62335 133 DC B N4    
223 C C5    . DC B 3  ? 3.83481 5.26765 3.75108 1.40752  0.40936  -1.59305 133 DC B C5    
224 C C6    . DC B 3  ? 3.94456 5.20962 3.87793 1.60453  0.29618  -1.56391 133 DC B C6    
225 P P     . DA B 4  ? 4.56823 4.80841 4.51544 2.27839  -0.59001 -1.18612 134 DA B P     
226 O OP1   . DA B 4  ? 4.57444 4.48202 4.83530 2.19709  -0.50068 -1.06598 134 DA B OP1   
227 O OP2   . DA B 4  ? 4.81375 5.07763 4.44599 2.46744  -0.71649 -1.15524 134 DA B OP2   
228 O "O5'" . DA B 4  ? 4.34918 4.68507 4.34502 2.16361  -0.71419 -1.24439 134 DA B "O5'" 
229 C "C5'" . DA B 4  ? 4.12129 4.67620 4.18445 2.02818  -0.63730 -1.35565 134 DA B "C5'" 
230 C "C4'" . DA B 4  ? 4.00555 4.75053 3.92893 2.00428  -0.79809 -1.43684 134 DA B "C4'" 
231 O "O4'" . DA B 4  ? 3.82833 4.86460 3.74256 1.89311  -0.72040 -1.53693 134 DA B "O4'" 
232 C "C3'" . DA B 4  ? 4.16930 5.05196 3.76589 2.16542  -0.95566 -1.47274 134 DA B "C3'" 
233 O "O3'" . DA B 4  ? 4.08417 5.00818 3.60517 2.12619  -1.11163 -1.52873 134 DA B "O3'" 
234 C "C2'" . DA B 4  ? 4.14522 5.39192 3.59072 2.18376  -0.88084 -1.55287 134 DA B "C2'" 
235 C "C1'" . DA B 4  ? 3.88253 5.23548 3.54096 1.97668  -0.77809 -1.59411 134 DA B "C1'" 
236 N N9    . DA B 4  ? 3.85207 5.38680 3.50732 1.87902  -0.58637 -1.61681 134 DA B N9    
237 C C8    . DA B 4  ? 4.02061 5.53389 3.58759 1.92358  -0.44278 -1.59640 134 DA B C8    
238 N N7    . DA B 4  ? 3.95940 5.64531 3.52165 1.77126  -0.28017 -1.61797 134 DA B N7    
239 C C5    . DA B 4  ? 3.73901 5.54821 3.40729 1.63001  -0.32245 -1.64518 134 DA B C5    
240 C C6    . DA B 4  ? 3.59945 5.55975 3.31822 1.43578  -0.21616 -1.65620 134 DA B C6    
241 N N6    . DA B 4  ? 3.66373 5.67815 3.32280 1.33380  -0.04470 -1.64584 134 DA B N6    
242 N N1    . DA B 4  ? 3.40325 5.43385 3.23403 1.35159  -0.29532 -1.66730 134 DA B N1    
243 C C2    . DA B 4  ? 3.34090 5.31834 3.23133 1.44488  -0.46614 -1.67285 134 DA B C2    
244 N N3    . DA B 4  ? 3.46193 5.29114 3.30075 1.61220  -0.58877 -1.66570 134 DA B N3    
245 C C4    . DA B 4  ? 3.66461 5.40043 3.39431 1.70119  -0.50676 -1.64867 134 DA B C4    
246 P P     . DC B 5  ? 4.20043 4.82441 3.68972 2.14662  -1.22341 -1.46386 135 DC B P     
247 O OP1   . DC B 5  ? 4.00814 4.52581 3.69215 1.98719  -1.24212 -1.45844 135 DC B OP1   
248 O OP2   . DC B 5  ? 4.39658 4.78312 3.95037 2.22563  -1.17810 -1.31978 135 DC B OP2   
249 O "O5'" . DC B 5  ? 4.33444 5.11347 3.44714 2.25777  -1.34457 -1.59584 135 DC B "O5'" 
250 C "C5'" . DC B 5  ? 4.51288 5.44302 3.40337 2.40544  -1.32752 -1.60912 135 DC B "C5'" 
251 C "C4'" . DC B 5  ? 4.72940 5.50801 3.44901 2.49706  -1.36970 -1.60688 135 DC B "C4'" 
252 O "O4'" . DC B 5  ? 4.99368 5.66957 3.55661 2.65966  -1.38891 -1.54465 135 DC B "O4'" 
253 C "C3'" . DC B 5  ? 4.74217 5.23363 3.53082 2.43722  -1.45024 -1.58728 135 DC B "C3'" 
254 O "O3'" . DC B 5  ? 4.86542 5.32123 3.53040 2.49205  -1.46989 -1.61883 135 DC B "O3'" 
255 C "C2'" . DC B 5  ? 4.83650 5.09340 3.82776 2.43500  -1.43133 -1.37492 135 DC B "C2'" 
256 C "C1'" . DC B 5  ? 5.05632 5.40463 3.82859 2.60613  -1.41217 -1.36840 135 DC B "C1'" 
257 N N1    . DC B 5  ? 5.09074 5.33757 4.03333 2.61859  -1.32657 -1.22904 135 DC B N1    
258 C C2    . DC B 5  ? 5.26921 5.22084 4.30752 2.63913  -1.32777 -1.05737 135 DC B C2    
259 O O2    . DC B 5  ? 5.38207 5.19248 4.37202 2.64010  -1.40965 -1.01525 135 DC B O2    
260 N N3    . DC B 5  ? 5.31772 5.14379 4.50381 2.65153  -1.22362 -0.94931 135 DC B N3    
261 C C4    . DC B 5  ? 5.18811 5.17696 4.44184 2.64237  -1.10808 -1.01267 135 DC B C4    
262 N N4    . DC B 5  ? 5.25824 5.08747 4.65432 2.65263  -0.97903 -0.92120 135 DC B N4    
263 C C5    . DC B 5  ? 4.98678 5.30755 4.16586 2.60853  -1.10318 -1.18011 135 DC B C5    
264 C C6    . DC B 5  ? 4.94918 5.38692 3.96575 2.60029  -1.22523 -1.27779 135 DC B C6    
265 P P     . DC B 6  ? 4.93696 5.28107 3.72433 2.36954  -1.49098 -1.62064 136 DC B P     
266 O OP1   . DC B 6  ? 4.87019 5.40646 3.68567 2.34945  -1.40143 -1.63440 136 DC B OP1   
267 O OP2   . DC B 6  ? 4.72634 5.01123 3.70301 2.22308  -1.49764 -1.60539 136 DC B OP2   
268 O "O5'" . DC B 6  ? 5.15525 5.23229 3.88322 2.43313  -1.59148 -1.55637 136 DC B "O5'" 
269 C "C5'" . DC B 6  ? 5.35197 5.34926 4.06241 2.52132  -1.59892 -1.41794 136 DC B "C5'" 
270 C "C4'" . DC B 6  ? 5.39391 5.14305 4.31372 2.44826  -1.62780 -1.23157 136 DC B "C4'" 
271 O "O4'" . DC B 6  ? 5.42886 5.08105 4.50626 2.44659  -1.57459 -1.07553 136 DC B "O4'" 
272 C "C3'" . DC B 6  ? 5.23504 4.89685 4.33918 2.31255  -1.65366 -1.24330 136 DC B "C3'" 
273 O "O3'" . DC B 6  ? 5.42029 4.88987 4.53382 2.33432  -1.73969 -1.20113 136 DC B "O3'" 
274 C "C2'" . DC B 6  ? 5.05167 4.67992 4.44002 2.20365  -1.56196 -1.10836 136 DC B "C2'" 
275 C "C1'" . DC B 6  ? 5.24875 4.77780 4.63729 2.29624  -1.53147 -0.97048 136 DC B "C1'" 
276 N N1    . DC B 6  ? 5.18374 4.69346 4.74608 2.27422  -1.43460 -0.89644 136 DC B N1    
277 C C2    . DC B 6  ? 5.32598 4.64358 5.01343 2.29919  -1.38018 -0.73449 136 DC B C2    
278 O O2    . DC B 6  ? 5.50561 4.68418 5.15072 2.33875  -1.42398 -0.64726 136 DC B O2    
279 N N3    . DC B 6  ? 5.27116 4.55295 5.12251 2.27766  -1.27113 -0.68579 136 DC B N3    
280 C C4    . DC B 6  ? 5.07481 4.51816 4.97856 2.23037  -1.21975 -0.78721 136 DC B C4    
281 N N4    . DC B 6  ? 5.02866 4.42379 5.10833 2.20533  -1.09447 -0.74735 136 DC B N4    
282 C C5    . DC B 6  ? 4.92531 4.57853 4.70271 2.20109  -1.28455 -0.94247 136 DC B C5    
283 C C6    . DC B 6  ? 4.98990 4.65876 4.59601 2.22464  -1.38877 -0.99308 136 DC B C6    
284 P P     . DG B 7  ? 5.29751 4.69790 4.40066 2.28664  -1.83333 -1.32937 137 DG B P     
285 O OP1   . DG B 7  ? 5.39967 4.89015 4.23790 2.39076  -1.87160 -1.51736 137 DG B OP1   
286 O OP2   . DG B 7  ? 5.05560 4.47605 4.35506 2.14712  -1.80291 -1.33559 137 DG B OP2   
287 O "O5'" . DG B 7  ? 5.48578 4.66851 4.67843 2.29404  -1.89893 -1.20947 137 DG B "O5'" 
288 C "C5'" . DG B 7  ? 5.74376 4.85798 4.78777 2.41590  -1.93573 -1.16399 137 DG B "C5'" 
289 C "C4'" . DG B 7  ? 5.85441 4.78699 5.06794 2.39867  -1.92072 -0.96569 137 DG B "C4'" 
290 O "O4'" . DG B 7  ? 5.72691 4.68197 5.10675 2.35247  -1.80165 -0.83349 137 DG B "O4'" 
291 C "C3'" . DG B 7  ? 5.83360 4.62347 5.23385 2.30619  -1.96596 -0.93192 137 DG B "C3'" 
292 O "O3'" . DG B 7  ? 6.05430 4.67290 5.48184 2.35082  -1.99039 -0.80632 137 DG B "O3'" 
293 C "C2'" . DG B 7  ? 5.59543 4.41030 5.24793 2.18596  -1.86675 -0.85626 137 DG B "C2'" 
294 C "C1'" . DG B 7  ? 5.60698 4.46131 5.25778 2.23648  -1.76084 -0.74765 137 DG B "C1'" 
295 N N9    . DG B 7  ? 5.36430 4.33242 5.14661 2.16141  -1.65918 -0.74667 137 DG B N9    
296 C C8    . DG B 7  ? 5.18129 4.31808 4.90046 2.12448  -1.66557 -0.88870 137 DG B C8    
297 N N7    . DG B 7  ? 4.98924 4.19765 4.85775 2.05810  -1.56179 -0.85409 137 DG B N7    
298 C C5    . DG B 7  ? 5.05093 4.12386 5.09172 2.05501  -1.47070 -0.68357 137 DG B C5    
299 C C6    . DG B 7  ? 4.92497 3.98305 5.17164 2.00001  -1.32502 -0.59022 137 DG B C6    
300 O O6    . DG B 7  ? 4.72606 3.90012 5.04697 1.94155  -1.25350 -0.63877 137 DG B O6    
301 N N1    . DG B 7  ? 5.06544 3.94291 5.42987 2.01785  -1.25364 -0.43396 137 DG B N1    
302 C C2    . DG B 7  ? 5.29701 4.03418 5.58989 2.07880  -1.32379 -0.36894 137 DG B C2    
303 N N2    . DG B 7  ? 5.41536 3.97948 5.83369 2.08380  -1.23182 -0.21857 137 DG B N2    
304 N N3    . DG B 7  ? 5.41644 4.17119 5.52095 2.13119  -1.46673 -0.45348 137 DG B N3    
305 C C4    . DG B 7  ? 5.28239 4.20559 5.26992 2.11661  -1.52947 -0.61279 137 DG B C4    
306 P P     . DT B 8  ? 6.15794 4.61746 5.74670 2.28172  -2.04783 -0.76541 138 DT B P     
307 O OP1   . DT B 8  ? 6.40044 4.77979 5.81039 2.37237  -2.16043 -0.82236 138 DT B OP1   
308 O OP2   . DT B 8  ? 5.91998 4.43387 5.66394 2.15588  -2.04769 -0.83630 138 DT B OP2   
309 O "O5'" . DT B 8  ? 6.23834 4.56290 6.01307 2.26364  -1.95214 -0.56052 138 DT B "O5'" 
310 C "C5'" . DT B 8  ? 6.14756 4.52071 6.02520 2.24011  -1.82140 -0.47244 138 DT B "C5'" 
311 C "C4'" . DT B 8  ? 6.00182 4.31924 6.16128 2.11966  -1.73638 -0.39821 138 DT B "C4'" 
312 O "O4'" . DT B 8  ? 5.77942 4.22449 6.01967 2.06573  -1.64149 -0.41925 138 DT B "O4'" 
313 C "C3'" . DT B 8  ? 5.89658 4.19295 6.15483 2.03145  -1.82079 -0.47549 138 DT B "C3'" 
314 O "O3'" . DT B 8  ? 5.99367 4.13377 6.41482 1.99529  -1.79850 -0.36678 138 DT B "O3'" 
315 C "C2'" . DT B 8  ? 5.61875 4.03989 5.99946 1.92791  -1.77417 -0.54227 138 DT B "C2'" 
316 C "C1'" . DT B 8  ? 5.59563 4.04703 6.02787 1.94555  -1.63008 -0.44926 138 DT B "C1'" 
317 N N1    . DT B 8  ? 5.35647 3.97100 5.80030 1.89626  -1.58780 -0.53430 138 DT B N1    
318 C C2    . DT B 8  ? 5.25153 3.87654 5.85250 1.85060  -1.44619 -0.46136 138 DT B C2    
319 O O2    . DT B 8  ? 5.35524 3.85316 6.07835 1.85029  -1.34572 -0.33322 138 DT B O2    
320 N N3    . DT B 8  ? 5.03018 3.81046 5.62951 1.80597  -1.41948 -0.55203 138 DT B N3    
321 C C4    . DT B 8  ? 4.91160 3.83213 5.36258 1.80145  -1.51664 -0.70572 138 DT B C4    
322 O O4    . DT B 8  ? 4.71941 3.77264 5.17579 1.75814  -1.48101 -0.77883 138 DT B O4    
323 C C5    . DT B 8  ? 5.04107 3.93069 5.32222 1.85243  -1.65542 -0.78176 138 DT B C5    
324 C C7    . DT B 8  ? 4.96509 3.97388 5.05985 1.85615  -1.75253 -0.96345 138 DT B C7    
325 C C6    . DT B 8  ? 5.25126 3.99255 5.54221 1.89664  -1.68496 -0.69289 138 DT B C6    
326 O "O5'" . DT C 1  ? 4.85921 7.97360 2.60604 1.34003  0.90881  0.13247  203 DT D "O5'" 
327 C "C5'" . DT C 1  ? 4.79033 7.95397 2.64326 1.27976  0.96789  0.13119  203 DT D "C5'" 
328 C "C4'" . DT C 1  ? 4.69332 7.99851 2.64815 1.29427  0.93306  0.07858  203 DT D "C4'" 
329 O "O4'" . DT C 1  ? 4.50722 7.92032 2.55534 1.31849  0.80367  0.04884  203 DT D "O4'" 
330 C "C3'" . DT C 1  ? 4.59121 7.97752 2.68555 1.23491  0.97804  0.07056  203 DT D "C3'" 
331 O "O3'" . DT C 1  ? 4.62077 8.08188 2.74229 1.25666  1.00153  0.02872  203 DT D "O3'" 
332 C "C2'" . DT C 1  ? 4.34123 7.84137 2.58571 1.21500  0.86596  0.06503  203 DT D "C2'" 
333 C "C1'" . DT C 1  ? 4.30346 7.84367 2.52495 1.27715  0.76709  0.03653  203 DT D "C1'" 
334 N N1    . DT C 1  ? 4.12031 7.71011 2.42758 1.27329  0.66244  0.04434  203 DT D N1    
335 C C2    . DT C 1  ? 4.02352 7.70406 2.38307 1.31669  0.57142  0.00679  203 DT D C2    
336 O O2    . DT C 1  ? 4.07988 7.80809 2.41717 1.35956  0.56690  -0.03750 203 DT D O2    
337 N N3    . DT C 1  ? 3.86194 7.57972 2.30651 1.30867  0.49065  0.01869  203 DT D N3    
338 C C4    . DT C 1  ? 3.78664 7.46334 2.26588 1.26472  0.48564  0.06234  203 DT D C4    
339 O O4    . DT C 1  ? 3.64286 7.35804 2.20281 1.26306  0.41355  0.06924  203 DT D O4    
340 C C5    . DT C 1  ? 3.89696 7.48353 2.31368 1.22188  0.57836  0.09524  203 DT D C5    
341 C C7    . DT C 1  ? 3.83642 7.38169 2.28422 1.17394  0.58301  0.13461  203 DT D C7    
342 C C6    . DT C 1  ? 4.05721 7.60426 2.39449 1.22690  0.66494  0.08519  203 DT D C6    
343 P P     . DC C 2  ? 4.63127 8.16203 2.87323 1.20562  1.07965  0.01383  204 DC D P     
344 O OP1   . DC C 2  ? 4.86105 8.29037 2.99527 1.20734  1.21407  0.02158  204 DC D OP1   
345 O OP2   . DC C 2  ? 4.47430 8.05309 2.84303 1.14568  1.06276  0.03212  204 DC D OP2   
346 O "O5'" . DC C 2  ? 4.51170 8.19361 2.85476 1.23758  1.00736  -0.04048 204 DC D "O5'" 
347 C "C5'" . DC C 2  ? 4.61450 8.29602 2.86811 1.30276  0.98991  -0.07522 204 DC D "C5'" 
348 C "C4'" . DC C 2  ? 4.45105 8.28180 2.81799 1.33098  0.88792  -0.12463 204 DC D "C4'" 
349 O "O4'" . DC C 2  ? 4.30865 8.16845 2.71284 1.33727  0.78278  -0.11333 204 DC D "O4'" 
350 C "C3'" . DC C 2  ? 4.30899 8.26457 2.84589 1.29418  0.89208  -0.14351 204 DC D "C3'" 
351 O "O3'" . DC C 2  ? 4.29175 8.34398 2.87154 1.33567  0.86246  -0.20110 204 DC D "O3'" 
352 C "C2'" . DC C 2  ? 4.10419 8.12637 2.75198 1.26604  0.80595  -0.11889 204 DC D "C2'" 
353 C "C1'" . DC C 2  ? 4.10007 8.09255 2.67372 1.31129  0.72474  -0.12135 204 DC D "C1'" 
354 N N1    . DC C 2  ? 3.97309 7.95715 2.58608 1.28737  0.66264  -0.08110 204 DC D N1    
355 C C2    . DC C 2  ? 3.84355 7.89730 2.51121 1.31645  0.56087  -0.09449 204 DC D C2    
356 O O2    . DC C 2  ? 3.83963 7.96401 2.52223 1.36062  0.52531  -0.14387 204 DC D O2    
357 N N3    . DC C 2  ? 3.73045 7.77461 2.43848 1.29560  0.50928  -0.05718 204 DC D N3    
358 C C4    . DC C 2  ? 3.74463 7.71709 2.43675 1.24861  0.55135  -0.01280 204 DC D C4    
359 N N4    . DC C 2  ? 3.63225 7.60053 2.36784 1.23151  0.49749  0.01863  204 DC D N4    
360 C C5    . DC C 2  ? 3.87995 7.78421 2.51680 1.21725  0.65710  -0.00309 204 DC D C5    
361 C C6    . DC C 2  ? 3.98944 7.90042 2.59036 1.23766  0.71132  -0.03587 204 DC D C6    
362 P P     . DA C 3  ? 4.32329 8.49358 3.05639 1.31343  0.88692  -0.23093 205 DA D P     
363 O OP1   . DA C 3  ? 4.48679 8.63121 3.16079 1.33793  0.96737  -0.26689 205 DA D OP1   
364 O OP2   . DA C 3  ? 4.22256 8.41394 3.05756 1.25111  0.90814  -0.19289 205 DA D OP2   
365 O "O5'" . DA C 3  ? 4.16355 8.46365 2.99844 1.34571  0.78002  -0.26796 205 DA D "O5'" 
366 C "C5'" . DA C 3  ? 4.02800 8.35336 2.89520 1.34405  0.69091  -0.24242 205 DA D "C5'" 
367 C "C4'" . DA C 3  ? 3.91216 8.35592 2.86988 1.38026  0.61149  -0.28515 205 DA D "C4'" 
368 O "O4'" . DA C 3  ? 3.78600 8.24833 2.77193 1.37941  0.52945  -0.25530 205 DA D "O4'" 
369 C "C3'" . DA C 3  ? 3.80353 8.35970 2.91332 1.36537  0.61482  -0.29688 205 DA D "C3'" 
370 O "O3'" . DA C 3  ? 3.76826 8.40718 2.93291 1.40894  0.57350  -0.35317 205 DA D "O3'" 
371 C "C2'" . DA C 3  ? 3.64957 8.24071 2.83781 1.33035  0.56652  -0.23973 205 DA D "C2'" 
372 C "C1'" . DA C 3  ? 3.62318 8.18001 2.74774 1.35313  0.49797  -0.22893 205 DA D "C1'" 
373 N N9    . DA C 3  ? 3.55086 8.07197 2.67799 1.31775  0.47498  -0.16924 205 DA D N9    
374 C C8    . DA C 3  ? 3.59255 8.04924 2.69542 1.27155  0.53084  -0.13364 205 DA D C8    
375 N N7    . DA C 3  ? 3.50898 7.95135 2.62808 1.24786  0.49316  -0.09017 205 DA D N7    
376 C C5    . DA C 3  ? 3.40101 7.90191 2.56047 1.28153  0.40725  -0.09245 205 DA D C5    
377 C C6    . DA C 3  ? 3.27823 7.79773 2.47915 1.28056  0.33766  -0.05796 205 DA D C6    
378 N N6    . DA C 3  ? 3.24248 7.72173 2.44682 1.24313  0.33907  -0.01565 205 DA D N6    
379 N N1    . DA C 3  ? 3.19806 7.78166 2.44252 1.32005  0.27199  -0.07330 205 DA D N1    
380 C C2    . DA C 3  ? 3.24323 7.87032 2.48467 1.35683  0.27411  -0.12535 205 DA D C2    
381 N N3    . DA C 3  ? 3.35574 7.97189 2.56015 1.36246  0.33221  -0.16509 205 DA D N3    
382 C C4    . DA C 3  ? 3.42806 7.97886 2.59320 1.32371  0.39757  -0.14245 205 DA D C4    
383 P P     . DT C 4  ? 3.71125 8.45811 3.03531 1.40766  0.57355  -0.36945 206 DT D P     
384 O OP1   . DT C 4  ? 3.81854 8.57703 3.14441 1.43647  0.62419  -0.43818 206 DT D OP1   
385 O OP2   . DT C 4  ? 3.62603 8.39534 3.03112 1.36149  0.58788  -0.31325 206 DT D OP2   
386 O "O5'" . DT C 4  ? 3.59536 8.40695 2.97736 1.43552  0.49054  -0.37691 206 DT D "O5'" 
387 C "C5'" . DT C 4  ? 3.53807 8.32581 2.87029 1.43353  0.42920  -0.34017 206 DT D "C5'" 
388 C "C4'" . DT C 4  ? 3.38033 8.23395 2.81515 1.42350  0.37569  -0.29152 206 DT D "C4'" 
389 O "O4'" . DT C 4  ? 3.32045 8.14101 2.73074 1.38969  0.35184  -0.22422 206 DT D "O4'" 
390 C "C3'" . DT C 4  ? 3.32984 8.24103 2.88374 1.41268  0.40374  -0.27900 206 DT D "C3'" 
391 O "O3'" . DT C 4  ? 3.28549 8.24508 2.92030 1.44479  0.38186  -0.30304 206 DT D "O3'" 
392 C "C2'" . DT C 4  ? 3.23272 8.15581 2.81609 1.37604  0.37855  -0.20346 206 DT D "C2'" 
393 C "C1'" . DT C 4  ? 3.20130 8.08773 2.71001 1.37570  0.32500  -0.17831 206 DT D "C1'" 
394 N N1    . DT C 4  ? 3.15610 8.01889 2.65429 1.33563  0.31682  -0.12269 206 DT D N1    
395 C C2    . DT C 4  ? 3.05472 7.93171 2.56328 1.33680  0.25038  -0.07952 206 DT D C2    
396 O O2    . DT C 4  ? 3.00114 7.90854 2.52427 1.36877  0.19952  -0.08107 206 DT D O2    
397 N N3    . DT C 4  ? 3.02178 7.87815 2.52984 1.29910  0.24998  -0.03913 206 DT D N3    
398 C C4    . DT C 4  ? 3.08611 7.90864 2.58084 1.25832  0.31238  -0.04039 206 DT D C4    
399 O O4    . DT C 4  ? 3.05744 7.86581 2.55578 1.22444  0.31132  -0.01147 206 DT D O4    
400 C C5    . DT C 4  ? 3.19323 8.00150 2.67714 1.25857  0.38395  -0.08321 206 DT D C5    
401 C C7    . DT C 4  ? 3.27520 8.04922 2.75409 1.21574  0.46492  -0.09039 206 DT D C7    
402 C C6    . DT C 4  ? 3.21997 8.04937 2.70687 1.29811  0.38060  -0.12074 206 DT D C6    
403 P P     . DG C 5  ? 3.27467 8.27305 3.04919 1.44780  0.41523  -0.29297 207 DG D P     
404 O OP1   . DG C 5  ? 3.33850 8.34452 3.17125 1.48260  0.44843  -0.37014 207 DG D OP1   
405 O OP2   . DG C 5  ? 3.28218 8.28336 3.07543 1.41452  0.45339  -0.26281 207 DG D OP2   
406 O "O5'" . DG C 5  ? 3.16221 8.17819 2.98591 1.45227  0.35985  -0.22902 207 DG D "O5'" 
407 C "C5'" . DG C 5  ? 3.13146 8.14257 2.91275 1.46989  0.30843  -0.23440 207 DG D "C5'" 
408 C "C4'" . DG C 5  ? 3.03266 8.04802 2.79229 1.45580  0.25056  -0.15164 207 DG D "C4'" 
409 O "O4'" . DG C 5  ? 3.01944 8.03139 2.71731 1.42341  0.23847  -0.11966 207 DG D "O4'" 
410 C "C3'" . DG C 5  ? 2.98340 8.00260 2.83249 1.45645  0.25852  -0.09154 207 DG D "C3'" 
411 O "O3'" . DG C 5  ? 2.96360 7.95991 2.87086 1.48110  0.25257  -0.08286 207 DG D "O3'" 
412 C "C2'" . DG C 5  ? 2.91604 7.94930 2.70679 1.43050  0.21091  -0.02216 207 DG D "C2'" 
413 C "C1'" . DG C 5  ? 2.93119 7.96110 2.64011 1.41093  0.19512  -0.04700 207 DG D "C1'" 
414 N N9    . DG C 5  ? 2.92748 7.96479 2.62963 1.37442  0.20799  -0.02712 207 DG D N9    
415 C C8    . DG C 5  ? 2.99507 8.02830 2.71765 1.35408  0.27111  -0.05837 207 DG D C8    
416 N N7    . DG C 5  ? 2.98338 8.02108 2.70022 1.31765  0.27724  -0.03838 207 DG D N7    
417 C C5    . DG C 5  ? 2.89803 7.94683 2.59311 1.31598  0.21000  0.00827  207 DG D C5    
418 C C6    . DG C 5  ? 2.85099 7.91209 2.54317 1.28403  0.18751  0.03844  207 DG D C6    
419 O O6    . DG C 5  ? 2.88330 7.94453 2.58810 1.24642  0.22865  0.02677  207 DG D O6    
420 N N1    . DG C 5  ? 2.76150 7.83815 2.44310 1.29882  0.11420  0.08088  207 DG D N1    
421 C C2    . DG C 5  ? 2.72773 7.80444 2.39718 1.33739  0.07200  0.09413  207 DG D C2    
422 N N2    . DG C 5  ? 2.65732 7.69557 2.33071 1.33201  0.02673  0.13054  207 DG D N2    
423 N N3    . DG C 5  ? 2.78126 7.84095 2.44648 1.36311  0.09841  0.06180  207 DG D N3    
424 C C4    . DG C 5  ? 2.86166 7.91042 2.54452 1.35171  0.16553  0.01906  207 DG D C4    
425 P P     . DT C 6  ? 2.98097 7.95136 3.03367 1.49776  0.29285  -0.03955 208 DT D P     
426 O OP1   . DT C 6  ? 3.02994 7.98179 3.21001 1.52364  0.34087  -0.10269 208 DT D OP1   
427 O OP2   . DT C 6  ? 2.98091 7.97632 3.04499 1.48398  0.30813  -0.00722 208 DT D OP2   
428 O "O5'" . DT C 6  ? 2.92056 7.85699 2.94959 1.50033  0.25190  0.03906  208 DT D "O5'" 
429 C "C5'" . DT C 6  ? 2.88713 7.82278 2.89278 1.49335  0.23577  0.11795  208 DT D "C5'" 
430 C "C4'" . DT C 6  ? 2.83538 7.75686 2.71891 1.48164  0.17811  0.16864  208 DT D "C4'" 
431 O "O4'" . DT C 6  ? 2.81511 7.78093 2.58035 1.45836  0.13146  0.14053  208 DT D "O4'" 
432 C "C3'" . DT C 6  ? 2.81130 7.72591 2.66050 1.47947  0.16399  0.24649  208 DT D "C3'" 
433 O "O3'" . DT C 6  ? 2.82215 7.67729 2.76343 1.50664  0.19363  0.29944  208 DT D "O3'" 
434 C "C2'" . DT C 6  ? 2.76677 7.68984 2.45972 1.45699  0.10372  0.26488  208 DT D "C2'" 
435 C "C1'" . DT C 6  ? 2.76632 7.74050 2.43542 1.44251  0.08188  0.19881  208 DT D "C1'" 
436 N N1    . DT C 6  ? 2.75796 7.78892 2.42422 1.41869  0.07270  0.18927  208 DT D N1    
437 C C2    . DT C 6  ? 2.71829 7.70609 2.36155 1.37878  0.04753  0.21258  208 DT D C2    
438 O O2    . DT C 6  ? 2.69542 7.55677 2.33006 1.35070  0.04366  0.23669  208 DT D O2    
439 N N3    . DT C 6  ? 2.71441 7.78039 2.37406 1.36158  0.04468  0.19544  208 DT D N3    
440 C C4    . DT C 6  ? 2.75820 7.88171 2.46622 1.36344  0.08593  0.15375  208 DT D C4    
441 O O4    . DT C 6  ? 2.76592 7.92342 2.49993 1.33403  0.10288  0.13344  208 DT D O4    
442 C C5    . DT C 6  ? 2.80953 7.90170 2.56302 1.38741  0.13283  0.12384  208 DT D C5    
443 C C7    . DT C 6  ? 2.87287 7.97577 2.69445 1.38047  0.19805  0.07091  208 DT D C7    
444 C C6    . DT C 6  ? 2.80402 7.85579 2.54494 1.41406  0.12258  0.14036  208 DT D C6    
445 P P     . DG C 7  ? 2.55025 7.33884 2.47971 1.51192  0.18411  0.33120  209 DG D P     
446 O OP1   . DG C 7  ? 2.51569 7.29575 2.28205 1.49260  0.14462  0.37834  209 DG D OP1   
447 O OP2   . DG C 7  ? 2.55942 7.34621 2.53987 1.51297  0.19004  0.25879  209 DG D OP2   
448 O "O5'" . DG C 7  ? 2.57859 7.31306 2.66733 1.54746  0.23074  0.39259  209 DG D "O5'" 
449 C "C5'" . DG C 7  ? 2.59400 7.33948 2.67492 1.56364  0.23805  0.45300  209 DG D "C5'" 
450 C "C4'" . DG C 7  ? 2.63566 7.33242 2.88778 1.60790  0.28722  0.50663  209 DG D "C4'" 
451 O "O4'" . DG C 7  ? 2.67370 7.39545 3.06243 1.62601  0.32887  0.46707  209 DG D "O4'" 
452 C "C3'" . DG C 7  ? 2.63349 7.25911 2.98930 1.61659  0.30534  0.51861  209 DG D "C3'" 
453 O "O3'" . DG C 7  ? 2.63606 7.21490 2.96001 1.63233  0.30312  0.60635  209 DG D "O3'" 
454 C "C2'" . DG C 7  ? 2.68027 7.28670 3.26254 1.64875  0.36719  0.49851  209 DG D "C2'" 
455 C "C1'" . DG C 7  ? 2.70001 7.37044 3.27322 1.64818  0.37674  0.45530  209 DG D "C1'" 
456 N N9    . DG C 7  ? 2.70377 7.40220 3.32155 1.63025  0.39055  0.35478  209 DG D N9    
457 C C8    . DG C 7  ? 2.68923 7.44954 3.18269 1.59960  0.36255  0.29084  209 DG D C8    
458 N N7    . DG C 7  ? 2.71261 7.48768 3.27342 1.59600  0.38913  0.20489  209 DG D N7    
459 C C5    . DG C 7  ? 2.73927 7.46090 3.49347 1.62334  0.43727  0.20557  209 DG D C5    
460 C C6    . DG C 7  ? 2.77607 7.49037 3.68535 1.63332  0.48403  0.12089  209 DG D C6    
461 O O6    . DG C 7  ? 2.79820 7.55400 3.68214 1.62250  0.48990  0.02621  209 DG D O6    
462 N N1    . DG C 7  ? 2.79616 7.44871 3.91152 1.66113  0.53062  0.15067  209 DG D N1    
463 C C2    . DG C 7  ? 2.78827 7.39015 3.93942 1.68020  0.53230  0.25687  209 DG D C2    
464 N N2    . DG C 7  ? 2.81936 7.36250 4.19166 1.70802  0.58793  0.27426  209 DG D N2    
465 N N3    . DG C 7  ? 2.76020 7.37042 3.74549 1.67465  0.48641  0.33647  209 DG D N3    
466 C C4    . DG C 7  ? 2.73373 7.40537 3.53168 1.64435  0.44009  0.30179  209 DG D C4    
467 P P     . DC C 8  ? 2.96490 7.47402 3.33169 1.62730  0.30307  0.62739  210 DC D P     
468 O OP1   . DC C 8  ? 2.94637 7.43740 3.14858 1.61699  0.27656  0.69020  210 DC D OP1   
469 O OP2   . DC C 8  ? 2.93755 7.46044 3.32499 1.59960  0.28822  0.53396  210 DC D OP2   
470 O "O5'" . DC C 8  ? 3.01997 7.47540 3.62289 1.67605  0.36657  0.67817  210 DC D "O5'" 
471 C "C5'" . DC C 8  ? 3.02392 7.41221 3.72836 1.68595  0.38496  0.71780  210 DC D "C5'" 
472 C "C4'" . DC C 8  ? 3.06653 7.42083 4.04675 1.71468  0.45072  0.69556  210 DC D "C4'" 
473 O "O4'" . DC C 8  ? 3.08326 7.48358 4.12239 1.71681  0.47096  0.62674  210 DC D "O4'" 
474 C "C3'" . DC C 8  ? 3.04059 7.36852 4.14767 1.69299  0.45436  0.62907  210 DC D "C3'" 
475 O "O3'" . DC C 8  ? 3.05346 7.31744 4.23960 1.70902  0.47337  0.70227  210 DC D "O3'" 
476 C "C2'" . DC C 8  ? 3.07924 7.41233 4.42428 1.70948  0.51644  0.55571  210 DC D "C2'" 
477 C "C1'" . DC C 8  ? 3.09226 7.48018 4.33615 1.71345  0.51074  0.54219  210 DC D "C1'" 
478 N N1    . DC C 8  ? 3.06126 7.51464 4.21006 1.67776  0.47681  0.43028  210 DC D N1    
479 C C2    . DC C 8  ? 3.08429 7.55199 4.40294 1.67825  0.51737  0.32709  210 DC D C2    
480 O O2    . DC C 8  ? 3.12313 7.54666 4.68703 1.70329  0.58251  0.32350  210 DC D O2    
481 N N3    . DC C 8  ? 3.07144 7.60314 4.28102 1.65332  0.48771  0.22944  210 DC D N3    
482 C C4    . DC C 8  ? 3.03624 7.61287 3.99612 1.62809  0.42518  0.23649  210 DC D C4    
483 N N4    . DC C 8  ? 3.03710 7.67613 3.89664 1.60950  0.40321  0.14242  210 DC D N4    
484 C C5    . DC C 8  ? 3.00736 7.56860 3.81241 1.62336  0.38690  0.33634  210 DC D C5    
485 C C6    . DC C 8  ? 3.02195 7.52337 3.92107 1.64902  0.41287  0.42801  210 DC D C6    
486 P P     . DT C 9  ? 3.17271 7.40695 4.51899 1.69036  0.48021  0.64396  211 DT D P     
487 O OP1   . DT C 9  ? 3.22596 7.40222 4.56614 1.70205  0.48375  0.73956  211 DT D OP1   
488 O OP2   . DT C 9  ? 3.14197 7.43235 4.37022 1.64714  0.42212  0.53567  211 DT D OP2   
489 O "O5'" . DT C 9  ? 3.19621 7.41149 4.86517 1.71842  0.56587  0.59526  211 DT D "O5'" 
490 C "C5'" . DT C 9  ? 3.22010 7.43552 5.09320 1.70221  0.58655  0.49472  211 DT D "C5'" 
491 C "C4'" . DT C 9  ? 3.21939 7.44479 5.34057 1.71943  0.65954  0.41189  211 DT D "C4'" 
492 O "O4'" . DT C 9  ? 3.22296 7.49744 5.20528 1.71900  0.64335  0.38930  211 DT D "O4'" 
493 C "C3'" . DT C 9  ? 3.22133 7.47976 5.51546 1.69644  0.66812  0.26709  211 DT D "C3'" 
494 O "O3'" . DT C 9  ? 3.25871 7.46750 5.84357 1.70964  0.73363  0.26240  211 DT D "O3'" 
495 C "C2'" . DT C 9  ? 3.23928 7.53770 5.60821 1.70452  0.70492  0.17988  211 DT D "C2'" 
496 C "C1'" . DT C 9  ? 3.22880 7.54954 5.32101 1.70629  0.66074  0.25263  211 DT D "C1'" 
497 N N1    . DT C 9  ? 3.18171 7.57495 4.99706 1.67250  0.57678  0.19351  211 DT D N1    
498 C C2    . DT C 9  ? 3.19270 7.64784 5.01986 1.66133  0.57276  0.05986  211 DT D C2    
499 O O2    . DT C 9  ? 3.23443 7.69041 5.29612 1.67419  0.63278  -0.02406 211 DT D O2    
500 N N3    . DT C 9  ? 3.16147 7.67963 4.70926 1.63691  0.49735  0.02359  211 DT D N3    
501 C C4    . DT C 9  ? 3.11742 7.64017 4.40379 1.61976  0.43318  0.10279  211 DT D C4    
502 O O4    . DT C 9  ? 3.09827 7.67779 4.16137 1.60010  0.37710  0.06180  211 DT D O4    
503 C C5    . DT C 9  ? 3.10531 7.56271 4.40008 1.62995  0.44095  0.23348  211 DT D C5    
504 C C7    . DT C 9  ? 3.06515 7.52362 4.09259 1.61302  0.37876  0.31586  211 DT D C7    
505 C C6    . DT C 9  ? 3.14017 7.53845 4.68535 1.65745  0.50917  0.27365  211 DT D C6    
506 P P     . DG C 10 ? 3.37602 7.58533 5.99873 1.68291  0.69735  0.22884  212 DG D P     
507 O OP1   . DG C 10 ? 3.41309 7.54779 6.10594 1.70377  0.73079  0.34867  212 DG D OP1   
508 O OP2   . DG C 10 ? 3.35790 7.62665 5.66633 1.64980  0.59244  0.19878  212 DG D OP2   
509 O "O5'" . DG C 10 ? 3.36513 7.60434 6.31922 1.67764  0.75481  0.07123  212 DG D "O5'" 
510 C "C5'" . DG C 10 ? 3.32564 7.64633 6.20537 1.65118  0.69623  -0.06410 212 DG D "C5'" 
511 C "C4'" . DG C 10 ? 3.29664 7.65939 6.32490 1.66142  0.74414  -0.18775 212 DG D "C4'" 
512 O "O4'" . DG C 10 ? 3.29136 7.65542 6.14734 1.67421  0.74295  -0.13614 212 DG D "O4'" 
513 C "C3'" . DG C 10 ? 3.26319 7.72184 6.19608 1.64234  0.67715  -0.35225 212 DG D "C3'" 
514 O "O3'" . DG C 10 ? 3.25869 7.72957 6.50293 1.64144  0.72181  -0.46569 212 DG D "O3'" 
515 C "C2'" . DG C 10 ? 3.26467 7.76365 6.10025 1.65320  0.68273  -0.41120 212 DG D "C2'" 
516 C "C1'" . DG C 10 ? 3.26952 7.71623 5.95145 1.66270  0.69022  -0.24955 212 DG D "C1'" 
517 N N9    . DG C 10 ? 3.26416 7.74113 5.57030 1.64381  0.59289  -0.19251 212 DG D N9    
518 C C8    . DG C 10 ? 3.27320 7.70306 5.42538 1.63929  0.56275  -0.04992 212 DG D C8    
519 N N7    . DG C 10 ? 3.25681 7.72484 5.09194 1.62142  0.48338  -0.02987 212 DG D N7    
520 C C5    . DG C 10 ? 3.24245 7.78917 5.00564 1.61581  0.45776  -0.16427 212 DG D C5    
521 C C6    . DG C 10 ? 3.22460 7.83865 4.68800 1.60163  0.38506  -0.20542 212 DG D C6    
522 O O6    . DG C 10 ? 3.20822 7.82298 4.42263 1.58749  0.33213  -0.12868 212 DG D O6    
523 N N1    . DG C 10 ? 3.22504 7.91029 4.69784 1.60783  0.38158  -0.35452 212 DG D N1    
524 C C2    . DG C 10 ? 3.23564 7.92671 4.97723 1.62259  0.43818  -0.46050 212 DG D C2    
525 N N2    . DG C 10 ? 3.27267 8.03898 4.95909 1.62937  0.41941  -0.60986 212 DG D N2    
526 N N3    . DG C 10 ? 3.24311 7.86904 5.28965 1.63293  0.51301  -0.42376 212 DG D N3    
527 C C4    . DG C 10 ? 3.24850 7.80392 5.28740 1.63005  0.52000  -0.26979 212 DG D C4    
528 P P     . DC C 11 ? 3.33040 7.90424 6.53768 1.62614  0.65355  -0.68306 213 DC D P     
529 O OP1   . DC C 11 ? 3.37135 8.00045 6.43915 1.63421  0.63313  -0.78396 213 DC D OP1   
530 O OP2   . DC C 11 ? 3.37052 7.92672 6.95247 1.62776  0.72593  -0.75495 213 DC D OP2   
531 O "O5'" . DC C 11 ? 3.33141 7.95169 6.25576 1.60106  0.53188  -0.68987 213 DC D "O5'" 
532 C "C5'" . DC C 11 ? 3.36480 7.99352 5.91099 1.59442  0.45447  -0.59523 213 DC D "C5'" 
533 C "C4'" . DC C 11 ? 3.37331 8.05599 5.70927 1.60325  0.42862  -0.65366 213 DC D "C4'" 
534 O "O4'" . DC C 11 ? 3.38856 8.01979 5.57619 1.60761  0.44654  -0.49347 213 DC D "O4'" 
535 C "C3'" . DC C 11 ? 3.37548 8.14831 5.38884 1.59650  0.32050  -0.75073 213 DC D "C3'" 
536 O "O3'" . DC C 11 ? 3.37542 8.20761 5.29490 1.61107  0.31691  -0.85465 213 DC D "O3'" 
537 C "C2'" . DC C 11 ? 3.39225 8.12828 5.13029 1.58529  0.27927  -0.58420 213 DC D "C2'" 
538 C "C1'" . DC C 11 ? 3.39391 8.04972 5.23604 1.59313  0.35917  -0.44151 213 DC D "C1'" 
539 N N1    . DC C 11 ? 3.40843 7.98108 5.22013 1.58574  0.36550  -0.26692 213 DC D N1    
540 C C2    . DC C 11 ? 3.40397 7.97328 4.90058 1.57302  0.30443  -0.17551 213 DC D C2    
541 O O2    . DC C 11 ? 3.38749 8.02095 4.64976 1.56828  0.25255  -0.23136 213 DC D O2    
542 N N3    . DC C 11 ? 3.41540 7.91129 4.87535 1.56862  0.30812  -0.03174 213 DC D N3    
543 C C4    . DC C 11 ? 3.44042 7.86862 5.15691 1.58035  0.37038  0.02790  213 DC D C4    
544 N N4    . DC C 11 ? 3.45830 7.81895 5.10728 1.58126  0.36950  0.16524  213 DC D N4    
545 C C5    . DC C 11 ? 3.44498 7.87287 5.50099 1.59400  0.44157  -0.05563 213 DC D C5    
546 C C6    . DC C 11 ? 3.42309 7.92333 5.51803 1.59453  0.43689  -0.20269 213 DC D C6    
547 P P     . DT C 12 ? 3.36048 8.21380 5.56162 1.62428  0.37474  -1.01590 214 DT D P     
548 O OP1   . DT C 12 ? 3.37179 8.16528 5.69123 1.63625  0.46542  -0.92300 214 DT D OP1   
549 O OP2   . DT C 12 ? 3.37659 8.22573 5.84883 1.61473  0.38512  -1.10576 214 DT D OP2   
550 O "O5'" . DT C 12 ? 3.42567 8.38567 5.39507 1.63786  0.30097  -1.18922 214 DT D "O5'" 
551 C "C5'" . DT C 12 ? 3.51584 8.52926 5.64450 1.64728  0.29808  -1.39931 214 DT D "C5'" 
552 C "C4'" . DT C 12 ? 3.54372 8.64822 5.52114 1.65207  0.19417  -1.54668 214 DT D "C4'" 
553 O "O4'" . DT C 12 ? 3.45993 8.55270 5.24754 1.64122  0.14365  -1.41793 214 DT D "O4'" 
554 C "C3'" . DT C 12 ? 3.59264 8.71508 5.85473 1.64095  0.18825  -1.71369 214 DT D "C3'" 
555 O "O3'" . DT C 12 ? 3.65045 8.88106 5.73673 1.65823  0.08435  -1.88905 214 DT D "O3'" 
556 C "C2'" . DT C 12 ? 3.50181 8.55488 5.87008 1.61613  0.20633  -1.56476 214 DT D "C2'" 
557 C "C1'" . DT C 12 ? 3.44486 8.52963 5.42252 1.62392  0.12788  -1.46494 214 DT D "C1'" 
558 N N1    . DT C 12 ? 3.34643 8.35352 5.29804 1.60412  0.14118  -1.26191 214 DT D N1    
559 C C2    . DT C 12 ? 3.29536 8.30443 4.91250 1.60611  0.09141  -1.14135 214 DT D C2    
560 O O2    . DT C 12 ? 3.32520 8.39803 4.67238 1.62543  0.04372  -1.18421 214 DT D O2    
561 N N3    . DT C 12 ? 3.26029 8.19100 4.87348 1.58637  0.10368  -0.96812 214 DT D N3    
562 C C4    . DT C 12 ? 3.25028 8.10561 5.15267 1.57111  0.16265  -0.89655 214 DT D C4    
563 O O4    . DT C 12 ? 3.26816 8.05515 5.13023 1.55863  0.16841  -0.74000 214 DT D O4    
564 C C5    . DT C 12 ? 3.24138 8.10079 5.49930 1.57298  0.22283  -1.01969 214 DT D C5    
565 C C7    . DT C 12 ? 3.22359 8.00497 5.83300 1.56281  0.30566  -0.94804 214 DT D C7    
566 C C6    . DT C 12 ? 3.31799 8.25032 5.58246 1.58611  0.20690  -1.19903 214 DT D C6    
567 P P     . DG C 13 ? 3.55936 8.88808 5.44323 1.69766  0.03528  -2.05348 215 DG D P     
568 O OP1   . DG C 13 ? 3.54094 8.85682 5.16810 1.71439  0.05602  -1.92171 215 DG D OP1   
569 O OP2   . DG C 13 ? 3.65560 8.99459 5.83777 1.69307  0.06576  -2.24392 215 DG D OP2   
570 O "O5'" . DG C 13 ? 3.58689 9.02118 5.22090 1.72362  -0.08536 -2.15600 215 DG D "O5'" 
571 C "C5'" . DG C 13 ? 3.49700 8.91226 5.03987 1.70891  -0.12147 -2.04083 215 DG D "C5'" 
572 C "C4'" . DG C 13 ? 3.46137 8.89683 4.60841 1.73355  -0.16353 -1.90792 215 DG D "C4'" 
573 O "O4'" . DG C 13 ? 3.34301 8.68072 4.48017 1.69965  -0.12145 -1.68298 215 DG D "O4'" 
574 C "C3'" . DG C 13 ? 3.49444 9.02518 4.38964 1.76888  -0.27118 -1.98504 215 DG D "C3'" 
575 O "O3'" . DG C 13 ? 3.51793 9.08663 4.06407 1.80669  -0.30419 -1.91614 215 DG D "O3'" 
576 C "C2'" . DG C 13 ? 3.38998 8.85732 4.32927 1.73336  -0.27384 -1.85761 215 DG D "C2'" 
577 C "C1'" . DG C 13 ? 3.29963 8.65442 4.26604 1.70041  -0.18913 -1.63844 215 DG D "C1'" 
578 N N9    . DG C 13 ? 3.21106 8.46869 4.38634 1.65651  -0.14722 -1.51370 215 DG D N9    
579 C C8    . DG C 13 ? 3.21017 8.42378 4.75568 1.62991  -0.09540 -1.55941 215 DG D C8    
580 N N7    . DG C 13 ? 3.13051 8.25658 4.79070 1.60023  -0.06011 -1.40807 215 DG D N7    
581 C C5    . DG C 13 ? 3.07451 8.18208 4.41588 1.60294  -0.09568 -1.26038 215 DG D C5    
582 C C6    . DG C 13 ? 2.99056 8.01110 4.27879 1.57912  -0.08414 -1.07054 215 DG D C6    
583 O O6    . DG C 13 ? 2.94780 7.89330 4.46435 1.55621  -0.03823 -0.98626 215 DG D O6    
584 N N1    . DG C 13 ? 2.96667 7.99158 3.89825 1.58674  -0.12757 -0.97948 215 DG D N1    
585 C C2    . DG C 13 ? 3.01669 8.12360 3.68640 1.61832  -0.16929 -1.05110 215 DG D C2    
586 N N2    . DG C 13 ? 2.98920 8.08397 3.35089 1.62108  -0.19373 -0.94165 215 DG D N2    
587 N N3    . DG C 13 ? 3.09705 8.29007 3.80761 1.64747  -0.18100 -1.21961 215 DG D N3    
588 C C4    . DG C 13 ? 3.12185 8.30856 4.16956 1.63585  -0.14564 -1.32174 215 DG D C4    
589 O "O5'" . DG D 1  ? 5.52066 5.56358 3.78454 1.68764  1.07707  -0.62267 99  DG X "O5'" 
590 C "C5'" . DG D 1  ? 5.65040 5.47459 3.82137 1.73501  1.07967  -0.47499 99  DG X "C5'" 
591 C "C4'" . DG D 1  ? 5.62359 5.26496 3.73653 1.66429  0.87133  -0.41826 99  DG X "C4'" 
592 O "O4'" . DG D 1  ? 5.40364 5.19226 3.74678 1.49015  0.84992  -0.50710 99  DG X "O4'" 
593 C "C3'" . DG D 1  ? 5.63884 5.13669 3.84016 1.62129  0.93924  -0.28416 99  DG X "C3'" 
594 O "O3'" . DG D 1  ? 5.92357 5.15800 3.83657 1.71638  0.70566  -0.20521 99  DG X "O3'" 
595 C "C2'" . DG D 1  ? 5.41931 5.03917 3.96315 1.40109  1.00189  -0.31750 99  DG X "C2'" 
596 C "C1'" . DG D 1  ? 5.42006 5.10295 3.89182 1.36874  0.81940  -0.43113 99  DG X "C1'" 
597 N N9    . DG D 1  ? 5.17851 5.05115 3.96624 1.17609  0.88843  -0.50935 99  DG X N9    
598 C C8    . DG D 1  ? 4.88748 4.95741 4.03767 1.04276  1.13496  -0.53036 99  DG X C8    
599 N N7    . DG D 1  ? 4.70491 4.92076 4.07924 0.88540  1.13396  -0.60840 99  DG X N7    
600 C C5    . DG D 1  ? 4.90834 5.00417 4.04759 0.91647  0.87357  -0.63277 99  DG X C5    
601 C C6    . DG D 1  ? 4.85534 5.01316 4.06937 0.80116  0.75960  -0.70487 99  DG X C6    
602 O O6    . DG D 1  ? 4.60511 4.95238 4.11623 0.64581  0.86371  -0.76748 99  DG X O6    
603 N N1    . DG D 1  ? 5.11001 5.08277 4.00884 0.88630  0.50111  -0.70146 99  DG X N1    
604 C C2    . DG D 1  ? 5.36077 5.12412 3.92468 1.05860  0.36523  -0.64280 99  DG X C2    
605 N N2    . DG D 1  ? 5.53697 5.14022 3.84146 1.11462  0.12243  -0.65413 99  DG X N2    
606 N N3    . DG D 1  ? 5.41508 5.12728 3.90264 1.17105  0.46381  -0.57801 99  DG X N3    
607 C C4    . DG D 1  ? 5.18891 5.07158 3.97266 1.09177  0.72077  -0.57387 99  DG X C4    
608 P P     . DA D 2  ? 6.08019 5.12038 3.94317 1.76831  0.73684  -0.05784 100 DA X P     
609 O OP1   . DA D 2  ? 6.18819 5.17911 3.84779 1.95881  0.82283  -0.00658 100 DA X OP1   
610 O OP2   . DA D 2  ? 5.89489 5.01990 4.11019 1.58912  0.90800  -0.02601 100 DA X OP2   
611 O "O5'" . DA D 2  ? 6.31774 5.12096 3.93859 1.80846  0.43203  -0.02653 100 DA X "O5'" 
612 C "C5'" . DA D 2  ? 6.27915 5.05575 4.05306 1.64334  0.32668  -0.04103 100 DA X "C5'" 
613 C "C4'" . DA D 2  ? 6.25785 5.08154 3.96837 1.60157  0.16117  -0.15102 100 DA X "C4'" 
614 O "O4'" . DA D 2  ? 5.99516 5.06712 4.00131 1.45052  0.31851  -0.23610 100 DA X "O4'" 
615 C "C3'" . DA D 2  ? 6.30231 4.96510 3.95877 1.52920  -0.06873 -0.14733 100 DA X "C3'" 
616 O "O3'" . DA D 2  ? 6.29106 4.89649 3.70925 1.60356  -0.26920 -0.21848 100 DA X "O3'" 
617 C "C2'" . DA D 2  ? 6.13506 4.95391 4.14116 1.30973  0.04003  -0.18364 100 DA X "C2'" 
618 C "C1'" . DA D 2  ? 5.95159 5.01972 4.07218 1.30040  0.20345  -0.27428 100 DA X "C1'" 
619 N N9    . DA D 2  ? 5.68184 4.96409 4.17759 1.12022  0.40522  -0.30871 100 DA X N9    
620 C C8    . DA D 2  ? 5.48995 4.91515 4.21736 1.08425  0.66376  -0.28660 100 DA X C8    
621 N N7    . DA D 2  ? 5.21942 4.83352 4.27934 0.90908  0.80105  -0.33741 100 DA X N7    
622 C C5    . DA D 2  ? 5.26239 4.85462 4.29737 0.82775  0.61923  -0.39224 100 DA X C5    
623 C C6    . DA D 2  ? 5.06164 4.79895 4.34895 0.64940  0.64108  -0.46042 100 DA X C6    
624 N N6    . DA D 2  ? 4.72741 4.67782 4.36629 0.51319  0.86141  -0.49264 100 DA X N6    
625 N N1    . DA D 2  ? 5.18945 4.84304 4.35393 0.61881  0.43117  -0.49578 100 DA X N1    
626 C C2    . DA D 2  ? 5.46130 4.89983 4.28557 0.75323  0.21594  -0.46816 100 DA X C2    
627 N N3    . DA D 2  ? 5.64049 4.93505 4.21199 0.92416  0.16769  -0.41144 100 DA X N3    
628 C C4    . DA D 2  ? 5.54516 4.92875 4.23511 0.95487  0.37811  -0.37387 100 DA X C4    
629 P P     . DC D 3  ? 6.47280 4.83138 3.68155 1.62835  -0.55063 -0.20350 101 DC X P     
630 O OP1   . DC D 3  ? 6.48311 4.81593 3.45067 1.72437  -0.70738 -0.28204 101 DC X OP1   
631 O OP2   . DC D 3  ? 6.50966 4.68854 3.60645 1.72074  -0.59282 -0.10485 101 DC X OP2   
632 O "O5'" . DC D 3  ? 6.32354 4.71439 3.79481 1.41085  -0.55927 -0.21997 101 DC X "O5'" 
633 C "C5'" . DC D 3  ? 6.25288 4.47497 3.76123 1.34972  -0.65482 -0.15633 101 DC X "C5'" 
634 C "C4'" . DC D 3  ? 6.11100 4.38410 3.85724 1.14477  -0.66244 -0.18906 101 DC X "C4'" 
635 O "O4'" . DC D 3  ? 6.19428 4.71722 4.23820 1.02229  -0.43131 -0.21759 101 DC X "O4'" 
636 C "C3'" . DC D 3  ? 6.02959 4.16312 3.88837 1.05118  -0.71632 -0.12278 101 DC X "C3'" 
637 O "O3'" . DC D 3  ? 5.91035 4.02008 3.86757 0.90493  -0.81231 -0.16518 101 DC X "O3'" 
638 C "C2'" . DC D 3  ? 6.09667 4.39181 4.24531 0.96044  -0.46973 -0.08043 101 DC X "C2'" 
639 C "C1'" . DC D 3  ? 6.19509 4.72092 4.49802 0.87069  -0.35508 -0.16822 101 DC X "C1'" 
640 N N1    . DC D 3  ? 6.32753 5.07020 4.91368 0.79465  -0.08744 -0.16196 101 DC X N1    
641 C C2    . DC D 3  ? 6.30420 5.22507 5.19947 0.60588  0.02443  -0.21045 101 DC X C2    
642 O O2    . DC D 3  ? 6.24279 5.13731 5.15666 0.51065  -0.10016 -0.25401 101 DC X O2    
643 N N3    . DC D 3  ? 6.18258 5.29977 5.34896 0.53531  0.27092  -0.21031 101 DC X N3    
644 C C4    . DC D 3  ? 6.14695 5.27354 5.27898 0.64452  0.40857  -0.15780 101 DC X C4    
645 N N4    . DC D 3  ? 5.82514 5.13975 5.23862 0.56767  0.65970  -0.16062 101 DC X N4    
646 C C5    . DC D 3  ? 6.34960 5.29168 5.15765 0.84003  0.29895  -0.10132 101 DC X C5    
647 C C6    . DC D 3  ? 6.40646 5.16646 4.95448 0.90797  0.04972  -0.10804 101 DC X C6    
648 P P     . DA D 4  ? 5.87223 3.75179 3.60311 0.94091  -1.07910 -0.18708 102 DA X P     
649 O OP1   . DA D 4  ? 5.93224 3.80219 3.39986 1.08158  -1.16925 -0.24375 102 DA X OP1   
650 O OP2   . DA D 4  ? 5.86335 3.54900 3.53619 0.98148  -1.17818 -0.12050 102 DA X OP2   
651 O "O5'" . DA D 4  ? 5.76387 3.69530 3.70886 0.73741  -1.08363 -0.22797 102 DA X "O5'" 
652 C "C5'" . DA D 4  ? 5.77060 3.94822 3.95550 0.62007  -0.90145 -0.26846 102 DA X "C5'" 
653 C "C4'" . DA D 4  ? 5.75599 3.98325 4.25035 0.42059  -0.82098 -0.24662 102 DA X "C4'" 
654 O "O4'" . DA D 4  ? 5.92229 4.34470 4.66648 0.36505  -0.58813 -0.22308 102 DA X "O4'" 
655 C "C3'" . DA D 4  ? 5.60534 3.62170 4.10115 0.38687  -0.93673 -0.18503 102 DA X "C3'" 
656 O "O3'" . DA D 4  ? 5.51681 3.53834 4.21523 0.20127  -0.94952 -0.20086 102 DA X "O3'" 
657 C "C2'" . DA D 4  ? 5.70792 3.77842 4.33260 0.40809  -0.78181 -0.11366 102 DA X "C2'" 
658 C "C1'" . DA D 4  ? 5.87670 4.21448 4.75805 0.30418  -0.55934 -0.14711 102 DA X "C1'" 
659 N N9    . DA D 4  ? 6.02395 4.47371 5.00904 0.35060  -0.36185 -0.10043 102 DA X N9    
660 C C8    . DA D 4  ? 6.07887 4.45021 4.87521 0.52351  -0.35475 -0.04818 102 DA X C8    
661 N N7    . DA D 4  ? 6.17305 4.67258 5.12313 0.52681  -0.14053 -0.01073 102 DA X N7    
662 C C5    . DA D 4  ? 6.13011 4.81137 5.40122 0.34026  -0.00034 -0.04694 102 DA X C5    
663 C C6    . DA D 4  ? 6.02217 4.89808 5.59081 0.24744  0.24902  -0.03908 102 DA X C6    
664 N N6    . DA D 4  ? 6.00163 4.91020 5.58471 0.33563  0.41271  0.01684  102 DA X N6    
665 N N1    . DA D 4  ? 5.77616 4.80958 5.62838 0.06207  0.32834  -0.09181 102 DA X N1    
666 C C2    . DA D 4  ? 5.79723 4.78938 5.62380 -0.02050 0.17058  -0.14228 102 DA X C2    
667 N N3    . DA D 4  ? 5.96448 4.76985 5.52305 0.05176  -0.05999 -0.14972 102 DA X N3    
668 C C4    . DA D 4  ? 6.07054 4.72803 5.36279 0.23227  -0.13629 -0.10266 102 DA X C4    
669 P P     . DG D 5  ? 5.79233 3.73651 4.38914 0.15180  -1.10057 -0.26328 103 DG X P     
670 O OP1   . DG D 5  ? 5.85209 3.95901 4.38402 0.19499  -1.04832 -0.33080 103 DG X OP1   
671 O OP2   . DG D 5  ? 5.80133 3.47718 4.16554 0.23658  -1.31528 -0.24709 103 DG X OP2   
672 O "O5'" . DG D 5  ? 5.65115 3.65833 4.54955 -0.06779 -1.03624 -0.26462 103 DG X "O5'" 
673 C "C5'" . DG D 5  ? 5.67172 3.92835 4.85569 -0.18297 -0.82784 -0.27710 103 DG X "C5'" 
674 C "C4'" . DG D 5  ? 5.55236 3.80499 4.99636 -0.31389 -0.75044 -0.22177 103 DG X "C4'" 
675 O "O4'" . DG D 5  ? 5.67230 4.03804 5.21941 -0.26690 -0.58433 -0.17924 103 DG X "O4'" 
676 C "C3'" . DG D 5  ? 5.42984 3.42415 4.77958 -0.30102 -0.91752 -0.17401 103 DG X "C3'" 
677 O "O3'" . DG D 5  ? 5.22894 3.20498 4.82325 -0.48285 -0.90461 -0.15986 103 DG X "O3'" 
678 C "C2'" . DG D 5  ? 5.49603 3.45711 4.78649 -0.17425 -0.87145 -0.11170 103 DG X "C2'" 
679 C "C1'" . DG D 5  ? 5.57848 3.78701 5.12783 -0.24894 -0.63087 -0.10687 103 DG X "C1'" 
680 N N9    . DG D 5  ? 5.69206 3.93842 5.20514 -0.12692 -0.51972 -0.05593 103 DG X N9    
681 C C8    . DG D 5  ? 5.73445 3.83721 4.98062 0.05977  -0.61094 -0.01941 103 DG X C8    
682 N N7    . DG D 5  ? 5.81740 3.99152 5.09533 0.13636  -0.46237 0.02946  103 DG X N7    
683 C C5    . DG D 5  ? 5.80238 4.17701 5.39925 -0.01463 -0.25988 0.02257  103 DG X C5    
684 C C6    . DG D 5  ? 5.78800 4.30659 5.56494 -0.02050 -0.03279 0.06093  103 DG X C6    
685 O O6    . DG D 5  ? 5.84097 4.33263 5.51765 0.11379  0.03909  0.11558  103 DG X O6    
686 N N1    . DG D 5  ? 5.59076 4.29911 5.69603 -0.20288 0.12344  0.02918  103 DG X N1    
687 C C2    . DG D 5  ? 5.36116 4.11599 5.59258 -0.35587 0.06289  -0.03031 103 DG X C2    
688 N N2    . DG D 5  ? 4.86890 3.82305 5.42331 -0.51715 0.23430  -0.05849 103 DG X N2    
689 N N3    . DG D 5  ? 5.49828 4.11141 5.55211 -0.34902 -0.14634 -0.06038 103 DG X N3    
690 C C4    . DG D 5  ? 5.71193 4.13795 5.45647 -0.17675 -0.29717 -0.03231 103 DG X C4    
691 P P     . DC D 6  ? 5.47255 3.67189 5.39413 -0.67722 -0.73684 -0.18823 104 DC X P     
692 O OP1   . DC D 6  ? 5.45369 3.75916 5.31976 -0.69278 -0.73995 -0.26022 104 DC X OP1   
693 O OP2   . DC D 6  ? 5.13927 3.23994 5.23456 -0.82014 -0.77718 -0.16059 104 DC X OP2   
694 O "O5'" . DC D 6  ? 5.42561 3.81973 5.53397 -0.66940 -0.51928 -0.15786 104 DC X "O5'" 
695 C "C5'" . DC D 6  ? 4.94933 3.55214 5.39004 -0.83216 -0.33837 -0.17147 104 DC X "C5'" 
696 C "C4'" . DC D 6  ? 4.78400 3.38688 5.41761 -0.87225 -0.22971 -0.10043 104 DC X "C4'" 
697 O "O4'" . DC D 6  ? 5.17662 3.75124 5.66419 -0.70476 -0.18647 -0.05476 104 DC X "O4'" 
698 C "C3'" . DC D 6  ? 4.66026 3.05411 5.29870 -0.91941 -0.36256 -0.05354 104 DC X "C3'" 
699 O "O3'" . DC D 6  ? 4.24932 2.71115 5.17901 -1.12157 -0.30695 -0.06336 104 DC X "O3'" 
700 C "C2'" . DC D 6  ? 4.83318 3.15631 5.43552 -0.80925 -0.32037 0.02362  104 DC X "C2'" 
701 C "C1'" . DC D 6  ? 5.06302 3.55283 5.64666 -0.71418 -0.15571 0.02071  104 DC X "C1'" 
702 N N1    . DC D 6  ? 5.46705 3.83788 5.81134 -0.51692 -0.19316 0.07503  104 DC X N1    
703 C C2    . DC D 6  ? 5.48806 3.94118 5.91842 -0.46076 -0.01155 0.13102  104 DC X C2    
704 O O2    . DC D 6  ? 5.11918 3.74997 5.83578 -0.58092 0.18274  0.12893  104 DC X O2    
705 N N3    . DC D 6  ? 5.78696 4.12103 5.98175 -0.27242 -0.05042 0.18481  104 DC X N3    
706 C C4    . DC D 6  ? 5.94846 4.09859 5.84655 -0.14786 -0.26407 0.17768  104 DC X C4    
707 N N4    . DC D 6  ? 6.07908 4.12362 5.74903 0.04107  -0.29791 0.22811  104 DC X N4    
708 C C5    . DC D 6  ? 5.89165 3.95460 5.71312 -0.20888 -0.44893 0.11790  104 DC X C5    
709 C C6    . DC D 6  ? 5.70066 3.87273 5.74628 -0.39185 -0.40390 0.07224  104 DC X C6    
710 P P     . DA D 7  ? 4.56791 3.28191 5.85671 -1.26133 -0.06641 -0.06750 105 DA X P     
711 O OP1   . DA D 7  ? 4.44940 3.36937 5.78482 -1.29424 0.01788  -0.14452 105 DA X OP1   
712 O OP2   . DA D 7  ? 4.18682 2.95578 5.41073 -1.31894 -0.05636 -0.04558 105 DA X OP2   
713 O "O5'" . DA D 7  ? 4.73785 3.48553 6.04189 -1.15207 0.06999  -0.00365 105 DA X "O5'" 
714 C "C5'" . DA D 7  ? 4.51972 3.50219 6.00905 -1.17498 0.29289  -0.02187 105 DA X "C5'" 
715 C "C4'" . DA D 7  ? 4.23037 3.24260 5.91349 -1.19059 0.45496  0.05081  105 DA X "C4'" 
716 O "O4'" . DA D 7  ? 4.67769 3.54579 6.12659 -1.00237 0.42076  0.11970  105 DA X "O4'" 
717 C "C3'" . DA D 7  ? 3.87827 2.89773 5.55462 -1.23807 0.38360  0.09256  105 DA X "C3'" 
718 O "O3'" . DA D 7  ? 3.42985 2.67188 5.20961 -1.23234 0.52672  0.11303  105 DA X "O3'" 
719 C "C2'" . DA D 7  ? 4.26612 2.97931 5.89472 -1.17708 0.28946  0.16205  105 DA X "C2'" 
720 C "C1'" . DA D 7  ? 4.66457 3.37785 6.13893 -1.00330 0.36974  0.19370  105 DA X "C1'" 
721 N N9    . DA D 7  ? 5.22724 3.72737 6.36405 -0.82074 0.18973  0.22792  105 DA X N9    
722 C C8    . DA D 7  ? 5.47890 3.82694 6.39317 -0.78091 -0.03612 0.19267  105 DA X C8    
723 N N7    . DA D 7  ? 5.85219 4.03234 6.48712 -0.60265 -0.16098 0.22761  105 DA X N7    
724 C C5    . DA D 7  ? 5.93464 4.15749 6.59844 -0.51425 -0.00522 0.29537  105 DA X C5    
725 C C6    . DA D 7  ? 6.21312 4.32020 6.65259 -0.31736 -0.02962 0.35888  105 DA X C6    
726 N N6    . DA D 7  ? 6.41284 4.34073 6.55382 -0.17320 -0.23556 0.35604  105 DA X N6    
727 N N1    . DA D 7  ? 6.15630 4.33720 6.69071 -0.27165 0.16947  0.42464  105 DA X N1    
728 C C2    . DA D 7  ? 5.81987 4.18078 6.66763 -0.42003 0.37835  0.42131  105 DA X C2    
729 N N3    . DA D 7  ? 5.45674 3.95129 6.54583 -0.61243 0.41832  0.35729  105 DA X N3    
730 C C4    . DA D 7  ? 5.54727 3.96193 6.52057 -0.64765 0.21607  0.29798  105 DA X C4    
731 P P     . DG D 8  ? 3.69087 2.95221 5.43808 -1.23730 0.49270  0.15966  106 DG X P     
732 O OP1   . DG D 8  ? 3.54700 3.05714 5.35983 -1.23696 0.58273  0.14357  106 DG X OP1   
733 O OP2   . DG D 8  ? 3.74061 2.87361 5.31516 -1.27916 0.31664  0.15124  106 DG X OP2   
734 O "O5'" . DG D 8  ? 3.98495 3.07925 5.81286 -1.16915 0.58190  0.23578  106 DG X "O5'" 
735 C "C5'" . DG D 8  ? 4.07717 3.22307 6.02683 -1.11435 0.77948  0.26098  106 DG X "C5'" 
736 C "C4'" . DG D 8  ? 4.46016 3.37239 6.42179 -1.03111 0.84427  0.36965  106 DG X "C4'" 
737 O "O4'" . DG D 8  ? 4.97986 3.63437 6.72334 -0.94833 0.65657  0.39088  106 DG X "O4'" 
738 C "C3'" . DG D 8  ? 4.28367 3.19043 6.26043 -1.01874 0.82613  0.41606  106 DG X "C3'" 
739 O "O3'" . DG D 8  ? 4.41690 3.29203 6.46411 -0.93395 1.01281  0.49963  106 DG X "O3'" 
740 C "C2'" . DG D 8  ? 4.58031 3.21631 6.44302 -1.00488 0.62659  0.45025  106 DG X "C2'" 
741 C "C1'" . DG D 8  ? 5.10831 3.58190 6.78353 -0.89270 0.55525  0.45890  106 DG X "C1'" 
742 N N9    . DG D 8  ? 5.32627 3.63693 6.79368 -0.86566 0.29292  0.42185  106 DG X N9    
743 C C8    . DG D 8  ? 5.02680 3.33425 6.58733 -1.01664 0.17859  0.35764  106 DG X C8    
744 N N7    . DG D 8  ? 5.29490 3.43004 6.62642 -0.94997 -0.04686 0.33518  106 DG X N7    
745 C C5    . DG D 8  ? 5.78141 3.80728 6.84946 -0.73932 -0.09208 0.38330  106 DG X C5    
746 C C6    . DG D 8  ? 6.12343 3.95811 6.88239 -0.58496 -0.30715 0.37886  106 DG X C6    
747 O O6    . DG D 8  ? 6.07817 3.79321 6.73970 -0.60884 -0.50168 0.32969  106 DG X O6    
748 N N1    . DG D 8  ? 6.48530 4.27013 7.04266 -0.38497 -0.27639 0.43733  106 DG X N1    
749 C C2    . DG D 8  ? 6.54721 4.44199 7.18891 -0.34097 -0.05774 0.49758  106 DG X C2    
750 N N2    . DG D 8  ? 6.85697 4.67366 7.26347 -0.13449 -0.05655 0.55315  106 DG X N2    
751 N N3    . DG D 8  ? 6.20970 4.27767 7.14910 -0.48796 0.15014  0.50152  106 DG X N3    
752 C C4    . DG D 8  ? 5.82631 3.95609 6.96598 -0.68236 0.11612  0.43997  106 DG X C4    
753 P P     . DC D 9  ? 4.00019 2.91163 6.10278 -0.90744 1.05879  0.54405  107 DC X P     
754 O OP1   . DC D 9  ? 3.82877 2.95762 6.03056 -0.89138 1.23161  0.51150  107 DC X OP1   
755 O OP2   . DC D 9  ? 3.84640 2.77002 5.89698 -0.97678 0.87471  0.50019  107 DC X OP2   
756 O "O5'" . DC D 9  ? 4.44998 3.05007 6.48798 -0.78052 1.11039  0.69346  107 DC X "O5'" 
757 C "C5'" . DC D 9  ? 4.91084 3.42471 6.76499 -0.64197 1.15832  0.72990  107 DC X "C5'" 
758 C "C4'" . DC D 9  ? 5.39486 3.69060 6.89851 -0.44073 0.95846  0.77833  107 DC X "C4'" 
759 O "O4'" . DC D 9  ? 5.50486 3.71744 6.86896 -0.46680 0.69876  0.70660  107 DC X "O4'" 
760 C "C3'" . DC D 9  ? 5.35287 3.51676 6.86908 -0.38509 0.94690  0.86754  107 DC X "C3'" 
761 O "O3'" . DC D 9  ? 5.72248 3.75883 6.94622 -0.14941 0.93152  0.94216  107 DC X "O3'" 
762 C "C2'" . DC D 9  ? 5.29179 3.35100 6.77837 -0.45292 0.69330  0.81772  107 DC X "C2'" 
763 C "C1'" . DC D 9  ? 5.59141 3.62296 6.82782 -0.38532 0.53446  0.74840  107 DC X "C1'" 
764 N N1    . DC D 9  ? 5.54484 3.49883 6.74233 -0.46749 0.29641  0.67362  107 DC X N1    
765 C C2    . DC D 9  ? 5.89914 3.68377 6.78618 -0.31421 0.07067  0.66190  107 DC X C2    
766 O O2    . DC D 9  ? 6.19781 3.91165 6.85033 -0.11478 0.07419  0.71380  107 DC X O2    
767 N N3    . DC D 9  ? 5.84088 3.54340 6.69410 -0.38612 -0.13914 0.59275  107 DC X N3    
768 C C4    . DC D 9  ? 5.44466 3.22627 6.55162 -0.59976 -0.12625 0.54225  107 DC X C4    
769 N N4    . DC D 9  ? 5.36420 3.04924 6.42517 -0.66276 -0.32832 0.47793  107 DC X N4    
770 C C5    . DC D 9  ? 5.04290 3.00479 6.46496 -0.75678 0.09858  0.55362  107 DC X C5    
771 C C6    . DC D 9  ? 5.10292 3.14690 6.56428 -0.68535 0.30366  0.61696  107 DC X C6    
772 P P     . DT D 10 ? 5.17211 3.08919 6.37403 -0.03644 0.98541  1.05442  108 DT X P     
773 O OP1   . DT D 10 ? 5.26764 3.22171 6.43731 0.07873  1.22603  1.13346  108 DT X OP1   
774 O OP2   . DT D 10 ? 4.88621 2.82922 6.38167 -0.21341 0.99447  1.05030  108 DT X OP2   
775 O "O5'" . DT D 10 ? 5.49298 3.21286 6.33544 0.15872  0.71619  1.06105  108 DT X "O5'" 
776 C "C5'" . DT D 10 ? 5.65062 3.23666 6.37386 0.31333  0.69326  1.14864  108 DT X "C5'" 
777 C "C4'" . DT D 10 ? 5.89301 3.31657 6.29106 0.48178  0.41599  1.12513  108 DT X "C4'" 
778 O "O4'" . DT D 10 ? 5.87740 3.31545 6.21166 0.40820  0.24281  1.01869  108 DT X "O4'" 
779 C "C3'" . DT D 10 ? 5.89195 3.20855 6.32109 0.48319  0.25892  1.12898  108 DT X "C3'" 
780 O "O3'" . DT D 10 ? 6.03209 3.27003 6.36066 0.65761  0.33891  1.23391  108 DT X "O3'" 
781 C "C2'" . DT D 10 ? 6.04418 3.25139 6.22263 0.56497  -0.03184 1.04899  108 DT X "C2'" 
782 C "C1'" . DT D 10 ? 5.97119 3.27272 6.16485 0.45784  -0.02521 0.97380  108 DT X "C1'" 
783 N N1    . DT D 10 ? 5.76992 3.11439 6.17188 0.23372  -0.12652 0.88141  108 DT X N1    
784 C C2    . DT D 10 ? 5.82278 3.06520 6.07872 0.24734  -0.38086 0.80193  108 DT X C2    
785 O O2    . DT D 10 ? 6.00341 3.12715 5.97200 0.43393  -0.53587 0.79721  108 DT X O2    
786 N N3    . DT D 10 ? 5.58555 2.86882 6.04615 0.03481  -0.44403 0.72583  108 DT X N3    
787 C C4    . DT D 10 ? 5.30730 2.72814 6.09298 -0.18207 -0.28834 0.71892  108 DT X C4    
788 O O4    . DT D 10 ? 5.08022 2.52509 6.02013 -0.35782 -0.36110 0.64969  108 DT X O4    
789 C C5    . DT D 10 ? 5.24019 2.77237 6.17286 -0.18585 -0.02948 0.79764  108 DT X C5    
790 C C7    . DT D 10 ? 4.86766 2.56097 6.16279 -0.41137 0.15545  0.78944  108 DT X C7    
791 C C6    . DT D 10 ? 5.47474 2.95975 6.21250 0.01836  0.04185  0.87557  108 DT X C6    
792 P P     . DG D 11 ? 5.81956 2.95245 6.17356 0.69581  0.20640  1.25246  109 DG X P     
793 O OP1   . DG D 11 ? 5.86431 2.97959 6.24764 0.79799  0.40569  1.37391  109 DG X OP1   
794 O OP2   . DG D 11 ? 5.59091 2.77292 6.21461 0.45820  0.11274  1.16641  109 DG X OP2   
795 O "O5'" . DG D 11 ? 6.07732 3.06579 6.06606 0.91332  -0.06071 1.21839  109 DG X "O5'" 
796 C "C5'" . DG D 11 ? 6.15866 3.04424 6.10060 0.97991  -0.25285 1.19912  109 DG X "C5'" 
797 C "C4'" . DG D 11 ? 6.21923 3.02572 5.97568 1.02166  -0.54064 1.09074  109 DG X "C4'" 
798 O "O4'" . DG D 11 ? 6.09715 2.97506 5.91653 0.86742  -0.54630 1.01801  109 DG X "O4'" 
799 C "C3'" . DG D 11 ? 6.14160 2.89373 6.01623 0.94168  -0.74243 1.01540  109 DG X "C3'" 
800 O "O3'" . DG D 11 ? 6.36218 3.01168 6.04831 1.15817  -0.85596 1.04306  109 DG X "O3'" 
801 C "C2'" . DG D 11 ? 6.08156 2.80530 5.88106 0.87449  -0.94482 0.89762  109 DG X "C2'" 
802 C "C1'" . DG D 11 ? 6.00435 2.83508 5.86109 0.76596  -0.77648 0.90745  109 DG X "C1'" 
803 N N9    . DG D 11 ? 5.75073 2.68467 5.93461 0.49229  -0.69713 0.86675  109 DG X N9    
804 C C8    . DG D 11 ? 5.60942 2.66637 6.06037 0.35011  -0.45698 0.92124  109 DG X C8    
805 N N7    . DG D 11 ? 5.34106 2.47757 6.04822 0.11497  -0.44419 0.86069  109 DG X N7    
806 C C5    . DG D 11 ? 5.33644 2.38817 5.93582 0.09987  -0.68558 0.76527  109 DG X C5    
807 C C6    . DG D 11 ? 5.10771 2.17953 5.86861 -0.10401 -0.77796 0.67487  109 DG X C6    
808 O O6    . DG D 11 ? 4.83482 2.01461 5.87005 -0.31527 -0.66686 0.65911  109 DG X O6    
809 N N1    . DG D 11 ? 5.20295 2.15110 5.77304 -0.04062 -1.02244 0.59678  109 DG X N1    
810 C C2    . DG D 11 ? 5.45955 2.29106 5.72820 0.18990  -1.16524 0.59883  109 DG X C2    
811 N N2    . DG D 11 ? 5.52302 2.24659 5.65678 0.21469  -1.39375 0.50973  109 DG X N2    
812 N N3    . DG D 11 ? 5.65028 2.46954 5.75878 0.38625  -1.08630 0.68161  109 DG X N3    
813 C C4    . DG D 11 ? 5.58559 2.51368 5.87078 0.32774  -0.84292 0.76489  109 DG X C4    
814 P P     . DT D 12 ? 6.39884 3.03620 6.27721 1.12816  -0.85013 1.06954  110 DT X P     
815 O OP1   . DT D 12 ? 6.65600 3.19885 6.26897 1.40799  -0.92113 1.12112  110 DT X OP1   
816 O OP2   . DT D 12 ? 6.24674 2.99104 6.42345 0.94933  -0.59149 1.13702  110 DT X OP2   
817 O "O5'" . DT D 12 ? 6.25883 2.87212 6.28395 0.97098  -1.08426 0.93437  110 DT X "O5'" 
818 C "C5'" . DT D 12 ? 6.41386 2.92557 6.22386 1.10793  -1.35213 0.84680  110 DT X "C5'" 
819 C "C4'" . DT D 12 ? 6.27567 2.77888 6.16106 0.93737  -1.50959 0.72215  110 DT X "C4'" 
820 O "O4'" . DT D 12 ? 6.06588 2.66279 6.10097 0.74697  -1.34607 0.73685  110 DT X "O4'" 
821 C "C3'" . DT D 12 ? 6.14361 2.63539 6.27657 0.77009  -1.63831 0.63258  110 DT X "C3'" 
822 O "O3'" . DT D 12 ? 6.35415 2.74881 6.33617 0.92996  -1.87268 0.56141  110 DT X "O3'" 
823 C "C2'" . DT D 12 ? 5.95679 2.46875 6.19429 0.56241  -1.67972 0.55103  110 DT X "C2'" 
824 C "C1'" . DT D 12 ? 5.88645 2.48180 6.08057 0.54451  -1.46692 0.63013  110 DT X "C1'" 
825 N N1    . DT D 12 ? 5.62929 2.34518 6.14187 0.29194  -1.27672 0.65137  110 DT X N1    
826 C C2    . DT D 12 ? 5.41973 2.15418 6.09471 0.07983  -1.34096 0.56549  110 DT X C2    
827 O O2    . DT D 12 ? 5.46483 2.11404 6.04254 0.08132  -1.53990 0.47484  110 DT X O2    
828 N N3    . DT D 12 ? 5.16225 2.01774 6.12053 -0.13323 -1.15858 0.58878  110 DT X N3    
829 C C4    . DT D 12 ? 5.09590 2.05435 6.20140 -0.16048 -0.92197 0.68250  110 DT X C4    
830 O O4    . DT D 12 ? 4.82286 1.91459 6.18041 -0.35649 -0.76615 0.68267  110 DT X O4    
831 C C5    . DT D 12 ? 5.34838 2.27048 6.27563 0.06459  -0.85917 0.77258  110 DT X C5    
832 C C7    . DT D 12 ? 5.30798 2.32070 6.37558 0.05700  -0.59630 0.88070  110 DT X C7    
833 C C6    . DT D 12 ? 5.59774 2.40180 6.23415 0.28017  -1.03796 0.75513  110 DT X C6    
834 P P     . DG D 13 ? 6.31751 2.70132 6.46192 0.93410  -1.94005 0.54167  111 DG X P     
835 O OP1   . DG D 13 ? 6.60903 2.95049 6.48499 1.22053  -2.01810 0.56544  111 DG X OP1   
836 O OP2   . DG D 13 ? 6.08898 2.56585 6.53208 0.75064  -1.72490 0.61348  111 DG X OP2   
837 O "O5'" . DG D 13 ? 6.25144 2.58867 6.51854 0.79820  -2.17084 0.38507  111 DG X "O5'" 
838 C "C5'" . DG D 13 ? 6.10343 2.47955 6.66207 0.63468  -2.19522 0.33258  111 DG X "C5'" 
839 C "C4'" . DG D 13 ? 5.83921 2.28881 6.62889 0.34732  -2.17659 0.25728  111 DG X "C4'" 
840 O "O4'" . DG D 13 ? 5.71468 2.20219 6.49999 0.26340  -2.00459 0.32995  111 DG X "O4'" 
841 C "C3'" . DG D 13 ? 5.60057 2.19238 6.72440 0.13274  -2.08481 0.23828  111 DG X "C3'" 
842 O "O3'" . DG D 13 ? 5.64296 2.24022 6.83379 0.12486  -2.27069 0.12213  111 DG X "O3'" 
843 C "C2'" . DG D 13 ? 5.32356 2.08926 6.58485 -0.10332 -1.94787 0.22021  111 DG X "C2'" 
844 C "C1'" . DG D 13 ? 5.40970 2.07685 6.46953 -0.01168 -1.88222 0.29573  111 DG X "C1'" 
845 N N9    . DG D 13 ? 5.25796 2.01492 6.43658 -0.08875 -1.62842 0.40442  111 DG X N9    
846 C C8    . DG D 13 ? 5.37332 2.05016 6.48835 0.05617  -1.51049 0.53302  111 DG X C8    
847 N N7    . DG D 13 ? 5.18549 1.98482 6.45907 -0.06952 -1.27656 0.60159  111 DG X N7    
848 C C5    . DG D 13 ? 4.93133 1.92516 6.35107 -0.29474 -1.23798 0.50661  111 DG X C5    
849 C C6    . DG D 13 ? 4.66343 1.88863 6.23920 -0.47486 -1.01672 0.50609  111 DG X C6    
850 O O6    . DG D 13 ? 4.58927 1.88032 6.24157 -0.49864 -0.81275 0.58425  111 DG X O6    
851 N N1    . DG D 13 ? 4.48621 1.89095 6.09570 -0.61170 -1.03726 0.39837  111 DG X N1    
852 C C2    . DG D 13 ? 4.54718 1.91501 6.09127 -0.59672 -1.23354 0.31288  111 DG X C2    
853 N N2    . DG D 13 ? 4.36993 1.92899 5.93537 -0.71030 -1.18792 0.23758  111 DG X N2    
854 N N3    . DG D 13 ? 4.78443 1.94049 6.21896 -0.45736 -1.44984 0.30070  111 DG X N3    
855 C C4    . DG D 13 ? 4.97205 1.94648 6.33320 -0.30386 -1.44406 0.39544  111 DG X C4    
# 
